data_1JJ6
# 
_entry.id   1JJ6 
# 
_audit_conform.dict_name       mmcif_pdbx.dic 
_audit_conform.dict_version    5.389 
_audit_conform.dict_location   http://mmcif.pdb.org/dictionaries/ascii/mmcif_pdbx.dic 
# 
loop_
_database_2.database_id 
_database_2.database_code 
_database_2.pdbx_database_accession 
_database_2.pdbx_DOI 
PDB   1JJ6         pdb_00001jj6 10.2210/pdb1jj6/pdb 
NDB   PD0228       ?            ?                   
RCSB  RCSB013833   ?            ?                   
WWPDB D_1000013833 ?            ?                   
# 
loop_
_pdbx_audit_revision_history.ordinal 
_pdbx_audit_revision_history.data_content_type 
_pdbx_audit_revision_history.major_revision 
_pdbx_audit_revision_history.minor_revision 
_pdbx_audit_revision_history.revision_date 
1 'Structure model' 1 0 2002-02-22 
2 'Structure model' 1 1 2008-04-27 
3 'Structure model' 1 2 2011-07-13 
4 'Structure model' 1 3 2024-02-07 
5 'Structure model' 1 4 2024-04-03 
# 
_pdbx_audit_revision_details.ordinal             1 
_pdbx_audit_revision_details.revision_ordinal    1 
_pdbx_audit_revision_details.data_content_type   'Structure model' 
_pdbx_audit_revision_details.provider            repository 
_pdbx_audit_revision_details.type                'Initial release' 
_pdbx_audit_revision_details.description         ? 
_pdbx_audit_revision_details.details             ? 
# 
loop_
_pdbx_audit_revision_group.ordinal 
_pdbx_audit_revision_group.revision_ordinal 
_pdbx_audit_revision_group.data_content_type 
_pdbx_audit_revision_group.group 
1 2 'Structure model' 'Version format compliance' 
2 3 'Structure model' 'Version format compliance' 
3 4 'Structure model' 'Data collection'           
4 4 'Structure model' 'Database references'       
5 4 'Structure model' 'Derived calculations'      
6 5 'Structure model' 'Refinement description'    
# 
loop_
_pdbx_audit_revision_category.ordinal 
_pdbx_audit_revision_category.revision_ordinal 
_pdbx_audit_revision_category.data_content_type 
_pdbx_audit_revision_category.category 
1 4 'Structure model' chem_comp_atom                
2 4 'Structure model' chem_comp_bond                
3 4 'Structure model' database_2                    
4 4 'Structure model' struct_conn                   
5 4 'Structure model' struct_site                   
6 5 'Structure model' pdbx_initial_refinement_model 
# 
loop_
_pdbx_audit_revision_item.ordinal 
_pdbx_audit_revision_item.revision_ordinal 
_pdbx_audit_revision_item.data_content_type 
_pdbx_audit_revision_item.item 
1 4 'Structure model' '_database_2.pdbx_DOI'                
2 4 'Structure model' '_database_2.pdbx_database_accession' 
3 4 'Structure model' '_struct_conn.pdbx_leaving_atom_flag' 
4 4 'Structure model' '_struct_site.pdbx_auth_asym_id'      
5 4 'Structure model' '_struct_site.pdbx_auth_comp_id'      
6 4 'Structure model' '_struct_site.pdbx_auth_seq_id'       
# 
_pdbx_database_status.status_code                     REL 
_pdbx_database_status.entry_id                        1JJ6 
_pdbx_database_status.recvd_initial_deposition_date   2001-07-03 
_pdbx_database_status.deposit_site                    RCSB 
_pdbx_database_status.process_site                    RCSB 
_pdbx_database_status.status_code_sf                  REL 
_pdbx_database_status.SG_entry                        . 
_pdbx_database_status.pdb_format_compatible           Y 
_pdbx_database_status.status_code_mr                  ? 
_pdbx_database_status.status_code_cs                  ? 
_pdbx_database_status.status_code_nmr_data            ? 
_pdbx_database_status.methods_development_category    ? 
# 
loop_
_pdbx_database_related.db_name 
_pdbx_database_related.db_id 
_pdbx_database_related.details 
_pdbx_database_related.content_type 
PDB 1HCR 
;Native Wild-Type HIN Recombinase DNA-Binding Domain Bound
to Underivatized HIXL Half-Site
;
unspecified 
PDB 1IJW 'FORM1 BR18 DERIVATIVE'                                                                     unspecified 
PDB 1JJ8 'FORM2 I4 DERIVATIVE'                                                                       unspecified 
PDB 1JKO 'FORM1 A10G MUTANT'                                                                         unspecified 
PDB 1JKP 'FORM1 T11G MUTANT'                                                                         unspecified 
PDB 1JKQ 'FORM1 G9T MUTANT'                                                                          unspecified 
PDB 1JKR 'FORM1 T11C MUTANT'                                                                         unspecified 
# 
loop_
_audit_author.name 
_audit_author.pdbx_ordinal 
'Chiu, T.K.'      1 
'Sohn, C.'        2 
'Johnson, R.C.'   3 
'Dickerson, R.E.' 4 
# 
loop_
_citation.id 
_citation.title 
_citation.journal_abbrev 
_citation.journal_volume 
_citation.page_first 
_citation.page_last 
_citation.year 
_citation.journal_id_ASTM 
_citation.country 
_citation.journal_id_ISSN 
_citation.journal_id_CSD 
_citation.book_publisher 
_citation.pdbx_database_id_PubMed 
_citation.pdbx_database_id_DOI 
primary 'Testing water-mediated DNA recognition by the Hin recombinase.' 'EMBO J.' 21  801 814 2002 EMJODG UK 0261-4189 0897 ? 
11847127 10.1093/emboj/21.4.801 
1       
'How Hin Recombinase, FIS and Cations Bind DNA. Chapter 4. Water-Mediated Sequence-Specific Recognition by Hin Recombinase' Thesis 
?   145 241 2001 ?      ?  ?         ?    ? ?        ?                      
2       'Hin Recombinase Bound to DNA: The Origin of Specificity in Major and Minor Groove Interactions' Science   263 348 355 
1994 SCIEAS US 0036-8075 0038 ? ?        ?                      
# 
loop_
_citation_author.citation_id 
_citation_author.name 
_citation_author.ordinal 
_citation_author.identifier_ORCID 
primary 'Chiu, T.K.'      1 ? 
primary 'Sohn, C.'        2 ? 
primary 'Dickerson, R.E.' 3 ? 
primary 'Johnson, R.C.'   4 ? 
1       'Chiu, T.K.'      5 ? 
2       'Feng, J.A.'      6 ? 
2       'Johnson, R.C.'   7 ? 
2       'Dickerson, R.E.' 8 ? 
# 
loop_
_entity.id 
_entity.type 
_entity.src_method 
_entity.pdbx_description 
_entity.formula_weight 
_entity.pdbx_number_of_molecules 
_entity.pdbx_ec 
_entity.pdbx_mutation 
_entity.pdbx_fragment 
_entity.details 
1 polymer     syn "5'-D(*TP*GP*TP*(5IT)P*TP*TP*TP*GP*AP*TP*AP*AP*GP*A)-3'" 4436.707 1  ? ? ?                     ? 
2 polymer     syn "5'-D(*AP*TP*CP*TP*TP*AP*TP*CP*AP*AP*AP*AP*AP*C)-3'"     4231.806 1  ? ? ?                     ? 
3 polymer     syn 'DNA-INVERTASE HIN'                                      6047.051 1  ? ? 'RESIDUES 139 TO 190' ? 
4 non-polymer syn 2-AMINO-2-HYDROXYMETHYL-PROPANE-1,3-DIOL                 122.143  1  ? ? ?                     ? 
5 water       nat water                                                    18.015   10 ? ? ?                     ? 
# 
_entity_name_com.entity_id   3 
_entity_name_com.name        'Hin Recombinase' 
# 
loop_
_entity_poly.entity_id 
_entity_poly.type 
_entity_poly.nstd_linkage 
_entity_poly.nstd_monomer 
_entity_poly.pdbx_seq_one_letter_code 
_entity_poly.pdbx_seq_one_letter_code_can 
_entity_poly.pdbx_strand_id 
_entity_poly.pdbx_target_identifier 
1 polydeoxyribonucleotide no yes '(DT)(DG)(DT)(5IU)(DT)(DT)(DT)(DG)(DA)(DT)(DA)(DA)(DG)(DA)' TGTUTTTGATAAGA A ? 
2 polydeoxyribonucleotide no no  '(DA)(DT)(DC)(DT)(DT)(DA)(DT)(DC)(DA)(DA)(DA)(DA)(DA)(DC)'  ATCTTATCAAAAAC B ? 
3 'polypeptide(L)'        no no  GRPRAINKHEQEQISRLLEKGHPRQQLAIIFGIGVSTLYRYFPASSIKKRMN        
GRPRAINKHEQEQISRLLEKGHPRQQLAIIFGIGVSTLYRYFPASSIKKRMN C ? 
# 
loop_
_pdbx_entity_nonpoly.entity_id 
_pdbx_entity_nonpoly.name 
_pdbx_entity_nonpoly.comp_id 
4 2-AMINO-2-HYDROXYMETHYL-PROPANE-1,3-DIOL TRS 
5 water                                    HOH 
# 
loop_
_entity_poly_seq.entity_id 
_entity_poly_seq.num 
_entity_poly_seq.mon_id 
_entity_poly_seq.hetero 
1 1  DT  n 
1 2  DG  n 
1 3  DT  n 
1 4  5IU n 
1 5  DT  n 
1 6  DT  n 
1 7  DT  n 
1 8  DG  n 
1 9  DA  n 
1 10 DT  n 
1 11 DA  n 
1 12 DA  n 
1 13 DG  n 
1 14 DA  n 
2 1  DA  n 
2 2  DT  n 
2 3  DC  n 
2 4  DT  n 
2 5  DT  n 
2 6  DA  n 
2 7  DT  n 
2 8  DC  n 
2 9  DA  n 
2 10 DA  n 
2 11 DA  n 
2 12 DA  n 
2 13 DA  n 
2 14 DC  n 
3 1  GLY n 
3 2  ARG n 
3 3  PRO n 
3 4  ARG n 
3 5  ALA n 
3 6  ILE n 
3 7  ASN n 
3 8  LYS n 
3 9  HIS n 
3 10 GLU n 
3 11 GLN n 
3 12 GLU n 
3 13 GLN n 
3 14 ILE n 
3 15 SER n 
3 16 ARG n 
3 17 LEU n 
3 18 LEU n 
3 19 GLU n 
3 20 LYS n 
3 21 GLY n 
3 22 HIS n 
3 23 PRO n 
3 24 ARG n 
3 25 GLN n 
3 26 GLN n 
3 27 LEU n 
3 28 ALA n 
3 29 ILE n 
3 30 ILE n 
3 31 PHE n 
3 32 GLY n 
3 33 ILE n 
3 34 GLY n 
3 35 VAL n 
3 36 SER n 
3 37 THR n 
3 38 LEU n 
3 39 TYR n 
3 40 ARG n 
3 41 TYR n 
3 42 PHE n 
3 43 PRO n 
3 44 ALA n 
3 45 SER n 
3 46 SER n 
3 47 ILE n 
3 48 LYS n 
3 49 LYS n 
3 50 ARG n 
3 51 MET n 
3 52 ASN n 
# 
_pdbx_entity_src_syn.entity_id              3 
_pdbx_entity_src_syn.pdbx_src_id            1 
_pdbx_entity_src_syn.pdbx_alt_source_flag   sample 
_pdbx_entity_src_syn.pdbx_beg_seq_num       ? 
_pdbx_entity_src_syn.pdbx_end_seq_num       ? 
_pdbx_entity_src_syn.organism_scientific    ? 
_pdbx_entity_src_syn.organism_common_name   ? 
_pdbx_entity_src_syn.ncbi_taxonomy_id       ? 
_pdbx_entity_src_syn.details                'SYNTHETIC PEPTIDE' 
# 
loop_
_chem_comp.id 
_chem_comp.type 
_chem_comp.mon_nstd_flag 
_chem_comp.name 
_chem_comp.pdbx_synonyms 
_chem_comp.formula 
_chem_comp.formula_weight 
5IU 'DNA linking'       n "5-IODO-2'-DEOXYURIDINE-5'-MONOPHOSPHATE" ?             'C9 H12 I N2 O8 P' 434.078 
ALA 'L-peptide linking' y ALANINE                                   ?             'C3 H7 N O2'       89.093  
ARG 'L-peptide linking' y ARGININE                                  ?             'C6 H15 N4 O2 1'   175.209 
ASN 'L-peptide linking' y ASPARAGINE                                ?             'C4 H8 N2 O3'      132.118 
DA  'DNA linking'       y "2'-DEOXYADENOSINE-5'-MONOPHOSPHATE"      ?             'C10 H14 N5 O6 P'  331.222 
DC  'DNA linking'       y "2'-DEOXYCYTIDINE-5'-MONOPHOSPHATE"       ?             'C9 H14 N3 O7 P'   307.197 
DG  'DNA linking'       y "2'-DEOXYGUANOSINE-5'-MONOPHOSPHATE"      ?             'C10 H14 N5 O7 P'  347.221 
DT  'DNA linking'       y "THYMIDINE-5'-MONOPHOSPHATE"              ?             'C10 H15 N2 O8 P'  322.208 
GLN 'L-peptide linking' y GLUTAMINE                                 ?             'C5 H10 N2 O3'     146.144 
GLU 'L-peptide linking' y 'GLUTAMIC ACID'                           ?             'C5 H9 N O4'       147.129 
GLY 'peptide linking'   y GLYCINE                                   ?             'C2 H5 N O2'       75.067  
HIS 'L-peptide linking' y HISTIDINE                                 ?             'C6 H10 N3 O2 1'   156.162 
HOH non-polymer         . WATER                                     ?             'H2 O'             18.015  
ILE 'L-peptide linking' y ISOLEUCINE                                ?             'C6 H13 N O2'      131.173 
LEU 'L-peptide linking' y LEUCINE                                   ?             'C6 H13 N O2'      131.173 
LYS 'L-peptide linking' y LYSINE                                    ?             'C6 H15 N2 O2 1'   147.195 
MET 'L-peptide linking' y METHIONINE                                ?             'C5 H11 N O2 S'    149.211 
PHE 'L-peptide linking' y PHENYLALANINE                             ?             'C9 H11 N O2'      165.189 
PRO 'L-peptide linking' y PROLINE                                   ?             'C5 H9 N O2'       115.130 
SER 'L-peptide linking' y SERINE                                    ?             'C3 H7 N O3'       105.093 
THR 'L-peptide linking' y THREONINE                                 ?             'C4 H9 N O3'       119.119 
TRS non-polymer         . 2-AMINO-2-HYDROXYMETHYL-PROPANE-1,3-DIOL  'TRIS BUFFER' 'C4 H12 N O3 1'    122.143 
TYR 'L-peptide linking' y TYROSINE                                  ?             'C9 H11 N O3'      181.189 
VAL 'L-peptide linking' y VALINE                                    ?             'C5 H11 N O2'      117.146 
# 
loop_
_pdbx_poly_seq_scheme.asym_id 
_pdbx_poly_seq_scheme.entity_id 
_pdbx_poly_seq_scheme.seq_id 
_pdbx_poly_seq_scheme.mon_id 
_pdbx_poly_seq_scheme.ndb_seq_num 
_pdbx_poly_seq_scheme.pdb_seq_num 
_pdbx_poly_seq_scheme.auth_seq_num 
_pdbx_poly_seq_scheme.pdb_mon_id 
_pdbx_poly_seq_scheme.auth_mon_id 
_pdbx_poly_seq_scheme.pdb_strand_id 
_pdbx_poly_seq_scheme.pdb_ins_code 
_pdbx_poly_seq_scheme.hetero 
A 1 1  DT  1  2   2   DT  T   A . n 
A 1 2  DG  2  3   3   DG  G   A . n 
A 1 3  DT  3  4   4   DT  T   A . n 
A 1 4  5IU 4  5   5   5IU U   A . n 
A 1 5  DT  5  6   6   DT  T   A . n 
A 1 6  DT  6  7   7   DT  T   A . n 
A 1 7  DT  7  8   8   DT  T   A . n 
A 1 8  DG  8  9   9   DG  G   A . n 
A 1 9  DA  9  10  10  DA  A   A . n 
A 1 10 DT  10 11  11  DT  T   A . n 
A 1 11 DA  11 12  12  DA  A   A . n 
A 1 12 DA  12 13  13  DA  A   A . n 
A 1 13 DG  13 14  14  DG  G   A . n 
A 1 14 DA  14 15  15  DA  A   A . n 
B 2 1  DA  1  16  16  DA  A   B . n 
B 2 2  DT  2  17  17  DT  T   B . n 
B 2 3  DC  3  18  18  DC  C   B . n 
B 2 4  DT  4  19  19  DT  T   B . n 
B 2 5  DT  5  20  20  DT  T   B . n 
B 2 6  DA  6  21  21  DA  A   B . n 
B 2 7  DT  7  22  22  DT  T   B . n 
B 2 8  DC  8  23  23  DC  C   B . n 
B 2 9  DA  9  24  24  DA  A   B . n 
B 2 10 DA  10 25  25  DA  A   B . n 
B 2 11 DA  11 26  26  DA  A   B . n 
B 2 12 DA  12 27  27  DA  A   B . n 
B 2 13 DA  13 28  28  DA  A   B . n 
B 2 14 DC  14 29  29  DC  C   B . n 
C 3 1  GLY 1  139 139 GLY GLY C . n 
C 3 2  ARG 2  140 140 ARG ARG C . n 
C 3 3  PRO 3  141 141 PRO PRO C . n 
C 3 4  ARG 4  142 142 ARG ARG C . n 
C 3 5  ALA 5  143 143 ALA ALA C . n 
C 3 6  ILE 6  144 144 ILE ILE C . n 
C 3 7  ASN 7  145 145 ASN ASN C . n 
C 3 8  LYS 8  146 146 LYS LYS C . n 
C 3 9  HIS 9  147 147 HIS HIS C . n 
C 3 10 GLU 10 148 148 GLU GLU C . n 
C 3 11 GLN 11 149 149 GLN GLN C . n 
C 3 12 GLU 12 150 150 GLU GLU C . n 
C 3 13 GLN 13 151 151 GLN GLN C . n 
C 3 14 ILE 14 152 152 ILE ILE C . n 
C 3 15 SER 15 153 153 SER SER C . n 
C 3 16 ARG 16 154 154 ARG ARG C . n 
C 3 17 LEU 17 155 155 LEU LEU C . n 
C 3 18 LEU 18 156 156 LEU LEU C . n 
C 3 19 GLU 19 157 157 GLU GLU C . n 
C 3 20 LYS 20 158 158 LYS LYS C . n 
C 3 21 GLY 21 159 159 GLY GLY C . n 
C 3 22 HIS 22 160 160 HIS HIS C . n 
C 3 23 PRO 23 161 161 PRO PRO C . n 
C 3 24 ARG 24 162 162 ARG ARG C . n 
C 3 25 GLN 25 163 163 GLN GLN C . n 
C 3 26 GLN 26 164 164 GLN GLN C . n 
C 3 27 LEU 27 165 165 LEU LEU C . n 
C 3 28 ALA 28 166 166 ALA ALA C . n 
C 3 29 ILE 29 167 167 ILE ILE C . n 
C 3 30 ILE 30 168 168 ILE ILE C . n 
C 3 31 PHE 31 169 169 PHE PHE C . n 
C 3 32 GLY 32 170 170 GLY GLY C . n 
C 3 33 ILE 33 171 171 ILE ILE C . n 
C 3 34 GLY 34 172 172 GLY GLY C . n 
C 3 35 VAL 35 173 173 VAL VAL C . n 
C 3 36 SER 36 174 174 SER SER C . n 
C 3 37 THR 37 175 175 THR THR C . n 
C 3 38 LEU 38 176 176 LEU LEU C . n 
C 3 39 TYR 39 177 177 TYR TYR C . n 
C 3 40 ARG 40 178 178 ARG ARG C . n 
C 3 41 TYR 41 179 179 TYR TYR C . n 
C 3 42 PHE 42 180 180 PHE PHE C . n 
C 3 43 PRO 43 181 181 PRO PRO C . n 
C 3 44 ALA 44 182 182 ALA ALA C . n 
C 3 45 SER 45 183 183 SER SER C . n 
C 3 46 SER 46 184 184 SER SER C . n 
C 3 47 ILE 47 185 185 ILE ILE C . n 
C 3 48 LYS 48 186 ?   ?   ?   C . n 
C 3 49 LYS 49 187 ?   ?   ?   C . n 
C 3 50 ARG 50 188 ?   ?   ?   C . n 
C 3 51 MET 51 189 ?   ?   ?   C . n 
C 3 52 ASN 52 190 ?   ?   ?   C . n 
# 
loop_
_pdbx_nonpoly_scheme.asym_id 
_pdbx_nonpoly_scheme.entity_id 
_pdbx_nonpoly_scheme.mon_id 
_pdbx_nonpoly_scheme.ndb_seq_num 
_pdbx_nonpoly_scheme.pdb_seq_num 
_pdbx_nonpoly_scheme.auth_seq_num 
_pdbx_nonpoly_scheme.pdb_mon_id 
_pdbx_nonpoly_scheme.auth_mon_id 
_pdbx_nonpoly_scheme.pdb_strand_id 
_pdbx_nonpoly_scheme.pdb_ins_code 
D 4 TRS 1 203 203 TRS TRS C . 
E 5 HOH 1 206 206 HOH HOH A . 
E 5 HOH 2 210 210 HOH HOH A . 
E 5 HOH 3 212 212 HOH HOH A . 
F 5 HOH 1 201 201 HOH HOH B . 
F 5 HOH 2 202 202 HOH HOH B . 
F 5 HOH 3 204 204 HOH HOH B . 
G 5 HOH 1 205 205 HOH HOH C . 
G 5 HOH 2 207 207 HOH HOH C . 
G 5 HOH 3 208 208 HOH HOH C . 
G 5 HOH 4 211 211 HOH HOH C . 
# 
loop_
_pdbx_unobs_or_zero_occ_atoms.id 
_pdbx_unobs_or_zero_occ_atoms.PDB_model_num 
_pdbx_unobs_or_zero_occ_atoms.polymer_flag 
_pdbx_unobs_or_zero_occ_atoms.occupancy_flag 
_pdbx_unobs_or_zero_occ_atoms.auth_asym_id 
_pdbx_unobs_or_zero_occ_atoms.auth_comp_id 
_pdbx_unobs_or_zero_occ_atoms.auth_seq_id 
_pdbx_unobs_or_zero_occ_atoms.PDB_ins_code 
_pdbx_unobs_or_zero_occ_atoms.auth_atom_id 
_pdbx_unobs_or_zero_occ_atoms.label_alt_id 
_pdbx_unobs_or_zero_occ_atoms.label_asym_id 
_pdbx_unobs_or_zero_occ_atoms.label_comp_id 
_pdbx_unobs_or_zero_occ_atoms.label_seq_id 
_pdbx_unobs_or_zero_occ_atoms.label_atom_id 
1  1 Y 1 C LYS 146 ? CD  ? C LYS 8  CD  
2  1 Y 1 C LYS 146 ? CE  ? C LYS 8  CE  
3  1 Y 1 C LYS 146 ? NZ  ? C LYS 8  NZ  
4  1 Y 1 C HIS 147 ? CG  ? C HIS 9  CG  
5  1 Y 1 C HIS 147 ? ND1 ? C HIS 9  ND1 
6  1 Y 1 C HIS 147 ? CD2 ? C HIS 9  CD2 
7  1 Y 1 C HIS 147 ? CE1 ? C HIS 9  CE1 
8  1 Y 1 C HIS 147 ? NE2 ? C HIS 9  NE2 
9  1 Y 1 C GLU 157 ? CG  ? C GLU 19 CG  
10 1 Y 1 C GLU 157 ? CD  ? C GLU 19 CD  
11 1 Y 1 C GLU 157 ? OE1 ? C GLU 19 OE1 
12 1 Y 1 C GLU 157 ? OE2 ? C GLU 19 OE2 
13 1 Y 1 C LYS 158 ? CG  ? C LYS 20 CG  
14 1 Y 1 C LYS 158 ? CD  ? C LYS 20 CD  
15 1 Y 1 C LYS 158 ? CE  ? C LYS 20 CE  
16 1 Y 1 C LYS 158 ? NZ  ? C LYS 20 NZ  
17 1 Y 1 C GLN 164 ? CG  ? C GLN 26 CG  
18 1 Y 1 C GLN 164 ? CD  ? C GLN 26 CD  
19 1 Y 1 C GLN 164 ? OE1 ? C GLN 26 OE1 
20 1 Y 1 C GLN 164 ? NE2 ? C GLN 26 NE2 
# 
loop_
_software.name 
_software.classification 
_software.version 
_software.citation_id 
_software.pdbx_ordinal 
SOLVE     phasing          . ? 1 
CNS       refinement       . ? 2 
DENZO     'data reduction' . ? 3 
SCALEPACK 'data scaling'   . ? 4 
# 
_cell.entry_id           1JJ6 
_cell.length_a           86.796 
_cell.length_b           82.120 
_cell.length_c           45.234 
_cell.angle_alpha        90.00 
_cell.angle_beta         90.00 
_cell.angle_gamma        90.00 
_cell.Z_PDB              8 
_cell.pdbx_unique_axis   ? 
# 
_symmetry.entry_id                         1JJ6 
_symmetry.space_group_name_H-M             'C 2 2 21' 
_symmetry.pdbx_full_space_group_name_H-M   ? 
_symmetry.cell_setting                     ? 
_symmetry.Int_Tables_number                20 
# 
_exptl.entry_id          1JJ6 
_exptl.method            'X-RAY DIFFRACTION' 
_exptl.crystals_number   1 
# 
_exptl_crystal.id                    1 
_exptl_crystal.density_meas          ? 
_exptl_crystal.density_Matthews      2.68 
_exptl_crystal.density_percent_sol   52.3 
_exptl_crystal.description           ? 
# 
_exptl_crystal_grow.crystal_id      1 
_exptl_crystal_grow.method          'VAPOR DIFFUSION, HANGING DROP' 
_exptl_crystal_grow.temp            280 
_exptl_crystal_grow.temp_details    ? 
_exptl_crystal_grow.pH              8.5 
_exptl_crystal_grow.pdbx_details    
;Hanging drop vapor diffusion at 4C, with
initial concentration in drop of 0.13 mM DNA, 0.33 mM Hin, 46 mM
Tris (pH 8.5), 46 mM CaCl2, 63 mM NaCl, 11.6% v/v PEG400, and 2.03 mM 
Na cacodylate. Reservoir solution contains 100 mM Tris (pH 8.5), 
100 mM CaCl2, 100 mM NaCl, and 25% PEG400. Concentration of PEG400 in 
reservoir solution was increased in 5% increments to 35%., VAPOR DIFFUSION, HANGING DROP, temperature 280K
;
_exptl_crystal_grow.pdbx_pH_range   ? 
# 
loop_
_exptl_crystal_grow_comp.crystal_id 
_exptl_crystal_grow_comp.id 
_exptl_crystal_grow_comp.sol_id 
_exptl_crystal_grow_comp.name 
_exptl_crystal_grow_comp.conc 
_exptl_crystal_grow_comp.volume 
_exptl_crystal_grow_comp.details 
1 1  1 DNA                 ? ? ? 
1 2  1 HIN                 ? ? ? 
1 3  1 Tris                ? ? ? 
1 4  1 CaCl2               ? ? ? 
1 5  1 NaCl                ? ? ? 
1 6  1 'PEG 400'           ? ? ? 
1 7  1 'sodium cacodylate' ? ? ? 
1 8  2 Tris                ? ? ? 
1 9  2 CaCl2               ? ? ? 
1 10 2 NaCl                ? ? ? 
1 11 2 'PEG 400'           ? ? ? 
# 
_diffrn.id                     1 
_diffrn.ambient_temp           100 
_diffrn.ambient_temp_details   ? 
_diffrn.crystal_id             1 
_diffrn.details                
;MULTIPLE WAVELENGTH WITH ANOMALOUS SCATTERING
USING THREE IODINE AND ONE BROMINE DERIVATIVES. THE IODINE DERIVATIVES
REPLACE THYMINE AT POSITIONS 4, 5, AND 7+19 WITH 5-IODO URACIL.
THE BROMINE DERIVATIVE REPLACES CYTOSINE AT POSITION 18 WITH 5-BROMO
CYTOSINE.
;
# 
_diffrn_detector.diffrn_id              1 
_diffrn_detector.detector               CCD 
_diffrn_detector.type                   ? 
_diffrn_detector.pdbx_collection_date   1999-06-01 
_diffrn_detector.details                ? 
# 
_diffrn_radiation.diffrn_id                        1 
_diffrn_radiation.wavelength_id                    1 
_diffrn_radiation.pdbx_monochromatic_or_laue_m_l   M 
_diffrn_radiation.monochromator                    ? 
_diffrn_radiation.pdbx_diffrn_protocol             MAD 
_diffrn_radiation.pdbx_scattering_type             x-ray 
# 
_diffrn_radiation_wavelength.id           1 
_diffrn_radiation_wavelength.wavelength   0.980 
_diffrn_radiation_wavelength.wt           1.0 
# 
_diffrn_source.diffrn_id                   1 
_diffrn_source.source                      SYNCHROTRON 
_diffrn_source.type                        'NSLS BEAMLINE X12C' 
_diffrn_source.pdbx_synchrotron_site       NSLS 
_diffrn_source.pdbx_synchrotron_beamline   X12C 
_diffrn_source.pdbx_wavelength             0.980 
_diffrn_source.pdbx_wavelength_list        ? 
# 
_reflns.entry_id                     1JJ6 
_reflns.observed_criterion_sigma_I   0.0 
_reflns.observed_criterion_sigma_F   ? 
_reflns.d_resolution_low             30.0 
_reflns.d_resolution_high            2.30 
_reflns.number_obs                   6695 
_reflns.number_all                   ? 
_reflns.percent_possible_obs         89.55 
_reflns.pdbx_Rmerge_I_obs            ? 
_reflns.pdbx_Rsym_value              0.067 
_reflns.pdbx_netI_over_sigmaI        21.07 
_reflns.B_iso_Wilson_estimate        54 
_reflns.pdbx_redundancy              43 
_reflns.R_free_details               ? 
_reflns.pdbx_diffrn_id               1 
_reflns.pdbx_ordinal                 1 
# 
_reflns_shell.d_res_high             2.30 
_reflns_shell.d_res_low              2.40 
_reflns_shell.percent_possible_all   55.33 
_reflns_shell.Rmerge_I_obs           ? 
_reflns_shell.pdbx_Rsym_value        0.192 
_reflns_shell.meanI_over_sigI_obs    6.34 
_reflns_shell.pdbx_redundancy        ? 
_reflns_shell.percent_possible_obs   ? 
_reflns_shell.number_unique_all      ? 
_reflns_shell.pdbx_diffrn_id         ? 
_reflns_shell.pdbx_ordinal           1 
# 
_refine.entry_id                                 1JJ6 
_refine.ls_number_reflns_obs                     6695 
_refine.ls_number_reflns_all                     ? 
_refine.pdbx_ls_sigma_I                          ? 
_refine.pdbx_ls_sigma_F                          0.000 
_refine.pdbx_data_cutoff_high_absF               ? 
_refine.pdbx_data_cutoff_low_absF                ? 
_refine.ls_d_res_low                             30.00 
_refine.ls_d_res_high                            2.30 
_refine.ls_percent_reflns_obs                    89.55 
_refine.ls_R_factor_obs                          0.238 
_refine.ls_R_factor_all                          ? 
_refine.ls_R_factor_R_work                       0.238 
_refine.ls_R_factor_R_free                       0.2807 
_refine.ls_R_factor_R_free_error                 ? 
_refine.ls_R_factor_R_free_error_details         ? 
_refine.ls_percent_reflns_R_free                 9.1 
_refine.ls_number_reflns_R_free                  681 
_refine.ls_number_parameters                     ? 
_refine.ls_number_restraints                     ? 
_refine.occupancy_min                            ? 
_refine.occupancy_max                            ? 
_refine.B_iso_mean                               52 
_refine.aniso_B[1][1]                            18.32 
_refine.aniso_B[2][2]                            12.82 
_refine.aniso_B[3][3]                            -31.13 
_refine.aniso_B[1][2]                            0.00 
_refine.aniso_B[1][3]                            0.00 
_refine.aniso_B[2][3]                            0.00 
_refine.solvent_model_details                    ? 
_refine.solvent_model_param_ksol                 0.35 
_refine.solvent_model_param_bsol                 100 
_refine.pdbx_ls_cross_valid_method               ? 
_refine.details                                  ? 
_refine.pdbx_starting_model                      'MIRAS PHASES' 
_refine.pdbx_method_to_determine_struct          MIRAS 
_refine.pdbx_isotropic_thermal_model             ANISOTROPIC_FIXED_ISOTROPIC 
_refine.pdbx_stereochemistry_target_values       MLF 
_refine.pdbx_stereochem_target_val_spec_case     ? 
_refine.pdbx_R_Free_selection_details            RANDOM 
_refine.pdbx_overall_ESU_R_Free                  ? 
_refine.overall_SU_B                             ? 
_refine.ls_redundancy_reflns_obs                 ? 
_refine.correlation_coeff_Fo_to_Fc               ? 
_refine.overall_SU_R_Cruickshank_DPI             ? 
_refine.overall_SU_R_free                        ? 
_refine.overall_SU_ML                            ? 
_refine.pdbx_overall_ESU_R                       ? 
_refine.pdbx_data_cutoff_high_rms_absF           ? 
_refine.correlation_coeff_Fo_to_Fc_free          ? 
_refine.pdbx_solvent_vdw_probe_radii             ? 
_refine.pdbx_solvent_ion_probe_radii             ? 
_refine.pdbx_solvent_shrinkage_radii             ? 
_refine.pdbx_refine_id                           'X-RAY DIFFRACTION' 
_refine.pdbx_diffrn_id                           1 
_refine.pdbx_TLS_residual_ADP_flag               ? 
_refine.pdbx_overall_phase_error                 ? 
_refine.pdbx_overall_SU_R_free_Cruickshank_DPI   ? 
_refine.pdbx_overall_SU_R_Blow_DPI               ? 
_refine.pdbx_overall_SU_R_free_Blow_DPI          ? 
# 
_refine_analyze.entry_id                        1JJ6 
_refine_analyze.Luzzati_coordinate_error_obs    0.41 
_refine_analyze.Luzzati_sigma_a_obs             0.59 
_refine_analyze.Luzzati_d_res_low_obs           5.0 
_refine_analyze.Luzzati_coordinate_error_free   0.50 
_refine_analyze.Luzzati_sigma_a_free            0.54 
_refine_analyze.Luzzati_d_res_low_free          ? 
_refine_analyze.number_disordered_residues      ? 
_refine_analyze.occupancy_sum_hydrogen          ? 
_refine_analyze.occupancy_sum_non_hydrogen      ? 
_refine_analyze.pdbx_refine_id                  'X-RAY DIFFRACTION' 
# 
_refine_hist.pdbx_refine_id                   'X-RAY DIFFRACTION' 
_refine_hist.cycle_id                         LAST 
_refine_hist.pdbx_number_atoms_protein        360 
_refine_hist.pdbx_number_atoms_nucleic_acid   575 
_refine_hist.pdbx_number_atoms_ligand         9 
_refine_hist.number_atoms_solvent             10 
_refine_hist.number_atoms_total               954 
_refine_hist.d_res_high                       2.30 
_refine_hist.d_res_low                        30.00 
# 
loop_
_refine_ls_restr.type 
_refine_ls_restr.dev_ideal 
_refine_ls_restr.dev_ideal_target 
_refine_ls_restr.weight 
_refine_ls_restr.number 
_refine_ls_restr.pdbx_refine_id 
_refine_ls_restr.pdbx_restraint_function 
c_bond_d                0.011 ?   ? ? 'X-RAY DIFFRACTION' ? 
c_bond_d_na             ?     ?   ? ? 'X-RAY DIFFRACTION' ? 
c_bond_d_prot           ?     ?   ? ? 'X-RAY DIFFRACTION' ? 
c_angle_d               ?     ?   ? ? 'X-RAY DIFFRACTION' ? 
c_angle_d_na            ?     ?   ? ? 'X-RAY DIFFRACTION' ? 
c_angle_d_prot          ?     ?   ? ? 'X-RAY DIFFRACTION' ? 
c_angle_deg             1.887 ?   ? ? 'X-RAY DIFFRACTION' ? 
c_angle_deg_na          ?     ?   ? ? 'X-RAY DIFFRACTION' ? 
c_angle_deg_prot        ?     ?   ? ? 'X-RAY DIFFRACTION' ? 
c_dihedral_angle_d      18.16 ?   ? ? 'X-RAY DIFFRACTION' ? 
c_dihedral_angle_d_na   ?     ?   ? ? 'X-RAY DIFFRACTION' ? 
c_dihedral_angle_d_prot ?     ?   ? ? 'X-RAY DIFFRACTION' ? 
c_improper_angle_d      1.976 ?   ? ? 'X-RAY DIFFRACTION' ? 
c_improper_angle_d_na   ?     ?   ? ? 'X-RAY DIFFRACTION' ? 
c_improper_angle_d_prot ?     ?   ? ? 'X-RAY DIFFRACTION' ? 
c_mcbond_it             2.0   1.5 ? ? 'X-RAY DIFFRACTION' ? 
c_mcangle_it            4.9   3.0 ? ? 'X-RAY DIFFRACTION' ? 
c_scbond_it             3.0   2.0 ? ? 'X-RAY DIFFRACTION' ? 
c_scangle_it            7.6   4.0 ? ? 'X-RAY DIFFRACTION' ? 
# 
_refine_ls_shell.pdbx_total_number_of_bins_used   8 
_refine_ls_shell.d_res_high                       2.30 
_refine_ls_shell.d_res_low                        2.40 
_refine_ls_shell.number_reflns_R_work             504 
_refine_ls_shell.R_factor_R_work                  0.356 
_refine_ls_shell.percent_reflns_obs               55.33 
_refine_ls_shell.R_factor_R_free                  0.38 
_refine_ls_shell.R_factor_R_free_error            ? 
_refine_ls_shell.percent_reflns_R_free            6.7 
_refine_ls_shell.number_reflns_R_free             61 
_refine_ls_shell.redundancy_reflns_obs            ? 
_refine_ls_shell.pdbx_refine_id                   'X-RAY DIFFRACTION' 
_refine_ls_shell.number_reflns_all                ? 
_refine_ls_shell.R_factor_all                     ? 
# 
loop_
_pdbx_xplor_file.serial_no 
_pdbx_xplor_file.param_file 
_pdbx_xplor_file.topol_file 
_pdbx_xplor_file.pdbx_refine_id 
1 PROTEIN_REP.PARAM PROTEIN.TOP 'X-RAY DIFFRACTION' 
2 DNA-RNA_REP.PARAM DNA-RNA.TOP 'X-RAY DIFFRACTION' 
3 WATER_REP.PARAM   WATER.TOP   'X-RAY DIFFRACTION' 
4 ION.PARAM         ION.TOP     'X-RAY DIFFRACTION' 
# 
_struct.entry_id                  1JJ6 
_struct.title                     'Testing the Water-Mediated Hin Recombinase DNA Recognition by Systematic Mutations.' 
_struct.pdbx_model_details        ? 
_struct.pdbx_CASP_flag            ? 
_struct.pdbx_model_type_details   ? 
# 
_struct_keywords.entry_id        1JJ6 
_struct_keywords.pdbx_keywords   'DNA BINDING PROTEIN/DNA' 
_struct_keywords.text            
'WATER-MEDIATED RECOGNITION, PROTEIN-DNA COMPLEX, HIN RECOMBINASE, I5, DNA BINDING PROTEIN-DNA COMPLEX' 
# 
loop_
_struct_asym.id 
_struct_asym.pdbx_blank_PDB_chainid_flag 
_struct_asym.pdbx_modified 
_struct_asym.entity_id 
_struct_asym.details 
A N N 1 ? 
B N N 2 ? 
C N N 3 ? 
D N N 4 ? 
E N N 5 ? 
F N N 5 ? 
G N N 5 ? 
# 
loop_
_struct_ref.id 
_struct_ref.db_name 
_struct_ref.db_code 
_struct_ref.pdbx_db_accession 
_struct_ref.entity_id 
_struct_ref.pdbx_align_begin 
_struct_ref.pdbx_db_isoform 
_struct_ref.pdbx_seq_one_letter_code 
1 UNP HIN_SALTY P03013 3 139 ? ? 
2 PDB 1JJ6      1JJ6   1 ?   ? ? 
3 PDB 1JJ6      1JJ6   2 ?   ? ? 
# 
loop_
_struct_ref_seq.align_id 
_struct_ref_seq.ref_id 
_struct_ref_seq.pdbx_PDB_id_code 
_struct_ref_seq.pdbx_strand_id 
_struct_ref_seq.seq_align_beg 
_struct_ref_seq.pdbx_seq_align_beg_ins_code 
_struct_ref_seq.seq_align_end 
_struct_ref_seq.pdbx_seq_align_end_ins_code 
_struct_ref_seq.pdbx_db_accession 
_struct_ref_seq.db_align_beg 
_struct_ref_seq.pdbx_db_align_beg_ins_code 
_struct_ref_seq.db_align_end 
_struct_ref_seq.pdbx_db_align_end_ins_code 
_struct_ref_seq.pdbx_auth_seq_align_beg 
_struct_ref_seq.pdbx_auth_seq_align_end 
1 1 1JJ6 C 1 ? 52 ? P03013 139 ? 190 ? 139 190 
2 2 1JJ6 A 1 ? 14 ? 1JJ6   2   ? 15  ? 2   15  
3 3 1JJ6 B 1 ? 14 ? 1JJ6   16  ? 29  ? 16  29  
# 
_pdbx_struct_assembly.id                   1 
_pdbx_struct_assembly.details              author_defined_assembly 
_pdbx_struct_assembly.method_details       ? 
_pdbx_struct_assembly.oligomeric_details   trimeric 
_pdbx_struct_assembly.oligomeric_count     3 
# 
_pdbx_struct_assembly_gen.assembly_id       1 
_pdbx_struct_assembly_gen.oper_expression   1 
_pdbx_struct_assembly_gen.asym_id_list      A,B,C,D,E,F,G 
# 
_pdbx_struct_oper_list.id                   1 
_pdbx_struct_oper_list.type                 'identity operation' 
_pdbx_struct_oper_list.name                 1_555 
_pdbx_struct_oper_list.symmetry_operation   x,y,z 
_pdbx_struct_oper_list.matrix[1][1]         1.0000000000 
_pdbx_struct_oper_list.matrix[1][2]         0.0000000000 
_pdbx_struct_oper_list.matrix[1][3]         0.0000000000 
_pdbx_struct_oper_list.vector[1]            0.0000000000 
_pdbx_struct_oper_list.matrix[2][1]         0.0000000000 
_pdbx_struct_oper_list.matrix[2][2]         1.0000000000 
_pdbx_struct_oper_list.matrix[2][3]         0.0000000000 
_pdbx_struct_oper_list.vector[2]            0.0000000000 
_pdbx_struct_oper_list.matrix[3][1]         0.0000000000 
_pdbx_struct_oper_list.matrix[3][2]         0.0000000000 
_pdbx_struct_oper_list.matrix[3][3]         1.0000000000 
_pdbx_struct_oper_list.vector[3]            0.0000000000 
# 
_struct_biol.id                    1 
_struct_biol.pdbx_parent_biol_id   ? 
_struct_biol.details               ? 
# 
loop_
_struct_conf.conf_type_id 
_struct_conf.id 
_struct_conf.pdbx_PDB_helix_id 
_struct_conf.beg_label_comp_id 
_struct_conf.beg_label_asym_id 
_struct_conf.beg_label_seq_id 
_struct_conf.pdbx_beg_PDB_ins_code 
_struct_conf.end_label_comp_id 
_struct_conf.end_label_asym_id 
_struct_conf.end_label_seq_id 
_struct_conf.pdbx_end_PDB_ins_code 
_struct_conf.beg_auth_comp_id 
_struct_conf.beg_auth_asym_id 
_struct_conf.beg_auth_seq_id 
_struct_conf.end_auth_comp_id 
_struct_conf.end_auth_asym_id 
_struct_conf.end_auth_seq_id 
_struct_conf.pdbx_PDB_helix_class 
_struct_conf.details 
_struct_conf.pdbx_PDB_helix_length 
HELX_P HELX_P1 1 ASN C 7  ? LYS C 20 ? ASN C 145 LYS C 158 1 ? 14 
HELX_P HELX_P2 2 PRO C 23 ? GLY C 32 ? PRO C 161 GLY C 170 1 ? 10 
HELX_P HELX_P3 3 GLY C 34 ? PHE C 42 ? GLY C 172 PHE C 180 1 ? 9  
HELX_P HELX_P4 4 PRO C 43 ? ILE C 47 ? PRO C 181 ILE C 185 5 ? 5  
# 
_struct_conf_type.id          HELX_P 
_struct_conf_type.criteria    ? 
_struct_conf_type.reference   ? 
# 
loop_
_struct_conn.id 
_struct_conn.conn_type_id 
_struct_conn.pdbx_leaving_atom_flag 
_struct_conn.pdbx_PDB_id 
_struct_conn.ptnr1_label_asym_id 
_struct_conn.ptnr1_label_comp_id 
_struct_conn.ptnr1_label_seq_id 
_struct_conn.ptnr1_label_atom_id 
_struct_conn.pdbx_ptnr1_label_alt_id 
_struct_conn.pdbx_ptnr1_PDB_ins_code 
_struct_conn.pdbx_ptnr1_standard_comp_id 
_struct_conn.ptnr1_symmetry 
_struct_conn.ptnr2_label_asym_id 
_struct_conn.ptnr2_label_comp_id 
_struct_conn.ptnr2_label_seq_id 
_struct_conn.ptnr2_label_atom_id 
_struct_conn.pdbx_ptnr2_label_alt_id 
_struct_conn.pdbx_ptnr2_PDB_ins_code 
_struct_conn.ptnr1_auth_asym_id 
_struct_conn.ptnr1_auth_comp_id 
_struct_conn.ptnr1_auth_seq_id 
_struct_conn.ptnr2_auth_asym_id 
_struct_conn.ptnr2_auth_comp_id 
_struct_conn.ptnr2_auth_seq_id 
_struct_conn.ptnr2_symmetry 
_struct_conn.pdbx_ptnr3_label_atom_id 
_struct_conn.pdbx_ptnr3_label_seq_id 
_struct_conn.pdbx_ptnr3_label_comp_id 
_struct_conn.pdbx_ptnr3_label_asym_id 
_struct_conn.pdbx_ptnr3_label_alt_id 
_struct_conn.pdbx_ptnr3_PDB_ins_code 
_struct_conn.details 
_struct_conn.pdbx_dist_value 
_struct_conn.pdbx_value_order 
_struct_conn.pdbx_role 
covale1  covale both ? A DT  3  "O3'" ? ? ? 1_555 A 5IU 4  P  ? ? A DT  4  A 5IU 5  1_555 ? ? ? ? ? ? ?             1.604 ? ? 
covale2  covale both ? A 5IU 4  "O3'" ? ? ? 1_555 A DT  5  P  ? ? A 5IU 5  A DT  6  1_555 ? ? ? ? ? ? ?             1.599 ? ? 
hydrog1  hydrog ?    ? A DG  2  N1    ? ? ? 1_555 B DC  14 N3 ? ? A DG  3  B DC  29 1_555 ? ? ? ? ? ? WATSON-CRICK  ?     ? ? 
hydrog2  hydrog ?    ? A DG  2  N2    ? ? ? 1_555 B DC  14 O2 ? ? A DG  3  B DC  29 1_555 ? ? ? ? ? ? WATSON-CRICK  ?     ? ? 
hydrog3  hydrog ?    ? A DG  2  O6    ? ? ? 1_555 B DC  14 N4 ? ? A DG  3  B DC  29 1_555 ? ? ? ? ? ? WATSON-CRICK  ?     ? ? 
hydrog4  hydrog ?    ? A DT  3  N3    ? ? ? 1_555 B DA  13 N1 ? ? A DT  4  B DA  28 1_555 ? ? ? ? ? ? WATSON-CRICK  ?     ? ? 
hydrog5  hydrog ?    ? A DT  3  O4    ? ? ? 1_555 B DA  13 N6 ? ? A DT  4  B DA  28 1_555 ? ? ? ? ? ? WATSON-CRICK  ?     ? ? 
hydrog6  hydrog ?    ? A 5IU 4  N3    ? ? ? 1_555 B DA  12 N1 ? ? A 5IU 5  B DA  27 1_555 ? ? ? ? ? ? '5IU-DA PAIR' ?     ? ? 
hydrog7  hydrog ?    ? A DT  5  N3    ? ? ? 1_555 B DA  11 N1 ? ? A DT  6  B DA  26 1_555 ? ? ? ? ? ? WATSON-CRICK  ?     ? ? 
hydrog8  hydrog ?    ? A DT  5  O4    ? ? ? 1_555 B DA  11 N6 ? ? A DT  6  B DA  26 1_555 ? ? ? ? ? ? WATSON-CRICK  ?     ? ? 
hydrog9  hydrog ?    ? A DT  6  N3    ? ? ? 1_555 B DA  10 N1 ? ? A DT  7  B DA  25 1_555 ? ? ? ? ? ? WATSON-CRICK  ?     ? ? 
hydrog10 hydrog ?    ? A DT  6  O4    ? ? ? 1_555 B DA  10 N6 ? ? A DT  7  B DA  25 1_555 ? ? ? ? ? ? WATSON-CRICK  ?     ? ? 
hydrog11 hydrog ?    ? A DT  7  N3    ? ? ? 1_555 B DA  9  N1 ? ? A DT  8  B DA  24 1_555 ? ? ? ? ? ? WATSON-CRICK  ?     ? ? 
hydrog12 hydrog ?    ? A DT  7  O4    ? ? ? 1_555 B DA  9  N6 ? ? A DT  8  B DA  24 1_555 ? ? ? ? ? ? WATSON-CRICK  ?     ? ? 
hydrog13 hydrog ?    ? A DG  8  N1    ? ? ? 1_555 B DC  8  N3 ? ? A DG  9  B DC  23 1_555 ? ? ? ? ? ? WATSON-CRICK  ?     ? ? 
hydrog14 hydrog ?    ? A DG  8  N2    ? ? ? 1_555 B DC  8  O2 ? ? A DG  9  B DC  23 1_555 ? ? ? ? ? ? WATSON-CRICK  ?     ? ? 
hydrog15 hydrog ?    ? A DG  8  O6    ? ? ? 1_555 B DC  8  N4 ? ? A DG  9  B DC  23 1_555 ? ? ? ? ? ? WATSON-CRICK  ?     ? ? 
hydrog16 hydrog ?    ? A DA  9  N1    ? ? ? 1_555 B DT  7  N3 ? ? A DA  10 B DT  22 1_555 ? ? ? ? ? ? WATSON-CRICK  ?     ? ? 
hydrog17 hydrog ?    ? A DA  9  N6    ? ? ? 1_555 B DT  7  O4 ? ? A DA  10 B DT  22 1_555 ? ? ? ? ? ? WATSON-CRICK  ?     ? ? 
hydrog18 hydrog ?    ? A DT  10 N3    ? ? ? 1_555 B DA  6  N1 ? ? A DT  11 B DA  21 1_555 ? ? ? ? ? ? WATSON-CRICK  ?     ? ? 
hydrog19 hydrog ?    ? A DT  10 O4    ? ? ? 1_555 B DA  6  N6 ? ? A DT  11 B DA  21 1_555 ? ? ? ? ? ? WATSON-CRICK  ?     ? ? 
hydrog20 hydrog ?    ? A DA  11 N1    ? ? ? 1_555 B DT  5  N3 ? ? A DA  12 B DT  20 1_555 ? ? ? ? ? ? WATSON-CRICK  ?     ? ? 
hydrog21 hydrog ?    ? A DA  11 N6    ? ? ? 1_555 B DT  5  O4 ? ? A DA  12 B DT  20 1_555 ? ? ? ? ? ? WATSON-CRICK  ?     ? ? 
hydrog22 hydrog ?    ? A DA  12 N1    ? ? ? 1_555 B DT  4  N3 ? ? A DA  13 B DT  19 1_555 ? ? ? ? ? ? WATSON-CRICK  ?     ? ? 
hydrog23 hydrog ?    ? A DA  12 N6    ? ? ? 1_555 B DT  4  O4 ? ? A DA  13 B DT  19 1_555 ? ? ? ? ? ? WATSON-CRICK  ?     ? ? 
hydrog24 hydrog ?    ? A DG  13 N1    ? ? ? 1_555 B DC  3  N3 ? ? A DG  14 B DC  18 1_555 ? ? ? ? ? ? WATSON-CRICK  ?     ? ? 
hydrog25 hydrog ?    ? A DG  13 N2    ? ? ? 1_555 B DC  3  O2 ? ? A DG  14 B DC  18 1_555 ? ? ? ? ? ? WATSON-CRICK  ?     ? ? 
hydrog26 hydrog ?    ? A DG  13 O6    ? ? ? 1_555 B DC  3  N4 ? ? A DG  14 B DC  18 1_555 ? ? ? ? ? ? WATSON-CRICK  ?     ? ? 
# 
loop_
_struct_conn_type.id 
_struct_conn_type.criteria 
_struct_conn_type.reference 
covale ? ? 
hydrog ? ? 
# 
_struct_site.id                   AC1 
_struct_site.pdbx_evidence_code   Software 
_struct_site.pdbx_auth_asym_id    C 
_struct_site.pdbx_auth_comp_id    TRS 
_struct_site.pdbx_auth_seq_id     203 
_struct_site.pdbx_auth_ins_code   ? 
_struct_site.pdbx_num_residues    3 
_struct_site.details              'BINDING SITE FOR RESIDUE TRS C 203' 
# 
loop_
_struct_site_gen.id 
_struct_site_gen.site_id 
_struct_site_gen.pdbx_num_res 
_struct_site_gen.label_comp_id 
_struct_site_gen.label_asym_id 
_struct_site_gen.label_seq_id 
_struct_site_gen.pdbx_auth_ins_code 
_struct_site_gen.auth_comp_id 
_struct_site_gen.auth_asym_id 
_struct_site_gen.auth_seq_id 
_struct_site_gen.label_atom_id 
_struct_site_gen.label_alt_id 
_struct_site_gen.symmetry 
_struct_site_gen.details 
1 AC1 3 DG  A 8  ? DG  A 9   . ? 1_555 ? 
2 AC1 3 DC  B 8  ? DC  B 23  . ? 6_554 ? 
3 AC1 3 GLY C 32 ? GLY C 170 . ? 1_555 ? 
# 
loop_
_pdbx_validate_rmsd_bond.id 
_pdbx_validate_rmsd_bond.PDB_model_num 
_pdbx_validate_rmsd_bond.auth_atom_id_1 
_pdbx_validate_rmsd_bond.auth_asym_id_1 
_pdbx_validate_rmsd_bond.auth_comp_id_1 
_pdbx_validate_rmsd_bond.auth_seq_id_1 
_pdbx_validate_rmsd_bond.PDB_ins_code_1 
_pdbx_validate_rmsd_bond.label_alt_id_1 
_pdbx_validate_rmsd_bond.auth_atom_id_2 
_pdbx_validate_rmsd_bond.auth_asym_id_2 
_pdbx_validate_rmsd_bond.auth_comp_id_2 
_pdbx_validate_rmsd_bond.auth_seq_id_2 
_pdbx_validate_rmsd_bond.PDB_ins_code_2 
_pdbx_validate_rmsd_bond.label_alt_id_2 
_pdbx_validate_rmsd_bond.bond_value 
_pdbx_validate_rmsd_bond.bond_target_value 
_pdbx_validate_rmsd_bond.bond_deviation 
_pdbx_validate_rmsd_bond.bond_standard_deviation 
_pdbx_validate_rmsd_bond.linker_flag 
1 1 P     A DT 6  ? ? "O5'" A DT 6  ? ? 1.705 1.593 0.112  0.010 N 
2 1 "C3'" B DA 16 ? B "C2'" B DA 16 ? ? 1.416 1.516 -0.100 0.008 N 
3 1 "C4'" B DT 17 ? A "C3'" B DT 17 ? ? 1.416 1.521 -0.105 0.010 N 
4 1 "C4'" B DT 17 ? B "C3'" B DT 17 ? ? 1.424 1.521 -0.097 0.010 N 
5 1 "O4'" B DT 17 ? ? "C4'" B DT 17 ? A 1.525 1.449 0.076  0.009 N 
6 1 "O4'" B DT 17 ? ? "C4'" B DT 17 ? B 1.523 1.449 0.074  0.009 N 
# 
loop_
_pdbx_validate_rmsd_angle.id 
_pdbx_validate_rmsd_angle.PDB_model_num 
_pdbx_validate_rmsd_angle.auth_atom_id_1 
_pdbx_validate_rmsd_angle.auth_asym_id_1 
_pdbx_validate_rmsd_angle.auth_comp_id_1 
_pdbx_validate_rmsd_angle.auth_seq_id_1 
_pdbx_validate_rmsd_angle.PDB_ins_code_1 
_pdbx_validate_rmsd_angle.label_alt_id_1 
_pdbx_validate_rmsd_angle.auth_atom_id_2 
_pdbx_validate_rmsd_angle.auth_asym_id_2 
_pdbx_validate_rmsd_angle.auth_comp_id_2 
_pdbx_validate_rmsd_angle.auth_seq_id_2 
_pdbx_validate_rmsd_angle.PDB_ins_code_2 
_pdbx_validate_rmsd_angle.label_alt_id_2 
_pdbx_validate_rmsd_angle.auth_atom_id_3 
_pdbx_validate_rmsd_angle.auth_asym_id_3 
_pdbx_validate_rmsd_angle.auth_comp_id_3 
_pdbx_validate_rmsd_angle.auth_seq_id_3 
_pdbx_validate_rmsd_angle.PDB_ins_code_3 
_pdbx_validate_rmsd_angle.label_alt_id_3 
_pdbx_validate_rmsd_angle.angle_value 
_pdbx_validate_rmsd_angle.angle_target_value 
_pdbx_validate_rmsd_angle.angle_deviation 
_pdbx_validate_rmsd_angle.angle_standard_deviation 
_pdbx_validate_rmsd_angle.linker_flag 
1 1 "C3'" A 5IU 5  ? ? "O3'" A 5IU 5  ? ? P     A DT 6  ? ? 134.04 119.70 14.34  1.20 Y 
2 1 "O3'" A 5IU 5  ? ? P     A DT  6  ? ? "O5'" A DT 6  ? ? 89.27  104.00 -14.73 1.90 Y 
3 1 "O3'" A 5IU 5  ? ? P     A DT  6  ? ? OP1   A DT 6  ? ? 130.38 110.50 19.88  1.10 Y 
4 1 P     A DT  6  ? ? "O5'" A DT  6  ? ? "C5'" A DT 6  ? ? 110.55 120.90 -10.35 1.60 N 
5 1 "C5'" B DA  16 ? ? "C4'" B DA  16 ? ? "C3'" B DA 16 ? A 130.74 115.70 15.04  1.20 N 
6 1 "C4'" B DA  16 ? ? "C3'" B DA  16 ? B "C2'" B DA 16 ? ? 112.20 103.10 9.10   0.90 N 
# 
loop_
_pdbx_validate_planes.id 
_pdbx_validate_planes.PDB_model_num 
_pdbx_validate_planes.auth_comp_id 
_pdbx_validate_planes.auth_asym_id 
_pdbx_validate_planes.auth_seq_id 
_pdbx_validate_planes.PDB_ins_code 
_pdbx_validate_planes.label_alt_id 
_pdbx_validate_planes.rmsd 
_pdbx_validate_planes.type 
1 1 DA A 15 ? ? 0.063 'SIDE CHAIN' 
2 1 DA B 28 ? ? 0.094 'SIDE CHAIN' 
# 
_pdbx_struct_mod_residue.id               1 
_pdbx_struct_mod_residue.label_asym_id    A 
_pdbx_struct_mod_residue.label_comp_id    5IU 
_pdbx_struct_mod_residue.label_seq_id     4 
_pdbx_struct_mod_residue.auth_asym_id     A 
_pdbx_struct_mod_residue.auth_comp_id     5IU 
_pdbx_struct_mod_residue.auth_seq_id      5 
_pdbx_struct_mod_residue.PDB_ins_code     ? 
_pdbx_struct_mod_residue.parent_comp_id   DU 
_pdbx_struct_mod_residue.details          "5-IODO-2'-DEOXYURIDINE-5'-MONOPHOSPHATE" 
# 
loop_
_pdbx_unobs_or_zero_occ_residues.id 
_pdbx_unobs_or_zero_occ_residues.PDB_model_num 
_pdbx_unobs_or_zero_occ_residues.polymer_flag 
_pdbx_unobs_or_zero_occ_residues.occupancy_flag 
_pdbx_unobs_or_zero_occ_residues.auth_asym_id 
_pdbx_unobs_or_zero_occ_residues.auth_comp_id 
_pdbx_unobs_or_zero_occ_residues.auth_seq_id 
_pdbx_unobs_or_zero_occ_residues.PDB_ins_code 
_pdbx_unobs_or_zero_occ_residues.label_asym_id 
_pdbx_unobs_or_zero_occ_residues.label_comp_id 
_pdbx_unobs_or_zero_occ_residues.label_seq_id 
1 1 Y 1 C LYS 186 ? C LYS 48 
2 1 Y 1 C LYS 187 ? C LYS 49 
3 1 Y 1 C ARG 188 ? C ARG 50 
4 1 Y 1 C MET 189 ? C MET 51 
5 1 Y 1 C ASN 190 ? C ASN 52 
# 
loop_
_chem_comp_atom.comp_id 
_chem_comp_atom.atom_id 
_chem_comp_atom.type_symbol 
_chem_comp_atom.pdbx_aromatic_flag 
_chem_comp_atom.pdbx_stereo_config 
_chem_comp_atom.pdbx_ordinal 
5IU N1     N N N 1   
5IU C2     C N N 2   
5IU N3     N N N 3   
5IU C4     C N N 4   
5IU C5     C N N 5   
5IU C6     C N N 6   
5IU O2     O N N 7   
5IU O4     O N N 8   
5IU I5     I N N 9   
5IU "C1'"  C N R 10  
5IU "C2'"  C N N 11  
5IU "C3'"  C N S 12  
5IU "C4'"  C N R 13  
5IU "O3'"  O N N 14  
5IU "O4'"  O N N 15  
5IU "C5'"  C N N 16  
5IU "O5'"  O N N 17  
5IU P      P N N 18  
5IU OP1    O N N 19  
5IU OP2    O N N 20  
5IU OP3    O N N 21  
5IU HN3    H N N 22  
5IU H6     H N N 23  
5IU "H1'"  H N N 24  
5IU "H2'"  H N N 25  
5IU "H2''" H N N 26  
5IU "H3'"  H N N 27  
5IU "H4'"  H N N 28  
5IU "HO3'" H N N 29  
5IU "H5'"  H N N 30  
5IU "H5''" H N N 31  
5IU HOP2   H N N 32  
5IU HOP3   H N N 33  
ALA N      N N N 34  
ALA CA     C N S 35  
ALA C      C N N 36  
ALA O      O N N 37  
ALA CB     C N N 38  
ALA OXT    O N N 39  
ALA H      H N N 40  
ALA H2     H N N 41  
ALA HA     H N N 42  
ALA HB1    H N N 43  
ALA HB2    H N N 44  
ALA HB3    H N N 45  
ALA HXT    H N N 46  
ARG N      N N N 47  
ARG CA     C N S 48  
ARG C      C N N 49  
ARG O      O N N 50  
ARG CB     C N N 51  
ARG CG     C N N 52  
ARG CD     C N N 53  
ARG NE     N N N 54  
ARG CZ     C N N 55  
ARG NH1    N N N 56  
ARG NH2    N N N 57  
ARG OXT    O N N 58  
ARG H      H N N 59  
ARG H2     H N N 60  
ARG HA     H N N 61  
ARG HB2    H N N 62  
ARG HB3    H N N 63  
ARG HG2    H N N 64  
ARG HG3    H N N 65  
ARG HD2    H N N 66  
ARG HD3    H N N 67  
ARG HE     H N N 68  
ARG HH11   H N N 69  
ARG HH12   H N N 70  
ARG HH21   H N N 71  
ARG HH22   H N N 72  
ARG HXT    H N N 73  
ASN N      N N N 74  
ASN CA     C N S 75  
ASN C      C N N 76  
ASN O      O N N 77  
ASN CB     C N N 78  
ASN CG     C N N 79  
ASN OD1    O N N 80  
ASN ND2    N N N 81  
ASN OXT    O N N 82  
ASN H      H N N 83  
ASN H2     H N N 84  
ASN HA     H N N 85  
ASN HB2    H N N 86  
ASN HB3    H N N 87  
ASN HD21   H N N 88  
ASN HD22   H N N 89  
ASN HXT    H N N 90  
DA  OP3    O N N 91  
DA  P      P N N 92  
DA  OP1    O N N 93  
DA  OP2    O N N 94  
DA  "O5'"  O N N 95  
DA  "C5'"  C N N 96  
DA  "C4'"  C N R 97  
DA  "O4'"  O N N 98  
DA  "C3'"  C N S 99  
DA  "O3'"  O N N 100 
DA  "C2'"  C N N 101 
DA  "C1'"  C N R 102 
DA  N9     N Y N 103 
DA  C8     C Y N 104 
DA  N7     N Y N 105 
DA  C5     C Y N 106 
DA  C6     C Y N 107 
DA  N6     N N N 108 
DA  N1     N Y N 109 
DA  C2     C Y N 110 
DA  N3     N Y N 111 
DA  C4     C Y N 112 
DA  HOP3   H N N 113 
DA  HOP2   H N N 114 
DA  "H5'"  H N N 115 
DA  "H5''" H N N 116 
DA  "H4'"  H N N 117 
DA  "H3'"  H N N 118 
DA  "HO3'" H N N 119 
DA  "H2'"  H N N 120 
DA  "H2''" H N N 121 
DA  "H1'"  H N N 122 
DA  H8     H N N 123 
DA  H61    H N N 124 
DA  H62    H N N 125 
DA  H2     H N N 126 
DC  OP3    O N N 127 
DC  P      P N N 128 
DC  OP1    O N N 129 
DC  OP2    O N N 130 
DC  "O5'"  O N N 131 
DC  "C5'"  C N N 132 
DC  "C4'"  C N R 133 
DC  "O4'"  O N N 134 
DC  "C3'"  C N S 135 
DC  "O3'"  O N N 136 
DC  "C2'"  C N N 137 
DC  "C1'"  C N R 138 
DC  N1     N N N 139 
DC  C2     C N N 140 
DC  O2     O N N 141 
DC  N3     N N N 142 
DC  C4     C N N 143 
DC  N4     N N N 144 
DC  C5     C N N 145 
DC  C6     C N N 146 
DC  HOP3   H N N 147 
DC  HOP2   H N N 148 
DC  "H5'"  H N N 149 
DC  "H5''" H N N 150 
DC  "H4'"  H N N 151 
DC  "H3'"  H N N 152 
DC  "HO3'" H N N 153 
DC  "H2'"  H N N 154 
DC  "H2''" H N N 155 
DC  "H1'"  H N N 156 
DC  H41    H N N 157 
DC  H42    H N N 158 
DC  H5     H N N 159 
DC  H6     H N N 160 
DG  OP3    O N N 161 
DG  P      P N N 162 
DG  OP1    O N N 163 
DG  OP2    O N N 164 
DG  "O5'"  O N N 165 
DG  "C5'"  C N N 166 
DG  "C4'"  C N R 167 
DG  "O4'"  O N N 168 
DG  "C3'"  C N S 169 
DG  "O3'"  O N N 170 
DG  "C2'"  C N N 171 
DG  "C1'"  C N R 172 
DG  N9     N Y N 173 
DG  C8     C Y N 174 
DG  N7     N Y N 175 
DG  C5     C Y N 176 
DG  C6     C N N 177 
DG  O6     O N N 178 
DG  N1     N N N 179 
DG  C2     C N N 180 
DG  N2     N N N 181 
DG  N3     N N N 182 
DG  C4     C Y N 183 
DG  HOP3   H N N 184 
DG  HOP2   H N N 185 
DG  "H5'"  H N N 186 
DG  "H5''" H N N 187 
DG  "H4'"  H N N 188 
DG  "H3'"  H N N 189 
DG  "HO3'" H N N 190 
DG  "H2'"  H N N 191 
DG  "H2''" H N N 192 
DG  "H1'"  H N N 193 
DG  H8     H N N 194 
DG  H1     H N N 195 
DG  H21    H N N 196 
DG  H22    H N N 197 
DT  OP3    O N N 198 
DT  P      P N N 199 
DT  OP1    O N N 200 
DT  OP2    O N N 201 
DT  "O5'"  O N N 202 
DT  "C5'"  C N N 203 
DT  "C4'"  C N R 204 
DT  "O4'"  O N N 205 
DT  "C3'"  C N S 206 
DT  "O3'"  O N N 207 
DT  "C2'"  C N N 208 
DT  "C1'"  C N R 209 
DT  N1     N N N 210 
DT  C2     C N N 211 
DT  O2     O N N 212 
DT  N3     N N N 213 
DT  C4     C N N 214 
DT  O4     O N N 215 
DT  C5     C N N 216 
DT  C7     C N N 217 
DT  C6     C N N 218 
DT  HOP3   H N N 219 
DT  HOP2   H N N 220 
DT  "H5'"  H N N 221 
DT  "H5''" H N N 222 
DT  "H4'"  H N N 223 
DT  "H3'"  H N N 224 
DT  "HO3'" H N N 225 
DT  "H2'"  H N N 226 
DT  "H2''" H N N 227 
DT  "H1'"  H N N 228 
DT  H3     H N N 229 
DT  H71    H N N 230 
DT  H72    H N N 231 
DT  H73    H N N 232 
DT  H6     H N N 233 
GLN N      N N N 234 
GLN CA     C N S 235 
GLN C      C N N 236 
GLN O      O N N 237 
GLN CB     C N N 238 
GLN CG     C N N 239 
GLN CD     C N N 240 
GLN OE1    O N N 241 
GLN NE2    N N N 242 
GLN OXT    O N N 243 
GLN H      H N N 244 
GLN H2     H N N 245 
GLN HA     H N N 246 
GLN HB2    H N N 247 
GLN HB3    H N N 248 
GLN HG2    H N N 249 
GLN HG3    H N N 250 
GLN HE21   H N N 251 
GLN HE22   H N N 252 
GLN HXT    H N N 253 
GLU N      N N N 254 
GLU CA     C N S 255 
GLU C      C N N 256 
GLU O      O N N 257 
GLU CB     C N N 258 
GLU CG     C N N 259 
GLU CD     C N N 260 
GLU OE1    O N N 261 
GLU OE2    O N N 262 
GLU OXT    O N N 263 
GLU H      H N N 264 
GLU H2     H N N 265 
GLU HA     H N N 266 
GLU HB2    H N N 267 
GLU HB3    H N N 268 
GLU HG2    H N N 269 
GLU HG3    H N N 270 
GLU HE2    H N N 271 
GLU HXT    H N N 272 
GLY N      N N N 273 
GLY CA     C N N 274 
GLY C      C N N 275 
GLY O      O N N 276 
GLY OXT    O N N 277 
GLY H      H N N 278 
GLY H2     H N N 279 
GLY HA2    H N N 280 
GLY HA3    H N N 281 
GLY HXT    H N N 282 
HIS N      N N N 283 
HIS CA     C N S 284 
HIS C      C N N 285 
HIS O      O N N 286 
HIS CB     C N N 287 
HIS CG     C Y N 288 
HIS ND1    N Y N 289 
HIS CD2    C Y N 290 
HIS CE1    C Y N 291 
HIS NE2    N Y N 292 
HIS OXT    O N N 293 
HIS H      H N N 294 
HIS H2     H N N 295 
HIS HA     H N N 296 
HIS HB2    H N N 297 
HIS HB3    H N N 298 
HIS HD1    H N N 299 
HIS HD2    H N N 300 
HIS HE1    H N N 301 
HIS HE2    H N N 302 
HIS HXT    H N N 303 
HOH O      O N N 304 
HOH H1     H N N 305 
HOH H2     H N N 306 
ILE N      N N N 307 
ILE CA     C N S 308 
ILE C      C N N 309 
ILE O      O N N 310 
ILE CB     C N S 311 
ILE CG1    C N N 312 
ILE CG2    C N N 313 
ILE CD1    C N N 314 
ILE OXT    O N N 315 
ILE H      H N N 316 
ILE H2     H N N 317 
ILE HA     H N N 318 
ILE HB     H N N 319 
ILE HG12   H N N 320 
ILE HG13   H N N 321 
ILE HG21   H N N 322 
ILE HG22   H N N 323 
ILE HG23   H N N 324 
ILE HD11   H N N 325 
ILE HD12   H N N 326 
ILE HD13   H N N 327 
ILE HXT    H N N 328 
LEU N      N N N 329 
LEU CA     C N S 330 
LEU C      C N N 331 
LEU O      O N N 332 
LEU CB     C N N 333 
LEU CG     C N N 334 
LEU CD1    C N N 335 
LEU CD2    C N N 336 
LEU OXT    O N N 337 
LEU H      H N N 338 
LEU H2     H N N 339 
LEU HA     H N N 340 
LEU HB2    H N N 341 
LEU HB3    H N N 342 
LEU HG     H N N 343 
LEU HD11   H N N 344 
LEU HD12   H N N 345 
LEU HD13   H N N 346 
LEU HD21   H N N 347 
LEU HD22   H N N 348 
LEU HD23   H N N 349 
LEU HXT    H N N 350 
LYS N      N N N 351 
LYS CA     C N S 352 
LYS C      C N N 353 
LYS O      O N N 354 
LYS CB     C N N 355 
LYS CG     C N N 356 
LYS CD     C N N 357 
LYS CE     C N N 358 
LYS NZ     N N N 359 
LYS OXT    O N N 360 
LYS H      H N N 361 
LYS H2     H N N 362 
LYS HA     H N N 363 
LYS HB2    H N N 364 
LYS HB3    H N N 365 
LYS HG2    H N N 366 
LYS HG3    H N N 367 
LYS HD2    H N N 368 
LYS HD3    H N N 369 
LYS HE2    H N N 370 
LYS HE3    H N N 371 
LYS HZ1    H N N 372 
LYS HZ2    H N N 373 
LYS HZ3    H N N 374 
LYS HXT    H N N 375 
MET N      N N N 376 
MET CA     C N S 377 
MET C      C N N 378 
MET O      O N N 379 
MET CB     C N N 380 
MET CG     C N N 381 
MET SD     S N N 382 
MET CE     C N N 383 
MET OXT    O N N 384 
MET H      H N N 385 
MET H2     H N N 386 
MET HA     H N N 387 
MET HB2    H N N 388 
MET HB3    H N N 389 
MET HG2    H N N 390 
MET HG3    H N N 391 
MET HE1    H N N 392 
MET HE2    H N N 393 
MET HE3    H N N 394 
MET HXT    H N N 395 
PHE N      N N N 396 
PHE CA     C N S 397 
PHE C      C N N 398 
PHE O      O N N 399 
PHE CB     C N N 400 
PHE CG     C Y N 401 
PHE CD1    C Y N 402 
PHE CD2    C Y N 403 
PHE CE1    C Y N 404 
PHE CE2    C Y N 405 
PHE CZ     C Y N 406 
PHE OXT    O N N 407 
PHE H      H N N 408 
PHE H2     H N N 409 
PHE HA     H N N 410 
PHE HB2    H N N 411 
PHE HB3    H N N 412 
PHE HD1    H N N 413 
PHE HD2    H N N 414 
PHE HE1    H N N 415 
PHE HE2    H N N 416 
PHE HZ     H N N 417 
PHE HXT    H N N 418 
PRO N      N N N 419 
PRO CA     C N S 420 
PRO C      C N N 421 
PRO O      O N N 422 
PRO CB     C N N 423 
PRO CG     C N N 424 
PRO CD     C N N 425 
PRO OXT    O N N 426 
PRO H      H N N 427 
PRO HA     H N N 428 
PRO HB2    H N N 429 
PRO HB3    H N N 430 
PRO HG2    H N N 431 
PRO HG3    H N N 432 
PRO HD2    H N N 433 
PRO HD3    H N N 434 
PRO HXT    H N N 435 
SER N      N N N 436 
SER CA     C N S 437 
SER C      C N N 438 
SER O      O N N 439 
SER CB     C N N 440 
SER OG     O N N 441 
SER OXT    O N N 442 
SER H      H N N 443 
SER H2     H N N 444 
SER HA     H N N 445 
SER HB2    H N N 446 
SER HB3    H N N 447 
SER HG     H N N 448 
SER HXT    H N N 449 
THR N      N N N 450 
THR CA     C N S 451 
THR C      C N N 452 
THR O      O N N 453 
THR CB     C N R 454 
THR OG1    O N N 455 
THR CG2    C N N 456 
THR OXT    O N N 457 
THR H      H N N 458 
THR H2     H N N 459 
THR HA     H N N 460 
THR HB     H N N 461 
THR HG1    H N N 462 
THR HG21   H N N 463 
THR HG22   H N N 464 
THR HG23   H N N 465 
THR HXT    H N N 466 
TRS C      C N N 467 
TRS C1     C N N 468 
TRS C2     C N N 469 
TRS C3     C N N 470 
TRS N      N N N 471 
TRS O1     O N N 472 
TRS O2     O N N 473 
TRS O3     O N N 474 
TRS H11    H N N 475 
TRS H12    H N N 476 
TRS H21    H N N 477 
TRS H22    H N N 478 
TRS H31    H N N 479 
TRS H32    H N N 480 
TRS HN1    H N N 481 
TRS HN2    H N N 482 
TRS HN3    H N N 483 
TRS HO1    H N N 484 
TRS HO2    H N N 485 
TRS HO3    H N N 486 
TYR N      N N N 487 
TYR CA     C N S 488 
TYR C      C N N 489 
TYR O      O N N 490 
TYR CB     C N N 491 
TYR CG     C Y N 492 
TYR CD1    C Y N 493 
TYR CD2    C Y N 494 
TYR CE1    C Y N 495 
TYR CE2    C Y N 496 
TYR CZ     C Y N 497 
TYR OH     O N N 498 
TYR OXT    O N N 499 
TYR H      H N N 500 
TYR H2     H N N 501 
TYR HA     H N N 502 
TYR HB2    H N N 503 
TYR HB3    H N N 504 
TYR HD1    H N N 505 
TYR HD2    H N N 506 
TYR HE1    H N N 507 
TYR HE2    H N N 508 
TYR HH     H N N 509 
TYR HXT    H N N 510 
VAL N      N N N 511 
VAL CA     C N S 512 
VAL C      C N N 513 
VAL O      O N N 514 
VAL CB     C N N 515 
VAL CG1    C N N 516 
VAL CG2    C N N 517 
VAL OXT    O N N 518 
VAL H      H N N 519 
VAL H2     H N N 520 
VAL HA     H N N 521 
VAL HB     H N N 522 
VAL HG11   H N N 523 
VAL HG12   H N N 524 
VAL HG13   H N N 525 
VAL HG21   H N N 526 
VAL HG22   H N N 527 
VAL HG23   H N N 528 
VAL HXT    H N N 529 
# 
loop_
_chem_comp_bond.comp_id 
_chem_comp_bond.atom_id_1 
_chem_comp_bond.atom_id_2 
_chem_comp_bond.value_order 
_chem_comp_bond.pdbx_aromatic_flag 
_chem_comp_bond.pdbx_stereo_config 
_chem_comp_bond.pdbx_ordinal 
5IU N1    C2     sing N N 1   
5IU N1    C6     sing N N 2   
5IU N1    "C1'"  sing N N 3   
5IU C2    N3     sing N N 4   
5IU C2    O2     doub N N 5   
5IU N3    C4     sing N N 6   
5IU N3    HN3    sing N N 7   
5IU C4    C5     sing N N 8   
5IU C4    O4     doub N N 9   
5IU C5    C6     doub N N 10  
5IU C5    I5     sing N N 11  
5IU C6    H6     sing N N 12  
5IU "C1'" "C2'"  sing N N 13  
5IU "C1'" "O4'"  sing N N 14  
5IU "C1'" "H1'"  sing N N 15  
5IU "C2'" "C3'"  sing N N 16  
5IU "C2'" "H2'"  sing N N 17  
5IU "C2'" "H2''" sing N N 18  
5IU "C3'" "C4'"  sing N N 19  
5IU "C3'" "O3'"  sing N N 20  
5IU "C3'" "H3'"  sing N N 21  
5IU "C4'" "O4'"  sing N N 22  
5IU "C4'" "C5'"  sing N N 23  
5IU "C4'" "H4'"  sing N N 24  
5IU "O3'" "HO3'" sing N N 25  
5IU "C5'" "O5'"  sing N N 26  
5IU "C5'" "H5'"  sing N N 27  
5IU "C5'" "H5''" sing N N 28  
5IU "O5'" P      sing N N 29  
5IU P     OP1    doub N N 30  
5IU P     OP2    sing N N 31  
5IU P     OP3    sing N N 32  
5IU OP2   HOP2   sing N N 33  
5IU OP3   HOP3   sing N N 34  
ALA N     CA     sing N N 35  
ALA N     H      sing N N 36  
ALA N     H2     sing N N 37  
ALA CA    C      sing N N 38  
ALA CA    CB     sing N N 39  
ALA CA    HA     sing N N 40  
ALA C     O      doub N N 41  
ALA C     OXT    sing N N 42  
ALA CB    HB1    sing N N 43  
ALA CB    HB2    sing N N 44  
ALA CB    HB3    sing N N 45  
ALA OXT   HXT    sing N N 46  
ARG N     CA     sing N N 47  
ARG N     H      sing N N 48  
ARG N     H2     sing N N 49  
ARG CA    C      sing N N 50  
ARG CA    CB     sing N N 51  
ARG CA    HA     sing N N 52  
ARG C     O      doub N N 53  
ARG C     OXT    sing N N 54  
ARG CB    CG     sing N N 55  
ARG CB    HB2    sing N N 56  
ARG CB    HB3    sing N N 57  
ARG CG    CD     sing N N 58  
ARG CG    HG2    sing N N 59  
ARG CG    HG3    sing N N 60  
ARG CD    NE     sing N N 61  
ARG CD    HD2    sing N N 62  
ARG CD    HD3    sing N N 63  
ARG NE    CZ     sing N N 64  
ARG NE    HE     sing N N 65  
ARG CZ    NH1    sing N N 66  
ARG CZ    NH2    doub N N 67  
ARG NH1   HH11   sing N N 68  
ARG NH1   HH12   sing N N 69  
ARG NH2   HH21   sing N N 70  
ARG NH2   HH22   sing N N 71  
ARG OXT   HXT    sing N N 72  
ASN N     CA     sing N N 73  
ASN N     H      sing N N 74  
ASN N     H2     sing N N 75  
ASN CA    C      sing N N 76  
ASN CA    CB     sing N N 77  
ASN CA    HA     sing N N 78  
ASN C     O      doub N N 79  
ASN C     OXT    sing N N 80  
ASN CB    CG     sing N N 81  
ASN CB    HB2    sing N N 82  
ASN CB    HB3    sing N N 83  
ASN CG    OD1    doub N N 84  
ASN CG    ND2    sing N N 85  
ASN ND2   HD21   sing N N 86  
ASN ND2   HD22   sing N N 87  
ASN OXT   HXT    sing N N 88  
DA  OP3   P      sing N N 89  
DA  OP3   HOP3   sing N N 90  
DA  P     OP1    doub N N 91  
DA  P     OP2    sing N N 92  
DA  P     "O5'"  sing N N 93  
DA  OP2   HOP2   sing N N 94  
DA  "O5'" "C5'"  sing N N 95  
DA  "C5'" "C4'"  sing N N 96  
DA  "C5'" "H5'"  sing N N 97  
DA  "C5'" "H5''" sing N N 98  
DA  "C4'" "O4'"  sing N N 99  
DA  "C4'" "C3'"  sing N N 100 
DA  "C4'" "H4'"  sing N N 101 
DA  "O4'" "C1'"  sing N N 102 
DA  "C3'" "O3'"  sing N N 103 
DA  "C3'" "C2'"  sing N N 104 
DA  "C3'" "H3'"  sing N N 105 
DA  "O3'" "HO3'" sing N N 106 
DA  "C2'" "C1'"  sing N N 107 
DA  "C2'" "H2'"  sing N N 108 
DA  "C2'" "H2''" sing N N 109 
DA  "C1'" N9     sing N N 110 
DA  "C1'" "H1'"  sing N N 111 
DA  N9    C8     sing Y N 112 
DA  N9    C4     sing Y N 113 
DA  C8    N7     doub Y N 114 
DA  C8    H8     sing N N 115 
DA  N7    C5     sing Y N 116 
DA  C5    C6     sing Y N 117 
DA  C5    C4     doub Y N 118 
DA  C6    N6     sing N N 119 
DA  C6    N1     doub Y N 120 
DA  N6    H61    sing N N 121 
DA  N6    H62    sing N N 122 
DA  N1    C2     sing Y N 123 
DA  C2    N3     doub Y N 124 
DA  C2    H2     sing N N 125 
DA  N3    C4     sing Y N 126 
DC  OP3   P      sing N N 127 
DC  OP3   HOP3   sing N N 128 
DC  P     OP1    doub N N 129 
DC  P     OP2    sing N N 130 
DC  P     "O5'"  sing N N 131 
DC  OP2   HOP2   sing N N 132 
DC  "O5'" "C5'"  sing N N 133 
DC  "C5'" "C4'"  sing N N 134 
DC  "C5'" "H5'"  sing N N 135 
DC  "C5'" "H5''" sing N N 136 
DC  "C4'" "O4'"  sing N N 137 
DC  "C4'" "C3'"  sing N N 138 
DC  "C4'" "H4'"  sing N N 139 
DC  "O4'" "C1'"  sing N N 140 
DC  "C3'" "O3'"  sing N N 141 
DC  "C3'" "C2'"  sing N N 142 
DC  "C3'" "H3'"  sing N N 143 
DC  "O3'" "HO3'" sing N N 144 
DC  "C2'" "C1'"  sing N N 145 
DC  "C2'" "H2'"  sing N N 146 
DC  "C2'" "H2''" sing N N 147 
DC  "C1'" N1     sing N N 148 
DC  "C1'" "H1'"  sing N N 149 
DC  N1    C2     sing N N 150 
DC  N1    C6     sing N N 151 
DC  C2    O2     doub N N 152 
DC  C2    N3     sing N N 153 
DC  N3    C4     doub N N 154 
DC  C4    N4     sing N N 155 
DC  C4    C5     sing N N 156 
DC  N4    H41    sing N N 157 
DC  N4    H42    sing N N 158 
DC  C5    C6     doub N N 159 
DC  C5    H5     sing N N 160 
DC  C6    H6     sing N N 161 
DG  OP3   P      sing N N 162 
DG  OP3   HOP3   sing N N 163 
DG  P     OP1    doub N N 164 
DG  P     OP2    sing N N 165 
DG  P     "O5'"  sing N N 166 
DG  OP2   HOP2   sing N N 167 
DG  "O5'" "C5'"  sing N N 168 
DG  "C5'" "C4'"  sing N N 169 
DG  "C5'" "H5'"  sing N N 170 
DG  "C5'" "H5''" sing N N 171 
DG  "C4'" "O4'"  sing N N 172 
DG  "C4'" "C3'"  sing N N 173 
DG  "C4'" "H4'"  sing N N 174 
DG  "O4'" "C1'"  sing N N 175 
DG  "C3'" "O3'"  sing N N 176 
DG  "C3'" "C2'"  sing N N 177 
DG  "C3'" "H3'"  sing N N 178 
DG  "O3'" "HO3'" sing N N 179 
DG  "C2'" "C1'"  sing N N 180 
DG  "C2'" "H2'"  sing N N 181 
DG  "C2'" "H2''" sing N N 182 
DG  "C1'" N9     sing N N 183 
DG  "C1'" "H1'"  sing N N 184 
DG  N9    C8     sing Y N 185 
DG  N9    C4     sing Y N 186 
DG  C8    N7     doub Y N 187 
DG  C8    H8     sing N N 188 
DG  N7    C5     sing Y N 189 
DG  C5    C6     sing N N 190 
DG  C5    C4     doub Y N 191 
DG  C6    O6     doub N N 192 
DG  C6    N1     sing N N 193 
DG  N1    C2     sing N N 194 
DG  N1    H1     sing N N 195 
DG  C2    N2     sing N N 196 
DG  C2    N3     doub N N 197 
DG  N2    H21    sing N N 198 
DG  N2    H22    sing N N 199 
DG  N3    C4     sing N N 200 
DT  OP3   P      sing N N 201 
DT  OP3   HOP3   sing N N 202 
DT  P     OP1    doub N N 203 
DT  P     OP2    sing N N 204 
DT  P     "O5'"  sing N N 205 
DT  OP2   HOP2   sing N N 206 
DT  "O5'" "C5'"  sing N N 207 
DT  "C5'" "C4'"  sing N N 208 
DT  "C5'" "H5'"  sing N N 209 
DT  "C5'" "H5''" sing N N 210 
DT  "C4'" "O4'"  sing N N 211 
DT  "C4'" "C3'"  sing N N 212 
DT  "C4'" "H4'"  sing N N 213 
DT  "O4'" "C1'"  sing N N 214 
DT  "C3'" "O3'"  sing N N 215 
DT  "C3'" "C2'"  sing N N 216 
DT  "C3'" "H3'"  sing N N 217 
DT  "O3'" "HO3'" sing N N 218 
DT  "C2'" "C1'"  sing N N 219 
DT  "C2'" "H2'"  sing N N 220 
DT  "C2'" "H2''" sing N N 221 
DT  "C1'" N1     sing N N 222 
DT  "C1'" "H1'"  sing N N 223 
DT  N1    C2     sing N N 224 
DT  N1    C6     sing N N 225 
DT  C2    O2     doub N N 226 
DT  C2    N3     sing N N 227 
DT  N3    C4     sing N N 228 
DT  N3    H3     sing N N 229 
DT  C4    O4     doub N N 230 
DT  C4    C5     sing N N 231 
DT  C5    C7     sing N N 232 
DT  C5    C6     doub N N 233 
DT  C7    H71    sing N N 234 
DT  C7    H72    sing N N 235 
DT  C7    H73    sing N N 236 
DT  C6    H6     sing N N 237 
GLN N     CA     sing N N 238 
GLN N     H      sing N N 239 
GLN N     H2     sing N N 240 
GLN CA    C      sing N N 241 
GLN CA    CB     sing N N 242 
GLN CA    HA     sing N N 243 
GLN C     O      doub N N 244 
GLN C     OXT    sing N N 245 
GLN CB    CG     sing N N 246 
GLN CB    HB2    sing N N 247 
GLN CB    HB3    sing N N 248 
GLN CG    CD     sing N N 249 
GLN CG    HG2    sing N N 250 
GLN CG    HG3    sing N N 251 
GLN CD    OE1    doub N N 252 
GLN CD    NE2    sing N N 253 
GLN NE2   HE21   sing N N 254 
GLN NE2   HE22   sing N N 255 
GLN OXT   HXT    sing N N 256 
GLU N     CA     sing N N 257 
GLU N     H      sing N N 258 
GLU N     H2     sing N N 259 
GLU CA    C      sing N N 260 
GLU CA    CB     sing N N 261 
GLU CA    HA     sing N N 262 
GLU C     O      doub N N 263 
GLU C     OXT    sing N N 264 
GLU CB    CG     sing N N 265 
GLU CB    HB2    sing N N 266 
GLU CB    HB3    sing N N 267 
GLU CG    CD     sing N N 268 
GLU CG    HG2    sing N N 269 
GLU CG    HG3    sing N N 270 
GLU CD    OE1    doub N N 271 
GLU CD    OE2    sing N N 272 
GLU OE2   HE2    sing N N 273 
GLU OXT   HXT    sing N N 274 
GLY N     CA     sing N N 275 
GLY N     H      sing N N 276 
GLY N     H2     sing N N 277 
GLY CA    C      sing N N 278 
GLY CA    HA2    sing N N 279 
GLY CA    HA3    sing N N 280 
GLY C     O      doub N N 281 
GLY C     OXT    sing N N 282 
GLY OXT   HXT    sing N N 283 
HIS N     CA     sing N N 284 
HIS N     H      sing N N 285 
HIS N     H2     sing N N 286 
HIS CA    C      sing N N 287 
HIS CA    CB     sing N N 288 
HIS CA    HA     sing N N 289 
HIS C     O      doub N N 290 
HIS C     OXT    sing N N 291 
HIS CB    CG     sing N N 292 
HIS CB    HB2    sing N N 293 
HIS CB    HB3    sing N N 294 
HIS CG    ND1    sing Y N 295 
HIS CG    CD2    doub Y N 296 
HIS ND1   CE1    doub Y N 297 
HIS ND1   HD1    sing N N 298 
HIS CD2   NE2    sing Y N 299 
HIS CD2   HD2    sing N N 300 
HIS CE1   NE2    sing Y N 301 
HIS CE1   HE1    sing N N 302 
HIS NE2   HE2    sing N N 303 
HIS OXT   HXT    sing N N 304 
HOH O     H1     sing N N 305 
HOH O     H2     sing N N 306 
ILE N     CA     sing N N 307 
ILE N     H      sing N N 308 
ILE N     H2     sing N N 309 
ILE CA    C      sing N N 310 
ILE CA    CB     sing N N 311 
ILE CA    HA     sing N N 312 
ILE C     O      doub N N 313 
ILE C     OXT    sing N N 314 
ILE CB    CG1    sing N N 315 
ILE CB    CG2    sing N N 316 
ILE CB    HB     sing N N 317 
ILE CG1   CD1    sing N N 318 
ILE CG1   HG12   sing N N 319 
ILE CG1   HG13   sing N N 320 
ILE CG2   HG21   sing N N 321 
ILE CG2   HG22   sing N N 322 
ILE CG2   HG23   sing N N 323 
ILE CD1   HD11   sing N N 324 
ILE CD1   HD12   sing N N 325 
ILE CD1   HD13   sing N N 326 
ILE OXT   HXT    sing N N 327 
LEU N     CA     sing N N 328 
LEU N     H      sing N N 329 
LEU N     H2     sing N N 330 
LEU CA    C      sing N N 331 
LEU CA    CB     sing N N 332 
LEU CA    HA     sing N N 333 
LEU C     O      doub N N 334 
LEU C     OXT    sing N N 335 
LEU CB    CG     sing N N 336 
LEU CB    HB2    sing N N 337 
LEU CB    HB3    sing N N 338 
LEU CG    CD1    sing N N 339 
LEU CG    CD2    sing N N 340 
LEU CG    HG     sing N N 341 
LEU CD1   HD11   sing N N 342 
LEU CD1   HD12   sing N N 343 
LEU CD1   HD13   sing N N 344 
LEU CD2   HD21   sing N N 345 
LEU CD2   HD22   sing N N 346 
LEU CD2   HD23   sing N N 347 
LEU OXT   HXT    sing N N 348 
LYS N     CA     sing N N 349 
LYS N     H      sing N N 350 
LYS N     H2     sing N N 351 
LYS CA    C      sing N N 352 
LYS CA    CB     sing N N 353 
LYS CA    HA     sing N N 354 
LYS C     O      doub N N 355 
LYS C     OXT    sing N N 356 
LYS CB    CG     sing N N 357 
LYS CB    HB2    sing N N 358 
LYS CB    HB3    sing N N 359 
LYS CG    CD     sing N N 360 
LYS CG    HG2    sing N N 361 
LYS CG    HG3    sing N N 362 
LYS CD    CE     sing N N 363 
LYS CD    HD2    sing N N 364 
LYS CD    HD3    sing N N 365 
LYS CE    NZ     sing N N 366 
LYS CE    HE2    sing N N 367 
LYS CE    HE3    sing N N 368 
LYS NZ    HZ1    sing N N 369 
LYS NZ    HZ2    sing N N 370 
LYS NZ    HZ3    sing N N 371 
LYS OXT   HXT    sing N N 372 
MET N     CA     sing N N 373 
MET N     H      sing N N 374 
MET N     H2     sing N N 375 
MET CA    C      sing N N 376 
MET CA    CB     sing N N 377 
MET CA    HA     sing N N 378 
MET C     O      doub N N 379 
MET C     OXT    sing N N 380 
MET CB    CG     sing N N 381 
MET CB    HB2    sing N N 382 
MET CB    HB3    sing N N 383 
MET CG    SD     sing N N 384 
MET CG    HG2    sing N N 385 
MET CG    HG3    sing N N 386 
MET SD    CE     sing N N 387 
MET CE    HE1    sing N N 388 
MET CE    HE2    sing N N 389 
MET CE    HE3    sing N N 390 
MET OXT   HXT    sing N N 391 
PHE N     CA     sing N N 392 
PHE N     H      sing N N 393 
PHE N     H2     sing N N 394 
PHE CA    C      sing N N 395 
PHE CA    CB     sing N N 396 
PHE CA    HA     sing N N 397 
PHE C     O      doub N N 398 
PHE C     OXT    sing N N 399 
PHE CB    CG     sing N N 400 
PHE CB    HB2    sing N N 401 
PHE CB    HB3    sing N N 402 
PHE CG    CD1    doub Y N 403 
PHE CG    CD2    sing Y N 404 
PHE CD1   CE1    sing Y N 405 
PHE CD1   HD1    sing N N 406 
PHE CD2   CE2    doub Y N 407 
PHE CD2   HD2    sing N N 408 
PHE CE1   CZ     doub Y N 409 
PHE CE1   HE1    sing N N 410 
PHE CE2   CZ     sing Y N 411 
PHE CE2   HE2    sing N N 412 
PHE CZ    HZ     sing N N 413 
PHE OXT   HXT    sing N N 414 
PRO N     CA     sing N N 415 
PRO N     CD     sing N N 416 
PRO N     H      sing N N 417 
PRO CA    C      sing N N 418 
PRO CA    CB     sing N N 419 
PRO CA    HA     sing N N 420 
PRO C     O      doub N N 421 
PRO C     OXT    sing N N 422 
PRO CB    CG     sing N N 423 
PRO CB    HB2    sing N N 424 
PRO CB    HB3    sing N N 425 
PRO CG    CD     sing N N 426 
PRO CG    HG2    sing N N 427 
PRO CG    HG3    sing N N 428 
PRO CD    HD2    sing N N 429 
PRO CD    HD3    sing N N 430 
PRO OXT   HXT    sing N N 431 
SER N     CA     sing N N 432 
SER N     H      sing N N 433 
SER N     H2     sing N N 434 
SER CA    C      sing N N 435 
SER CA    CB     sing N N 436 
SER CA    HA     sing N N 437 
SER C     O      doub N N 438 
SER C     OXT    sing N N 439 
SER CB    OG     sing N N 440 
SER CB    HB2    sing N N 441 
SER CB    HB3    sing N N 442 
SER OG    HG     sing N N 443 
SER OXT   HXT    sing N N 444 
THR N     CA     sing N N 445 
THR N     H      sing N N 446 
THR N     H2     sing N N 447 
THR CA    C      sing N N 448 
THR CA    CB     sing N N 449 
THR CA    HA     sing N N 450 
THR C     O      doub N N 451 
THR C     OXT    sing N N 452 
THR CB    OG1    sing N N 453 
THR CB    CG2    sing N N 454 
THR CB    HB     sing N N 455 
THR OG1   HG1    sing N N 456 
THR CG2   HG21   sing N N 457 
THR CG2   HG22   sing N N 458 
THR CG2   HG23   sing N N 459 
THR OXT   HXT    sing N N 460 
TRS C     C1     sing N N 461 
TRS C     C2     sing N N 462 
TRS C     C3     sing N N 463 
TRS C     N      sing N N 464 
TRS C1    O1     sing N N 465 
TRS C1    H11    sing N N 466 
TRS C1    H12    sing N N 467 
TRS C2    O2     sing N N 468 
TRS C2    H21    sing N N 469 
TRS C2    H22    sing N N 470 
TRS C3    O3     sing N N 471 
TRS C3    H31    sing N N 472 
TRS C3    H32    sing N N 473 
TRS N     HN1    sing N N 474 
TRS N     HN2    sing N N 475 
TRS N     HN3    sing N N 476 
TRS O1    HO1    sing N N 477 
TRS O2    HO2    sing N N 478 
TRS O3    HO3    sing N N 479 
TYR N     CA     sing N N 480 
TYR N     H      sing N N 481 
TYR N     H2     sing N N 482 
TYR CA    C      sing N N 483 
TYR CA    CB     sing N N 484 
TYR CA    HA     sing N N 485 
TYR C     O      doub N N 486 
TYR C     OXT    sing N N 487 
TYR CB    CG     sing N N 488 
TYR CB    HB2    sing N N 489 
TYR CB    HB3    sing N N 490 
TYR CG    CD1    doub Y N 491 
TYR CG    CD2    sing Y N 492 
TYR CD1   CE1    sing Y N 493 
TYR CD1   HD1    sing N N 494 
TYR CD2   CE2    doub Y N 495 
TYR CD2   HD2    sing N N 496 
TYR CE1   CZ     doub Y N 497 
TYR CE1   HE1    sing N N 498 
TYR CE2   CZ     sing Y N 499 
TYR CE2   HE2    sing N N 500 
TYR CZ    OH     sing N N 501 
TYR OH    HH     sing N N 502 
TYR OXT   HXT    sing N N 503 
VAL N     CA     sing N N 504 
VAL N     H      sing N N 505 
VAL N     H2     sing N N 506 
VAL CA    C      sing N N 507 
VAL CA    CB     sing N N 508 
VAL CA    HA     sing N N 509 
VAL C     O      doub N N 510 
VAL C     OXT    sing N N 511 
VAL CB    CG1    sing N N 512 
VAL CB    CG2    sing N N 513 
VAL CB    HB     sing N N 514 
VAL CG1   HG11   sing N N 515 
VAL CG1   HG12   sing N N 516 
VAL CG1   HG13   sing N N 517 
VAL CG2   HG21   sing N N 518 
VAL CG2   HG22   sing N N 519 
VAL CG2   HG23   sing N N 520 
VAL OXT   HXT    sing N N 521 
# 
loop_
_ndb_struct_conf_na.entry_id 
_ndb_struct_conf_na.feature 
1JJ6 'double helix'        
1JJ6 'b-form double helix' 
# 
loop_
_ndb_struct_na_base_pair.model_number 
_ndb_struct_na_base_pair.i_label_asym_id 
_ndb_struct_na_base_pair.i_label_comp_id 
_ndb_struct_na_base_pair.i_label_seq_id 
_ndb_struct_na_base_pair.i_symmetry 
_ndb_struct_na_base_pair.j_label_asym_id 
_ndb_struct_na_base_pair.j_label_comp_id 
_ndb_struct_na_base_pair.j_label_seq_id 
_ndb_struct_na_base_pair.j_symmetry 
_ndb_struct_na_base_pair.shear 
_ndb_struct_na_base_pair.stretch 
_ndb_struct_na_base_pair.stagger 
_ndb_struct_na_base_pair.buckle 
_ndb_struct_na_base_pair.propeller 
_ndb_struct_na_base_pair.opening 
_ndb_struct_na_base_pair.pair_number 
_ndb_struct_na_base_pair.pair_name 
_ndb_struct_na_base_pair.i_auth_asym_id 
_ndb_struct_na_base_pair.i_auth_seq_id 
_ndb_struct_na_base_pair.i_PDB_ins_code 
_ndb_struct_na_base_pair.j_auth_asym_id 
_ndb_struct_na_base_pair.j_auth_seq_id 
_ndb_struct_na_base_pair.j_PDB_ins_code 
_ndb_struct_na_base_pair.hbond_type_28 
_ndb_struct_na_base_pair.hbond_type_12 
1 A DG  2  1_555 B DC 14 1_555 -0.049 0.012  -0.530 -14.120 6.513   4.467  1  A_DG3:DC29_B  A 3  ? B 29 ? 19 1 
1 A DT  3  1_555 B DA 13 1_555 0.222  0.063  0.071  -1.034  -8.971  -9.020 2  A_DT4:DA28_B  A 4  ? B 28 ? 20 1 
1 A 5IU 4  1_555 B DA 12 1_555 0.796  0.174  -0.076 -2.105  -20.074 4.715  3  A_5IU5:DA27_B A 5  ? B 27 ? ?  ? 
1 A DT  5  1_555 B DA 11 1_555 -0.206 -0.045 -0.489 0.935   -27.209 -0.385 4  A_DT6:DA26_B  A 6  ? B 26 ? 20 1 
1 A DT  6  1_555 B DA 10 1_555 -0.718 -0.101 -0.355 -8.346  -11.555 -0.963 5  A_DT7:DA25_B  A 7  ? B 25 ? 20 1 
1 A DT  7  1_555 B DA 9  1_555 -0.339 0.129  -0.111 -6.663  -16.533 -0.738 6  A_DT8:DA24_B  A 8  ? B 24 ? 20 1 
1 A DG  8  1_555 B DC 8  1_555 0.119  -0.012 -0.016 1.910   -4.363  0.896  7  A_DG9:DC23_B  A 9  ? B 23 ? 19 1 
1 A DA  9  1_555 B DT 7  1_555 0.516  -0.172 0.195  7.547   -12.339 -4.689 8  A_DA10:DT22_B A 10 ? B 22 ? 20 1 
1 A DT  10 1_555 B DA 6  1_555 -0.279 -0.133 -0.106 -2.695  -7.246  0.820  9  A_DT11:DA21_B A 11 ? B 21 ? 20 1 
1 A DA  11 1_555 B DT 5  1_555 0.506  -0.379 -0.511 2.007   -12.230 -3.754 10 A_DA12:DT20_B A 12 ? B 20 ? 20 1 
1 A DA  12 1_555 B DT 4  1_555 0.045  -0.004 -0.025 8.226   -13.926 1.990  11 A_DA13:DT19_B A 13 ? B 19 ? 20 1 
1 A DG  13 1_555 B DC 3  1_555 0.143  -0.163 -0.094 2.289   -13.088 0.916  12 A_DG14:DC18_B A 14 ? B 18 ? 19 1 
# 
loop_
_ndb_struct_na_base_pair_step.model_number 
_ndb_struct_na_base_pair_step.i_label_asym_id_1 
_ndb_struct_na_base_pair_step.i_label_comp_id_1 
_ndb_struct_na_base_pair_step.i_label_seq_id_1 
_ndb_struct_na_base_pair_step.i_symmetry_1 
_ndb_struct_na_base_pair_step.j_label_asym_id_1 
_ndb_struct_na_base_pair_step.j_label_comp_id_1 
_ndb_struct_na_base_pair_step.j_label_seq_id_1 
_ndb_struct_na_base_pair_step.j_symmetry_1 
_ndb_struct_na_base_pair_step.i_label_asym_id_2 
_ndb_struct_na_base_pair_step.i_label_comp_id_2 
_ndb_struct_na_base_pair_step.i_label_seq_id_2 
_ndb_struct_na_base_pair_step.i_symmetry_2 
_ndb_struct_na_base_pair_step.j_label_asym_id_2 
_ndb_struct_na_base_pair_step.j_label_comp_id_2 
_ndb_struct_na_base_pair_step.j_label_seq_id_2 
_ndb_struct_na_base_pair_step.j_symmetry_2 
_ndb_struct_na_base_pair_step.shift 
_ndb_struct_na_base_pair_step.slide 
_ndb_struct_na_base_pair_step.rise 
_ndb_struct_na_base_pair_step.tilt 
_ndb_struct_na_base_pair_step.roll 
_ndb_struct_na_base_pair_step.twist 
_ndb_struct_na_base_pair_step.x_displacement 
_ndb_struct_na_base_pair_step.y_displacement 
_ndb_struct_na_base_pair_step.helical_rise 
_ndb_struct_na_base_pair_step.inclination 
_ndb_struct_na_base_pair_step.tip 
_ndb_struct_na_base_pair_step.helical_twist 
_ndb_struct_na_base_pair_step.step_number 
_ndb_struct_na_base_pair_step.step_name 
_ndb_struct_na_base_pair_step.i_auth_asym_id_1 
_ndb_struct_na_base_pair_step.i_auth_seq_id_1 
_ndb_struct_na_base_pair_step.i_PDB_ins_code_1 
_ndb_struct_na_base_pair_step.j_auth_asym_id_1 
_ndb_struct_na_base_pair_step.j_auth_seq_id_1 
_ndb_struct_na_base_pair_step.j_PDB_ins_code_1 
_ndb_struct_na_base_pair_step.i_auth_asym_id_2 
_ndb_struct_na_base_pair_step.i_auth_seq_id_2 
_ndb_struct_na_base_pair_step.i_PDB_ins_code_2 
_ndb_struct_na_base_pair_step.j_auth_asym_id_2 
_ndb_struct_na_base_pair_step.j_auth_seq_id_2 
_ndb_struct_na_base_pair_step.j_PDB_ins_code_2 
1 A DG  2  1_555 B DC 14 1_555 A DT  3  1_555 B DA 13 1_555 -1.199 -0.291 3.112 -3.933 9.551  32.502 -1.960 1.444  3.029 16.550 
6.816  34.062 1  AA_DG3DT4:DA28DC29_BB   A 3  ? B 29 ? A 4  ? B 28 ? 
1 A DT  3  1_555 B DA 13 1_555 A 5IU 4  1_555 B DA 12 1_555 0.561  -0.224 3.228 4.723  5.357  31.416 -1.354 -0.173 3.195 9.736  
-8.584 32.197 2  AA_DT45IU5:DA27DA28_BB  A 4  ? B 28 ? A 5  ? B 27 ? 
1 A 5IU 4  1_555 B DA 12 1_555 A DT  5  1_555 B DA 11 1_555 -0.645 0.322  3.062 1.927  5.952  31.188 -0.436 1.509  3.026 10.932 
-3.539 31.794 3  AA_5IU5DT6:DA26DA27_BB  A 5  ? B 27 ? A 6  ? B 26 ? 
1 A DT  5  1_555 B DA 11 1_555 A DT  6  1_555 B DA 10 1_555 0.906  0.569  3.540 1.560  -1.691 38.750 1.080  -1.157 3.546 -2.546 
-2.349 38.816 4  AA_DT6DT7:DA25DA26_BB   A 6  ? B 26 ? A 7  ? B 25 ? 
1 A DT  6  1_555 B DA 10 1_555 A DT  7  1_555 B DA 9  1_555 -0.548 -0.220 3.251 -3.605 0.591  36.388 -0.432 0.377  3.285 0.943  
5.755  36.565 5  AA_DT7DT8:DA24DA25_BB   A 7  ? B 25 ? A 8  ? B 24 ? 
1 A DT  7  1_555 B DA 9  1_555 A DG  8  1_555 B DC 8  1_555 0.788  1.072  3.217 0.972  3.084  38.990 1.231  -1.061 3.307 4.610  
-1.453 39.119 6  AA_DT8DG9:DC23DA24_BB   A 8  ? B 24 ? A 9  ? B 23 ? 
1 A DG  8  1_555 B DC 8  1_555 A DA  9  1_555 B DT 7  1_555 -0.947 0.852  3.199 -4.118 2.971  37.780 0.927  0.928  3.335 4.563  
6.325  38.107 7  AA_DG9DA10:DT22DC23_BB  A 9  ? B 23 ? A 10 ? B 22 ? 
1 A DA  9  1_555 B DT 7  1_555 A DT  10 1_555 B DA 6  1_555 0.709  -0.843 3.723 1.822  -0.620 27.468 -1.597 -0.977 3.778 -1.305 
-3.831 27.534 8  AA_DA10DT11:DA21DT22_BB A 10 ? B 22 ? A 11 ? B 21 ? 
1 A DT  10 1_555 B DA 6  1_555 A DA  11 1_555 B DT 5  1_555 -0.452 1.269  3.385 1.664  8.302  40.435 0.844  0.833  3.546 11.855 
-2.376 41.276 9  AA_DT11DA12:DT20DA21_BB A 11 ? B 21 ? A 12 ? B 20 ? 
1 A DA  11 1_555 B DT 5  1_555 A DA  12 1_555 B DT 4  1_555 0.418  0.209  3.097 -1.830 -0.541 31.299 0.483  -1.098 3.064 -1.002 
3.388  31.356 10 AA_DA12DA13:DT19DT20_BB A 12 ? B 20 ? A 13 ? B 19 ? 
1 A DA  12 1_555 B DT 4  1_555 A DG  13 1_555 B DC 3  1_555 0.163  -0.446 3.503 -1.519 10.002 34.280 -2.252 -0.497 3.240 16.528 
2.510  35.699 11 AA_DA13DG14:DC18DT19_BB A 13 ? B 19 ? A 14 ? B 18 ? 
# 
_pdbx_initial_refinement_model.accession_code   ? 
_pdbx_initial_refinement_model.id               1 
_pdbx_initial_refinement_model.entity_id_list   ? 
_pdbx_initial_refinement_model.type             'experimental model' 
_pdbx_initial_refinement_model.source_name      Other 
_pdbx_initial_refinement_model.details          'MIRAS PHASES' 
# 
_atom_sites.entry_id                    1JJ6 
_atom_sites.fract_transf_matrix[1][1]   0.00894358 
_atom_sites.fract_transf_matrix[1][2]   0.00487154 
_atom_sites.fract_transf_matrix[1][3]   -0.00538646 
_atom_sites.fract_transf_matrix[2][1]   -0.00630343 
_atom_sites.fract_transf_matrix[2][2]   0.00005270 
_atom_sites.fract_transf_matrix[2][3]   -0.01041842 
_atom_sites.fract_transf_matrix[3][1]   -0.00795301 
_atom_sites.fract_transf_matrix[3][2]   0.02003323 
_atom_sites.fract_transf_matrix[3][3]   0.00491312 
_atom_sites.fract_transf_vector[1]      0.279472 
_atom_sites.fract_transf_vector[2]      0.051887 
_atom_sites.fract_transf_vector[3]      0.205703 
# 
loop_
_atom_type.symbol 
C 
I 
N 
O 
P 
# 
loop_
_atom_site.group_PDB 
_atom_site.id 
_atom_site.type_symbol 
_atom_site.label_atom_id 
_atom_site.label_alt_id 
_atom_site.label_comp_id 
_atom_site.label_asym_id 
_atom_site.label_entity_id 
_atom_site.label_seq_id 
_atom_site.pdbx_PDB_ins_code 
_atom_site.Cartn_x 
_atom_site.Cartn_y 
_atom_site.Cartn_z 
_atom_site.occupancy 
_atom_site.B_iso_or_equiv 
_atom_site.pdbx_formal_charge 
_atom_site.auth_seq_id 
_atom_site.auth_comp_id 
_atom_site.auth_asym_id 
_atom_site.auth_atom_id 
_atom_site.pdbx_PDB_model_num 
ATOM   1   O "O5'" . DT  A 1 1  ? -32.496 -13.623 -13.460 1.00 95.00 ? 2   DT  A "O5'" 1 
ATOM   2   C "C5'" . DT  A 1 1  ? -31.930 -12.413 -13.972 1.00 95.00 ? 2   DT  A "C5'" 1 
ATOM   3   C "C4'" . DT  A 1 1  ? -31.905 -11.326 -12.925 1.00 93.79 ? 2   DT  A "C4'" 1 
ATOM   4   O "O4'" . DT  A 1 1  ? -31.031 -11.725 -11.836 1.00 94.58 ? 2   DT  A "O4'" 1 
ATOM   5   C "C3'" . DT  A 1 1  ? -31.376 -9.983  -13.429 1.00 93.17 ? 2   DT  A "C3'" 1 
ATOM   6   O "O3'" . DT  A 1 1  ? -32.146 -8.921  -12.856 1.00 95.00 ? 2   DT  A "O3'" 1 
ATOM   7   C "C2'" . DT  A 1 1  ? -29.938 -9.964  -12.943 1.00 95.00 ? 2   DT  A "C2'" 1 
ATOM   8   C "C1'" . DT  A 1 1  ? -30.006 -10.756 -11.647 1.00 95.00 ? 2   DT  A "C1'" 1 
ATOM   9   N N1    . DT  A 1 1  ? -28.746 -11.463 -11.289 1.00 95.00 ? 2   DT  A N1    1 
ATOM   10  C C2    . DT  A 1 1  ? -28.638 -12.003 -10.025 1.00 94.09 ? 2   DT  A C2    1 
ATOM   11  O O2    . DT  A 1 1  ? -29.534 -11.942 -9.200  1.00 93.50 ? 2   DT  A O2    1 
ATOM   12  N N3    . DT  A 1 1  ? -27.433 -12.615 -9.760  1.00 94.20 ? 2   DT  A N3    1 
ATOM   13  C C4    . DT  A 1 1  ? -26.346 -12.734 -10.616 1.00 95.00 ? 2   DT  A C4    1 
ATOM   14  O O4    . DT  A 1 1  ? -25.318 -13.300 -10.232 1.00 94.30 ? 2   DT  A O4    1 
ATOM   15  C C5    . DT  A 1 1  ? -26.532 -12.153 -11.932 1.00 95.00 ? 2   DT  A C5    1 
ATOM   16  C C7    . DT  A 1 1  ? -25.420 -12.238 -12.931 1.00 94.37 ? 2   DT  A C7    1 
ATOM   17  C C6    . DT  A 1 1  ? -27.706 -11.559 -12.197 1.00 95.00 ? 2   DT  A C6    1 
ATOM   18  P P     . DG  A 1 2  ? -31.547 -7.426  -12.804 1.00 95.00 ? 3   DG  A P     1 
ATOM   19  O OP1   . DG  A 1 2  ? -32.632 -6.496  -13.204 1.00 95.00 ? 3   DG  A OP1   1 
ATOM   20  O OP2   . DG  A 1 2  ? -30.227 -7.357  -13.497 1.00 95.00 ? 3   DG  A OP2   1 
ATOM   21  O "O5'" . DG  A 1 2  ? -31.301 -7.203  -11.252 1.00 90.99 ? 3   DG  A "O5'" 1 
ATOM   22  C "C5'" . DG  A 1 2  ? -32.391 -6.977  -10.368 1.00 77.40 ? 3   DG  A "C5'" 1 
ATOM   23  C "C4'" . DG  A 1 2  ? -31.925 -6.103  -9.235  1.00 70.96 ? 3   DG  A "C4'" 1 
ATOM   24  O "O4'" . DG  A 1 2  ? -31.018 -6.897  -8.432  1.00 58.75 ? 3   DG  A "O4'" 1 
ATOM   25  C "C3'" . DG  A 1 2  ? -31.108 -4.929  -9.776  1.00 72.07 ? 3   DG  A "C3'" 1 
ATOM   26  O "O3'" . DG  A 1 2  ? -31.294 -3.740  -9.011  1.00 76.22 ? 3   DG  A "O3'" 1 
ATOM   27  C "C2'" . DG  A 1 2  ? -29.679 -5.413  -9.672  1.00 65.32 ? 3   DG  A "C2'" 1 
ATOM   28  C "C1'" . DG  A 1 2  ? -29.720 -6.338  -8.470  1.00 55.08 ? 3   DG  A "C1'" 1 
ATOM   29  N N9    . DG  A 1 2  ? -28.752 -7.424  -8.588  1.00 45.93 ? 3   DG  A N9    1 
ATOM   30  C C8    . DG  A 1 2  ? -28.415 -8.113  -9.723  1.00 40.95 ? 3   DG  A C8    1 
ATOM   31  N N7    . DG  A 1 2  ? -27.452 -8.966  -9.533  1.00 41.46 ? 3   DG  A N7    1 
ATOM   32  C C5    . DG  A 1 2  ? -27.152 -8.848  -8.186  1.00 42.65 ? 3   DG  A C5    1 
ATOM   33  C C6    . DG  A 1 2  ? -26.176 -9.515  -7.398  1.00 43.38 ? 3   DG  A C6    1 
ATOM   34  O O6    . DG  A 1 2  ? -25.366 -10.387 -7.744  1.00 44.46 ? 3   DG  A O6    1 
ATOM   35  N N1    . DG  A 1 2  ? -26.205 -9.076  -6.077  1.00 42.79 ? 3   DG  A N1    1 
ATOM   36  C C2    . DG  A 1 2  ? -27.071 -8.133  -5.577  1.00 42.39 ? 3   DG  A C2    1 
ATOM   37  N N2    . DG  A 1 2  ? -26.947 -7.854  -4.291  1.00 40.92 ? 3   DG  A N2    1 
ATOM   38  N N3    . DG  A 1 2  ? -27.988 -7.515  -6.298  1.00 43.29 ? 3   DG  A N3    1 
ATOM   39  C C4    . DG  A 1 2  ? -27.964 -7.914  -7.588  1.00 43.36 ? 3   DG  A C4    1 
ATOM   40  P P     . DT  A 1 3  ? -30.471 -2.406  -9.397  1.00 75.60 ? 4   DT  A P     1 
ATOM   41  O OP1   . DT  A 1 3  ? -31.479 -1.371  -9.736  1.00 78.76 ? 4   DT  A OP1   1 
ATOM   42  O OP2   . DT  A 1 3  ? -29.390 -2.726  -10.367 1.00 76.04 ? 4   DT  A OP2   1 
ATOM   43  O "O5'" . DT  A 1 3  ? -29.802 -1.995  -8.015  1.00 71.01 ? 4   DT  A "O5'" 1 
ATOM   44  C "C5'" . DT  A 1 3  ? -30.536 -2.131  -6.805  1.00 59.81 ? 4   DT  A "C5'" 1 
ATOM   45  C "C4'" . DT  A 1 3  ? -29.623 -1.989  -5.613  1.00 55.67 ? 4   DT  A "C4'" 1 
ATOM   46  O "O4'" . DT  A 1 3  ? -28.758 -3.144  -5.516  1.00 52.28 ? 4   DT  A "O4'" 1 
ATOM   47  C "C3'" . DT  A 1 3  ? -28.713 -0.762  -5.642  1.00 54.96 ? 4   DT  A "C3'" 1 
ATOM   48  O "O3'" . DT  A 1 3  ? -28.722 -0.140  -4.355  1.00 59.04 ? 4   DT  A "O3'" 1 
ATOM   49  C "C2'" . DT  A 1 3  ? -27.345 -1.326  -5.993  1.00 52.86 ? 4   DT  A "C2'" 1 
ATOM   50  C "C1'" . DT  A 1 3  ? -27.403 -2.752  -5.455  1.00 48.36 ? 4   DT  A "C1'" 1 
ATOM   51  N N1    . DT  A 1 3  ? -26.617 -3.750  -6.214  1.00 50.20 ? 4   DT  A N1    1 
ATOM   52  C C2    . DT  A 1 3  ? -25.695 -4.505  -5.518  1.00 49.98 ? 4   DT  A C2    1 
ATOM   53  O O2    . DT  A 1 3  ? -25.516 -4.389  -4.324  1.00 51.32 ? 4   DT  A O2    1 
ATOM   54  N N3    . DT  A 1 3  ? -24.992 -5.414  -6.281  1.00 48.02 ? 4   DT  A N3    1 
ATOM   55  C C4    . DT  A 1 3  ? -25.124 -5.642  -7.631  1.00 48.44 ? 4   DT  A C4    1 
ATOM   56  O O4    . DT  A 1 3  ? -24.430 -6.485  -8.174  1.00 48.12 ? 4   DT  A O4    1 
ATOM   57  C C5    . DT  A 1 3  ? -26.116 -4.827  -8.302  1.00 49.07 ? 4   DT  A C5    1 
ATOM   58  C C7    . DT  A 1 3  ? -26.333 -5.026  -9.768  1.00 48.77 ? 4   DT  A C7    1 
ATOM   59  C C6    . DT  A 1 3  ? -26.803 -3.927  -7.571  1.00 49.36 ? 4   DT  A C6    1 
HETATM 60  N N1    . 5IU A 1 4  ? -23.243 -1.745  -5.096  1.00 53.54 ? 5   5IU A N1    1 
HETATM 61  C C2    . 5IU A 1 4  ? -22.440 -2.858  -5.210  1.00 51.41 ? 5   5IU A C2    1 
HETATM 62  N N3    . 5IU A 1 4  ? -22.335 -3.363  -6.493  1.00 50.74 ? 5   5IU A N3    1 
HETATM 63  C C4    . 5IU A 1 4  ? -22.941 -2.877  -7.633  1.00 51.29 ? 5   5IU A C4    1 
HETATM 64  C C5    . 5IU A 1 4  ? -23.765 -1.704  -7.444  1.00 51.85 ? 5   5IU A C5    1 
HETATM 65  C C6    . 5IU A 1 4  ? -23.875 -1.198  -6.202  1.00 54.07 ? 5   5IU A C6    1 
HETATM 66  O O2    . 5IU A 1 4  ? -21.865 -3.363  -4.249  1.00 46.29 ? 5   5IU A O2    1 
HETATM 67  O O4    . 5IU A 1 4  ? -22.763 -3.442  -8.710  1.00 52.71 ? 5   5IU A O4    1 
HETATM 68  I I5    . 5IU A 1 4  ? -24.532 -1.030  -8.698  0.50 56.41 ? 5   5IU A I5    1 
HETATM 69  C "C1'" . 5IU A 1 4  ? -23.391 -1.181  -3.733  1.00 55.27 ? 5   5IU A "C1'" 1 
HETATM 70  C "C2'" . 5IU A 1 4  ? -23.245 0.320   -3.591  1.00 57.53 ? 5   5IU A "C2'" 1 
HETATM 71  C "C3'" . 5IU A 1 4  ? -24.008 0.591   -2.302  1.00 59.23 ? 5   5IU A "C3'" 1 
HETATM 72  C "C4'" . 5IU A 1 4  ? -25.083 -0.485  -2.287  1.00 59.54 ? 5   5IU A "C4'" 1 
HETATM 73  O "O3'" . 5IU A 1 4  ? -23.461 0.905   -0.924  1.00 59.67 ? 5   5IU A "O3'" 1 
HETATM 74  O "O4'" . 5IU A 1 4  ? -24.694 -1.472  -3.271  1.00 61.00 ? 5   5IU A "O4'" 1 
HETATM 75  C "C5'" . 5IU A 1 4  ? -26.494 0.007   -2.495  1.00 63.74 ? 5   5IU A "C5'" 1 
HETATM 76  O "O5'" . 5IU A 1 4  ? -26.583 0.876   -3.623  1.00 61.75 ? 5   5IU A "O5'" 1 
HETATM 77  P P     . 5IU A 1 4  ? -28.023 1.290   -4.154  1.00 59.76 ? 5   5IU A P     1 
HETATM 78  O OP1   . 5IU A 1 4  ? -28.706 1.956   -3.022  1.00 54.82 ? 5   5IU A OP1   1 
HETATM 79  O OP2   . 5IU A 1 4  ? -27.961 1.958   -5.476  1.00 57.43 ? 5   5IU A OP2   1 
ATOM   80  P P     . DT  A 1 5  ? -22.727 2.172   -0.281  1.00 60.65 ? 6   DT  A P     1 
ATOM   81  O OP1   . DT  A 1 5  ? -22.844 2.764   1.066   1.00 63.60 ? 6   DT  A OP1   1 
ATOM   82  O OP2   . DT  A 1 5  ? -22.964 3.008   -1.476  1.00 59.57 ? 6   DT  A OP2   1 
ATOM   83  O "O5'" . DT  A 1 5  ? -21.223 1.472   -0.672  1.00 56.79 ? 6   DT  A "O5'" 1 
ATOM   84  C "C5'" . DT  A 1 5  ? -20.976 0.326   0.146   1.00 58.34 ? 6   DT  A "C5'" 1 
ATOM   85  C "C4'" . DT  A 1 5  ? -19.645 -0.305  -0.195  1.00 56.43 ? 6   DT  A "C4'" 1 
ATOM   86  O "O4'" . DT  A 1 5  ? -19.670 -1.008  -1.470  1.00 48.98 ? 6   DT  A "O4'" 1 
ATOM   87  C "C3'" . DT  A 1 5  ? -18.477 0.677   -0.262  1.00 58.76 ? 6   DT  A "C3'" 1 
ATOM   88  O "O3'" . DT  A 1 5  ? -17.353 0.118   0.419   1.00 65.68 ? 6   DT  A "O3'" 1 
ATOM   89  C "C2'" . DT  A 1 5  ? -18.197 0.793   -1.750  1.00 52.63 ? 6   DT  A "C2'" 1 
ATOM   90  C "C1'" . DT  A 1 5  ? -18.559 -0.592  -2.248  1.00 42.85 ? 6   DT  A "C1'" 1 
ATOM   91  N N1    . DT  A 1 5  ? -18.934 -0.677  -3.664  1.00 39.53 ? 6   DT  A N1    1 
ATOM   92  C C2    . DT  A 1 5  ? -18.522 -1.801  -4.343  1.00 41.98 ? 6   DT  A C2    1 
ATOM   93  O O2    . DT  A 1 5  ? -17.847 -2.682  -3.824  1.00 42.24 ? 6   DT  A O2    1 
ATOM   94  N N3    . DT  A 1 5  ? -18.921 -1.855  -5.654  1.00 41.12 ? 6   DT  A N3    1 
ATOM   95  C C4    . DT  A 1 5  ? -19.665 -0.917  -6.337  1.00 39.64 ? 6   DT  A C4    1 
ATOM   96  O O4    . DT  A 1 5  ? -19.983 -1.125  -7.513  1.00 40.48 ? 6   DT  A O4    1 
ATOM   97  C C5    . DT  A 1 5  ? -20.027 0.258   -5.569  1.00 37.58 ? 6   DT  A C5    1 
ATOM   98  C C7    . DT  A 1 5  ? -20.773 1.363   -6.247  1.00 34.67 ? 6   DT  A C7    1 
ATOM   99  C C6    . DT  A 1 5  ? -19.660 0.310   -4.287  1.00 37.25 ? 6   DT  A C6    1 
ATOM   100 P P     . DT  A 1 6  ? -16.098 1.054   0.791   1.00 66.01 ? 7   DT  A P     1 
ATOM   101 O OP1   . DT  A 1 6  ? -15.773 0.818   2.211   1.00 63.57 ? 7   DT  A OP1   1 
ATOM   102 O OP2   . DT  A 1 6  ? -16.386 2.435   0.315   1.00 68.02 ? 7   DT  A OP2   1 
ATOM   103 O "O5'" . DT  A 1 6  ? -14.940 0.429   -0.087  1.00 59.42 ? 7   DT  A "O5'" 1 
ATOM   104 C "C5'" . DT  A 1 6  ? -14.751 -0.967  -0.068  1.00 60.06 ? 7   DT  A "C5'" 1 
ATOM   105 C "C4'" . DT  A 1 6  ? -13.959 -1.412  -1.270  1.00 58.85 ? 7   DT  A "C4'" 1 
ATOM   106 O "O4'" . DT  A 1 6  ? -14.766 -1.377  -2.473  1.00 54.64 ? 7   DT  A "O4'" 1 
ATOM   107 C "C3'" . DT  A 1 6  ? -12.686 -0.618  -1.566  1.00 55.01 ? 7   DT  A "C3'" 1 
ATOM   108 O "O3'" . DT  A 1 6  ? -11.626 -1.546  -1.669  1.00 53.00 ? 7   DT  A "O3'" 1 
ATOM   109 C "C2'" . DT  A 1 6  ? -12.962 0.017   -2.918  1.00 56.69 ? 7   DT  A "C2'" 1 
ATOM   110 C "C1'" . DT  A 1 6  ? -13.964 -0.943  -3.538  1.00 52.96 ? 7   DT  A "C1'" 1 
ATOM   111 N N1    . DT  A 1 6  ? -14.840 -0.333  -4.538  1.00 48.98 ? 7   DT  A N1    1 
ATOM   112 C C2    . DT  A 1 6  ? -15.013 -0.994  -5.730  1.00 48.49 ? 7   DT  A C2    1 
ATOM   113 O O2    . DT  A 1 6  ? -14.533 -2.091  -5.956  1.00 49.86 ? 7   DT  A O2    1 
ATOM   114 N N3    . DT  A 1 6  ? -15.793 -0.336  -6.644  1.00 46.95 ? 7   DT  A N3    1 
ATOM   115 C C4    . DT  A 1 6  ? -16.430 0.876   -6.479  1.00 46.34 ? 7   DT  A C4    1 
ATOM   116 O O4    . DT  A 1 6  ? -17.105 1.333   -7.394  1.00 48.14 ? 7   DT  A O4    1 
ATOM   117 C C5    . DT  A 1 6  ? -16.230 1.508   -5.184  1.00 46.16 ? 7   DT  A C5    1 
ATOM   118 C C7    . DT  A 1 6  ? -16.884 2.827   -4.898  1.00 43.68 ? 7   DT  A C7    1 
ATOM   119 C C6    . DT  A 1 6  ? -15.455 0.874   -4.291  1.00 47.49 ? 7   DT  A C6    1 
ATOM   120 P P     . DT  A 1 7  ? -10.139 -1.055  -2.013  1.00 52.28 ? 8   DT  A P     1 
ATOM   121 O OP1   . DT  A 1 7  ? -9.271  -1.652  -0.963  1.00 51.04 ? 8   DT  A OP1   1 
ATOM   122 O OP2   . DT  A 1 7  ? -10.092 0.406   -2.252  1.00 49.85 ? 8   DT  A OP2   1 
ATOM   123 O "O5'" . DT  A 1 7  ? -9.907  -1.875  -3.348  1.00 49.81 ? 8   DT  A "O5'" 1 
ATOM   124 C "C5'" . DT  A 1 7  ? -10.361 -3.224  -3.387  1.00 40.79 ? 8   DT  A "C5'" 1 
ATOM   125 C "C4'" . DT  A 1 7  ? -10.200 -3.815  -4.762  1.00 31.56 ? 8   DT  A "C4'" 1 
ATOM   126 O "O4'" . DT  A 1 7  ? -11.183 -3.252  -5.644  1.00 31.25 ? 8   DT  A "O4'" 1 
ATOM   127 C "C3'" . DT  A 1 7  ? -8.838  -3.570  -5.397  1.00 31.11 ? 8   DT  A "C3'" 1 
ATOM   128 O "O3'" . DT  A 1 7  ? -8.271  -4.784  -5.875  1.00 30.68 ? 8   DT  A "O3'" 1 
ATOM   129 C "C2'" . DT  A 1 7  ? -9.111  -2.581  -6.514  1.00 31.41 ? 8   DT  A "C2'" 1 
ATOM   130 C "C1'" . DT  A 1 7  ? -10.582 -2.756  -6.831  1.00 30.76 ? 8   DT  A "C1'" 1 
ATOM   131 N N1    . DT  A 1 7  ? -11.289 -1.494  -7.177  1.00 37.23 ? 8   DT  A N1    1 
ATOM   132 C C2    . DT  A 1 7  ? -11.889 -1.410  -8.415  1.00 37.86 ? 8   DT  A C2    1 
ATOM   133 O O2    . DT  A 1 7  ? -11.806 -2.305  -9.246  1.00 39.87 ? 8   DT  A O2    1 
ATOM   134 N N3    . DT  A 1 7  ? -12.579 -0.235  -8.649  1.00 37.20 ? 8   DT  A N3    1 
ATOM   135 C C4    . DT  A 1 7  ? -12.716 0.835   -7.774  1.00 37.27 ? 8   DT  A C4    1 
ATOM   136 O O4    . DT  A 1 7  ? -13.406 1.801   -8.078  1.00 35.35 ? 8   DT  A O4    1 
ATOM   137 C C5    . DT  A 1 7  ? -12.018 0.697   -6.515  1.00 37.97 ? 8   DT  A C5    1 
ATOM   138 C C7    . DT  A 1 7  ? -12.065 1.837   -5.543  1.00 36.82 ? 8   DT  A C7    1 
ATOM   139 C C6    . DT  A 1 7  ? -11.352 -0.449  -6.278  1.00 36.21 ? 8   DT  A C6    1 
ATOM   140 P P     . DG  A 1 8  ? -6.766  -4.769  -6.372  1.00 38.36 ? 9   DG  A P     1 
ATOM   141 O OP1   . DG  A 1 8  ? -6.202  -6.162  -6.445  1.00 38.44 ? 9   DG  A OP1   1 
ATOM   142 O OP2   . DG  A 1 8  ? -6.091  -3.728  -5.567  1.00 36.72 ? 9   DG  A OP2   1 
ATOM   143 O "O5'" . DG  A 1 8  ? -6.863  -4.243  -7.860  1.00 44.02 ? 9   DG  A "O5'" 1 
ATOM   144 C "C5'" . DG  A 1 8  ? -7.321  -5.092  -8.900  1.00 38.74 ? 9   DG  A "C5'" 1 
ATOM   145 C "C4'" . DG  A 1 8  ? -7.198  -4.375  -10.221 1.00 38.59 ? 9   DG  A "C4'" 1 
ATOM   146 O "O4'" . DG  A 1 8  ? -8.043  -3.202  -10.224 1.00 35.11 ? 9   DG  A "O4'" 1 
ATOM   147 C "C3'" . DG  A 1 8  ? -5.797  -3.855  -10.527 1.00 39.63 ? 9   DG  A "C3'" 1 
ATOM   148 O "O3'" . DG  A 1 8  ? -5.592  -3.946  -11.929 1.00 44.95 ? 9   DG  A "O3'" 1 
ATOM   149 C "C2'" . DG  A 1 8  ? -5.887  -2.389  -10.144 1.00 35.38 ? 9   DG  A "C2'" 1 
ATOM   150 C "C1'" . DG  A 1 8  ? -7.286  -2.070  -10.604 1.00 32.49 ? 9   DG  A "C1'" 1 
ATOM   151 N N9    . DG  A 1 8  ? -7.865  -0.906  -9.946  1.00 36.57 ? 9   DG  A N9    1 
ATOM   152 C C8    . DG  A 1 8  ? -7.545  -0.446  -8.699  1.00 37.68 ? 9   DG  A C8    1 
ATOM   153 N N7    . DG  A 1 8  ? -8.215  0.620   -8.361  1.00 40.47 ? 9   DG  A N7    1 
ATOM   154 C C5    . DG  A 1 8  ? -9.027  0.881   -9.451  1.00 38.75 ? 9   DG  A C5    1 
ATOM   155 C C6    . DG  A 1 8  ? -9.977  1.910   -9.646  1.00 38.87 ? 9   DG  A C6    1 
ATOM   156 O O6    . DG  A 1 8  ? -10.291 2.807   -8.873  1.00 43.43 ? 9   DG  A O6    1 
ATOM   157 N N1    . DG  A 1 8  ? -10.593 1.818   -10.887 1.00 36.87 ? 9   DG  A N1    1 
ATOM   158 C C2    . DG  A 1 8  ? -10.325 0.842   -11.822 1.00 38.94 ? 9   DG  A C2    1 
ATOM   159 N N2    . DG  A 1 8  ? -11.007 0.932   -12.968 1.00 40.61 ? 9   DG  A N2    1 
ATOM   160 N N3    . DG  A 1 8  ? -9.446  -0.147  -11.640 1.00 35.93 ? 9   DG  A N3    1 
ATOM   161 C C4    . DG  A 1 8  ? -8.834  -0.056  -10.439 1.00 37.81 ? 9   DG  A C4    1 
ATOM   162 P P     . DA  A 1 9  ? -4.126  -4.175  -12.508 1.00 51.56 ? 10  DA  A P     1 
ATOM   163 O OP1   . DA  A 1 9  ? -3.880  -5.654  -12.526 1.00 45.86 ? 10  DA  A OP1   1 
ATOM   164 O OP2   . DA  A 1 9  ? -3.196  -3.279  -11.786 1.00 51.15 ? 10  DA  A OP2   1 
ATOM   165 O "O5'" . DA  A 1 9  ? -4.273  -3.680  -14.014 1.00 56.00 ? 10  DA  A "O5'" 1 
ATOM   166 C "C5'" . DA  A 1 9  ? -5.223  -4.306  -14.886 1.00 57.40 ? 10  DA  A "C5'" 1 
ATOM   167 C "C4'" . DA  A 1 9  ? -5.851  -3.299  -15.822 1.00 49.84 ? 10  DA  A "C4'" 1 
ATOM   168 O "O4'" . DA  A 1 9  ? -6.565  -2.284  -15.077 1.00 47.22 ? 10  DA  A "O4'" 1 
ATOM   169 C "C3'" . DA  A 1 9  ? -4.911  -2.546  -16.761 1.00 50.80 ? 10  DA  A "C3'" 1 
ATOM   170 O "O3'" . DA  A 1 9  ? -5.551  -2.479  -18.032 1.00 52.62 ? 10  DA  A "O3'" 1 
ATOM   171 C "C2'" . DA  A 1 9  ? -4.803  -1.164  -16.135 1.00 46.62 ? 10  DA  A "C2'" 1 
ATOM   172 C "C1'" . DA  A 1 9  ? -6.155  -0.985  -15.468 1.00 41.12 ? 10  DA  A "C1'" 1 
ATOM   173 N N9    . DA  A 1 9  ? -6.120  -0.163  -14.258 1.00 40.29 ? 10  DA  A N9    1 
ATOM   174 C C8    . DA  A 1 9  ? -5.321  -0.350  -13.152 1.00 39.74 ? 10  DA  A C8    1 
ATOM   175 N N7    . DA  A 1 9  ? -5.520  0.530   -12.203 1.00 38.76 ? 10  DA  A N7    1 
ATOM   176 C C5    . DA  A 1 9  ? -6.515  1.346   -12.708 1.00 39.01 ? 10  DA  A C5    1 
ATOM   177 C C6    . DA  A 1 9  ? -7.181  2.461   -12.171 1.00 38.64 ? 10  DA  A C6    1 
ATOM   178 N N6    . DA  A 1 9  ? -6.950  2.934   -10.957 1.00 39.59 ? 10  DA  A N6    1 
ATOM   179 N N1    . DA  A 1 9  ? -8.109  3.074   -12.937 1.00 38.26 ? 10  DA  A N1    1 
ATOM   180 C C2    . DA  A 1 9  ? -8.354  2.577   -14.163 1.00 38.44 ? 10  DA  A C2    1 
ATOM   181 N N3    . DA  A 1 9  ? -7.802  1.520   -14.772 1.00 38.92 ? 10  DA  A N3    1 
ATOM   182 C C4    . DA  A 1 9  ? -6.883  0.943   -13.981 1.00 38.71 ? 10  DA  A C4    1 
ATOM   183 P P     . DT  A 1 10 ? -4.723  -2.041  -19.322 1.00 52.63 ? 11  DT  A P     1 
ATOM   184 O OP1   . DT  A 1 10 ? -5.397  -2.718  -20.447 1.00 55.05 ? 11  DT  A OP1   1 
ATOM   185 O OP2   . DT  A 1 10 ? -3.269  -2.247  -19.108 1.00 54.52 ? 11  DT  A OP2   1 
ATOM   186 O "O5'" . DT  A 1 10 ? -5.036  -0.484  -19.402 1.00 44.81 ? 11  DT  A "O5'" 1 
ATOM   187 C "C5'" . DT  A 1 10 ? -6.372  -0.024  -19.246 1.00 41.29 ? 11  DT  A "C5'" 1 
ATOM   188 C "C4'" . DT  A 1 10 ? -6.398  1.484   -19.212 1.00 53.13 ? 11  DT  A "C4'" 1 
ATOM   189 O "O4'" . DT  A 1 10 ? -6.423  2.021   -17.858 1.00 55.95 ? 11  DT  A "O4'" 1 
ATOM   190 C "C3'" . DT  A 1 10 ? -5.189  2.102   -19.906 1.00 56.80 ? 11  DT  A "C3'" 1 
ATOM   191 O "O3'" . DT  A 1 10 ? -5.632  3.108   -20.795 1.00 64.43 ? 11  DT  A "O3'" 1 
ATOM   192 C "C2'" . DT  A 1 10 ? -4.398  2.720   -18.762 1.00 58.01 ? 11  DT  A "C2'" 1 
ATOM   193 C "C1'" . DT  A 1 10 ? -5.501  3.089   -17.780 1.00 50.38 ? 11  DT  A "C1'" 1 
ATOM   194 N N1    . DT  A 1 10 ? -5.066  3.248   -16.370 1.00 46.00 ? 11  DT  A N1    1 
ATOM   195 C C2    . DT  A 1 10 ? -5.584  4.312   -15.623 1.00 45.18 ? 11  DT  A C2    1 
ATOM   196 O O2    . DT  A 1 10 ? -6.459  5.054   -16.021 1.00 47.53 ? 11  DT  A O2    1 
ATOM   197 N N3    . DT  A 1 10 ? -5.047  4.453   -14.370 1.00 41.07 ? 11  DT  A N3    1 
ATOM   198 C C4    . DT  A 1 10 ? -4.108  3.648   -13.772 1.00 39.84 ? 11  DT  A C4    1 
ATOM   199 O O4    . DT  A 1 10 ? -3.735  3.913   -12.635 1.00 39.90 ? 11  DT  A O4    1 
ATOM   200 C C5    . DT  A 1 10 ? -3.645  2.518   -14.586 1.00 39.95 ? 11  DT  A C5    1 
ATOM   201 C C7    . DT  A 1 10 ? -2.635  1.569   -14.020 1.00 36.72 ? 11  DT  A C7    1 
ATOM   202 C C6    . DT  A 1 10 ? -4.144  2.382   -15.824 1.00 41.21 ? 11  DT  A C6    1 
ATOM   203 P P     . DA  A 1 11 ? -4.901  3.291   -22.209 1.00 68.55 ? 12  DA  A P     1 
ATOM   204 O OP1   . DA  A 1 11 ? -5.563  2.379   -23.177 1.00 67.34 ? 12  DA  A OP1   1 
ATOM   205 O OP2   . DA  A 1 11 ? -3.433  3.194   -22.009 1.00 66.19 ? 12  DA  A OP2   1 
ATOM   206 O "O5'" . DA  A 1 11 ? -5.283  4.793   -22.543 1.00 63.61 ? 12  DA  A "O5'" 1 
ATOM   207 C "C5'" . DA  A 1 11 ? -6.535  5.316   -22.124 1.00 67.22 ? 12  DA  A "C5'" 1 
ATOM   208 C "C4'" . DA  A 1 11 ? -6.369  6.719   -21.589 1.00 72.71 ? 12  DA  A "C4'" 1 
ATOM   209 O "O4'" . DA  A 1 11 ? -5.916  6.737   -20.211 1.00 72.54 ? 12  DA  A "O4'" 1 
ATOM   210 C "C3'" . DA  A 1 11 ? -5.385  7.585   -22.365 1.00 73.89 ? 12  DA  A "C3'" 1 
ATOM   211 O "O3'" . DA  A 1 11 ? -5.925  8.901   -22.416 1.00 79.40 ? 12  DA  A "O3'" 1 
ATOM   212 C "C2'" . DA  A 1 11 ? -4.138  7.545   -21.497 1.00 70.73 ? 12  DA  A "C2'" 1 
ATOM   213 C "C1'" . DA  A 1 11 ? -4.729  7.515   -20.095 1.00 64.18 ? 12  DA  A "C1'" 1 
ATOM   214 N N9    . DA  A 1 11 ? -3.896  6.885   -19.069 1.00 58.01 ? 12  DA  A N9    1 
ATOM   215 C C8    . DA  A 1 11 ? -3.089  5.784   -19.200 1.00 55.33 ? 12  DA  A C8    1 
ATOM   216 N N7    . DA  A 1 11 ? -2.512  5.414   -18.080 1.00 56.18 ? 12  DA  A N7    1 
ATOM   217 C C5    . DA  A 1 11 ? -2.959  6.345   -17.151 1.00 55.23 ? 12  DA  A C5    1 
ATOM   218 C C6    . DA  A 1 11 ? -2.718  6.500   -15.772 1.00 53.21 ? 12  DA  A C6    1 
ATOM   219 N N6    . DA  A 1 11 ? -1.940  5.686   -15.065 1.00 54.08 ? 12  DA  A N6    1 
ATOM   220 N N1    . DA  A 1 11 ? -3.314  7.531   -15.136 1.00 51.14 ? 12  DA  A N1    1 
ATOM   221 C C2    . DA  A 1 11 ? -4.100  8.343   -15.847 1.00 53.57 ? 12  DA  A C2    1 
ATOM   222 N N3    . DA  A 1 11 ? -4.407  8.301   -17.148 1.00 56.46 ? 12  DA  A N3    1 
ATOM   223 C C4    . DA  A 1 11 ? -3.799  7.266   -17.748 1.00 56.82 ? 12  DA  A C4    1 
ATOM   224 P P     . DA  A 1 12 ? -5.457  9.917   -23.561 1.00 78.50 ? 13  DA  A P     1 
ATOM   225 O OP1   . DA  A 1 12 ? -6.667  10.268  -24.340 1.00 78.70 ? 13  DA  A OP1   1 
ATOM   226 O OP2   . DA  A 1 12 ? -4.261  9.362   -24.251 1.00 79.74 ? 13  DA  A OP2   1 
ATOM   227 O "O5'" . DA  A 1 12 ? -5.052  11.199  -22.717 1.00 75.51 ? 13  DA  A "O5'" 1 
ATOM   228 C "C5'" . DA  A 1 12 ? -5.900  11.641  -21.663 1.00 68.27 ? 13  DA  A "C5'" 1 
ATOM   229 C "C4'" . DA  A 1 12 ? -5.086  12.330  -20.598 1.00 60.51 ? 13  DA  A "C4'" 1 
ATOM   230 O "O4'" . DA  A 1 12 ? -4.348  11.367  -19.797 1.00 57.30 ? 13  DA  A "O4'" 1 
ATOM   231 C "C3'" . DA  A 1 12 ? -4.058  13.312  -21.157 1.00 58.42 ? 13  DA  A "C3'" 1 
ATOM   232 O "O3'" . DA  A 1 12 ? -4.123  14.508  -20.388 1.00 69.74 ? 13  DA  A "O3'" 1 
ATOM   233 C "C2'" . DA  A 1 12 ? -2.730  12.606  -20.931 1.00 51.21 ? 13  DA  A "C2'" 1 
ATOM   234 C "C1'" . DA  A 1 12 ? -3.017  11.835  -19.649 1.00 50.14 ? 13  DA  A "C1'" 1 
ATOM   235 N N9    . DA  A 1 12 ? -2.152  10.690  -19.350 1.00 43.60 ? 13  DA  A N9    1 
ATOM   236 C C8    . DA  A 1 12 ? -1.616  9.769   -20.216 1.00 42.45 ? 13  DA  A C8    1 
ATOM   237 N N7    . DA  A 1 12 ? -0.872  8.858   -19.626 1.00 43.13 ? 13  DA  A N7    1 
ATOM   238 C C5    . DA  A 1 12 ? -0.921  9.206   -18.278 1.00 40.06 ? 13  DA  A C5    1 
ATOM   239 C C6    . DA  A 1 12 ? -0.325  8.644   -17.128 1.00 36.17 ? 13  DA  A C6    1 
ATOM   240 N N6    . DA  A 1 12 ? 0.431   7.538   -17.138 1.00 34.47 ? 13  DA  A N6    1 
ATOM   241 N N1    . DA  A 1 12 ? -0.542  9.252   -15.950 1.00 35.41 ? 13  DA  A N1    1 
ATOM   242 C C2    . DA  A 1 12 ? -1.340  10.330  -15.925 1.00 40.88 ? 13  DA  A C2    1 
ATOM   243 N N3    . DA  A 1 12 ? -1.972  10.943  -16.930 1.00 41.63 ? 13  DA  A N3    1 
ATOM   244 C C4    . DA  A 1 12 ? -1.707  10.330  -18.095 1.00 42.28 ? 13  DA  A C4    1 
ATOM   245 P P     . DG  A 1 13 ? -3.405  15.839  -20.916 1.00 77.96 ? 14  DG  A P     1 
ATOM   246 O OP1   . DG  A 1 13 ? -4.406  16.939  -20.869 1.00 77.45 ? 14  DG  A OP1   1 
ATOM   247 O OP2   . DG  A 1 13 ? -2.700  15.531  -22.188 1.00 78.78 ? 14  DG  A OP2   1 
ATOM   248 O "O5'" . DG  A 1 13 ? -2.316  16.109  -19.794 1.00 74.34 ? 14  DG  A "O5'" 1 
ATOM   249 C "C5'" . DG  A 1 13 ? -2.713  16.220  -18.435 1.00 71.28 ? 14  DG  A "C5'" 1 
ATOM   250 C "C4'" . DG  A 1 13 ? -1.503  16.178  -17.535 1.00 64.49 ? 14  DG  A "C4'" 1 
ATOM   251 O "O4'" . DG  A 1 13 ? -1.004  14.825  -17.415 1.00 61.04 ? 14  DG  A "O4'" 1 
ATOM   252 C "C3'" . DG  A 1 13 ? -0.335  17.028  -18.036 1.00 59.62 ? 14  DG  A "C3'" 1 
ATOM   253 O "O3'" . DG  A 1 13 ? 0.232   17.717  -16.933 1.00 68.46 ? 14  DG  A "O3'" 1 
ATOM   254 C "C2'" . DG  A 1 13 ? 0.643   16.002  -18.570 1.00 52.80 ? 14  DG  A "C2'" 1 
ATOM   255 C "C1'" . DG  A 1 13 ? 0.396   14.844  -17.621 1.00 54.89 ? 14  DG  A "C1'" 1 
ATOM   256 N N9    . DG  A 1 13 ? 0.821   13.518  -18.074 1.00 49.42 ? 14  DG  A N9    1 
ATOM   257 C C8    . DG  A 1 13 ? 0.690   12.970  -19.324 1.00 48.78 ? 14  DG  A C8    1 
ATOM   258 N N7    . DG  A 1 13 ? 1.243   11.790  -19.427 1.00 47.54 ? 14  DG  A N7    1 
ATOM   259 C C5    . DG  A 1 13 ? 1.746   11.536  -18.158 1.00 45.69 ? 14  DG  A C5    1 
ATOM   260 C C6    . DG  A 1 13 ? 2.470   10.421  -17.663 1.00 44.34 ? 14  DG  A C6    1 
ATOM   261 O O6    . DG  A 1 13 ? 2.790   9.389   -18.263 1.00 42.30 ? 14  DG  A O6    1 
ATOM   262 N N1    . DG  A 1 13 ? 2.813   10.589  -16.325 1.00 42.53 ? 14  DG  A N1    1 
ATOM   263 C C2    . DG  A 1 13 ? 2.472   11.680  -15.560 1.00 41.41 ? 14  DG  A C2    1 
ATOM   264 N N2    . DG  A 1 13 ? 2.864   11.662  -14.284 1.00 41.64 ? 14  DG  A N2    1 
ATOM   265 N N3    . DG  A 1 13 ? 1.794   12.712  -16.009 1.00 42.47 ? 14  DG  A N3    1 
ATOM   266 C C4    . DG  A 1 13 ? 1.476   12.580  -17.307 1.00 45.59 ? 14  DG  A C4    1 
ATOM   267 P P     . DA  A 1 14 ? -0.513  19.012  -16.343 1.00 72.53 ? 15  DA  A P     1 
ATOM   268 O OP1   . DA  A 1 14 ? 0.364   19.671  -15.337 1.00 75.07 ? 15  DA  A OP1   1 
ATOM   269 O OP2   . DA  A 1 14 ? -1.878  18.565  -15.952 1.00 73.92 ? 15  DA  A OP2   1 
ATOM   270 O "O5'" . DA  A 1 14 ? -0.656  19.985  -17.590 1.00 69.96 ? 15  DA  A "O5'" 1 
ATOM   271 C "C5'" . DA  A 1 14 ? 0.492   20.489  -18.251 1.00 68.66 ? 15  DA  A "C5'" 1 
ATOM   272 C "C4'" . DA  A 1 14 ? 0.096   21.578  -19.221 1.00 70.58 ? 15  DA  A "C4'" 1 
ATOM   273 O "O4'" . DA  A 1 14 ? -0.503  22.684  -18.492 1.00 68.83 ? 15  DA  A "O4'" 1 
ATOM   274 C "C3'" . DA  A 1 14 ? 1.292   22.170  -19.969 1.00 74.00 ? 15  DA  A "C3'" 1 
ATOM   275 O "O3'" . DA  A 1 14 ? 0.934   22.745  -21.228 1.00 86.70 ? 15  DA  A "O3'" 1 
ATOM   276 C "C2'" . DA  A 1 14 ? 1.649   23.365  -19.114 1.00 72.08 ? 15  DA  A "C2'" 1 
ATOM   277 C "C1'" . DA  A 1 14 ? 0.272   23.853  -18.697 1.00 63.89 ? 15  DA  A "C1'" 1 
ATOM   278 N N9    . DA  A 1 14 ? 0.312   24.636  -17.462 1.00 58.95 ? 15  DA  A N9    1 
ATOM   279 C C8    . DA  A 1 14 ? 0.587   24.231  -16.182 1.00 57.54 ? 15  DA  A C8    1 
ATOM   280 N N7    . DA  A 1 14 ? 0.680   25.219  -15.324 1.00 56.91 ? 15  DA  A N7    1 
ATOM   281 C C5    . DA  A 1 14 ? 0.423   26.350  -16.087 1.00 57.76 ? 15  DA  A C5    1 
ATOM   282 C C6    . DA  A 1 14 ? 0.403   27.736  -15.778 1.00 56.37 ? 15  DA  A C6    1 
ATOM   283 N N6    . DA  A 1 14 ? 0.700   28.240  -14.577 1.00 56.21 ? 15  DA  A N6    1 
ATOM   284 N N1    . DA  A 1 14 ? 0.082   28.598  -16.772 1.00 56.02 ? 15  DA  A N1    1 
ATOM   285 C C2    . DA  A 1 14 ? -0.178  28.102  -17.988 1.00 58.08 ? 15  DA  A C2    1 
ATOM   286 N N3    . DA  A 1 14 ? -0.166  26.830  -18.407 1.00 59.17 ? 15  DA  A N3    1 
ATOM   287 C C4    . DA  A 1 14 ? 0.151   26.000  -17.397 1.00 58.22 ? 15  DA  A C4    1 
ATOM   288 O "O5'" . DA  B 2 1  ? 9.630   2.446   -21.665 1.00 67.50 ? 16  DA  B "O5'" 1 
ATOM   289 C "C5'" . DA  B 2 1  ? 10.898  1.798   -21.610 1.00 71.31 ? 16  DA  B "C5'" 1 
ATOM   290 C "C4'" . DA  B 2 1  ? 11.904  2.413   -20.663 1.00 68.03 ? 16  DA  B "C4'" 1 
ATOM   291 O "O4'" . DA  B 2 1  ? 12.296  3.717   -21.161 1.00 62.49 ? 16  DA  B "O4'" 1 
ATOM   292 C "C3'" A DA  B 2 1  ? 11.841  2.649   -19.111 0.50 67.33 ? 16  DA  B "C3'" 1 
ATOM   293 C "C3'" B DA  B 2 1  ? 11.230  2.723   -19.368 0.50 63.14 ? 16  DA  B "C3'" 1 
ATOM   294 O "O3'" A DA  B 2 1  ? 13.101  2.322   -18.468 0.50 65.21 ? 16  DA  B "O3'" 1 
ATOM   295 O "O3'" B DA  B 2 1  ? 11.385  1.833   -18.270 0.50 57.11 ? 16  DA  B "O3'" 1 
ATOM   296 C "C2'" . DA  B 2 1  ? 11.348  4.089   -19.017 1.00 62.05 ? 16  DA  B "C2'" 1 
ATOM   297 C "C1'" . DA  B 2 1  ? 12.066  4.733   -20.189 1.00 55.77 ? 16  DA  B "C1'" 1 
ATOM   298 N N9    . DA  B 2 1  ? 11.100  5.668   -20.756 1.00 51.24 ? 16  DA  B N9    1 
ATOM   299 C C8    . DA  B 2 1  ? 10.269  5.473   -21.834 1.00 49.77 ? 16  DA  B C8    1 
ATOM   300 N N7    . DA  B 2 1  ? 9.415   6.457   -22.029 1.00 47.25 ? 16  DA  B N7    1 
ATOM   301 C C5    . DA  B 2 1  ? 9.733   7.367   -21.034 1.00 46.19 ? 16  DA  B C5    1 
ATOM   302 C C6    . DA  B 2 1  ? 9.200   8.607   -20.705 1.00 44.45 ? 16  DA  B C6    1 
ATOM   303 N N6    . DA  B 2 1  ? 8.198   9.176   -21.379 1.00 45.43 ? 16  DA  B N6    1 
ATOM   304 N N1    . DA  B 2 1  ? 9.735   9.259   -19.652 1.00 44.49 ? 16  DA  B N1    1 
ATOM   305 C C2    . DA  B 2 1  ? 10.752  8.690   -18.994 1.00 45.29 ? 16  DA  B C2    1 
ATOM   306 N N3    . DA  B 2 1  ? 11.346  7.528   -19.215 1.00 45.70 ? 16  DA  B N3    1 
ATOM   307 C C4    . DA  B 2 1  ? 10.779  6.905   -20.256 1.00 47.52 ? 16  DA  B C4    1 
ATOM   308 P P     A DT  B 2 2  ? 13.234  2.358   -16.863 0.50 64.24 ? 17  DT  B P     1 
ATOM   309 P P     B DT  B 2 2  ? 10.144  1.653   -17.252 0.50 49.34 ? 17  DT  B P     1 
ATOM   310 O OP1   A DT  B 2 2  ? 14.620  2.731   -16.483 0.50 61.47 ? 17  DT  B OP1   1 
ATOM   311 O OP1   B DT  B 2 2  ? 10.456  0.564   -16.300 0.50 51.29 ? 17  DT  B OP1   1 
ATOM   312 O OP2   A DT  B 2 2  ? 12.634  1.119   -16.302 0.50 62.85 ? 17  DT  B OP2   1 
ATOM   313 O OP2   B DT  B 2 2  ? 8.908   1.582   -18.064 0.50 47.39 ? 17  DT  B OP2   1 
ATOM   314 O "O5'" A DT  B 2 2  ? 12.307  3.583   -16.479 0.50 60.10 ? 17  DT  B "O5'" 1 
ATOM   315 O "O5'" B DT  B 2 2  ? 10.125  3.017   -16.429 0.50 50.30 ? 17  DT  B "O5'" 1 
ATOM   316 C "C5'" A DT  B 2 2  ? 11.186  3.408   -15.647 0.50 57.15 ? 17  DT  B "C5'" 1 
ATOM   317 C "C5'" B DT  B 2 2  ? 11.278  3.408   -15.682 0.50 54.00 ? 17  DT  B "C5'" 1 
ATOM   318 C "C4'" A DT  B 2 2  ? 11.019  4.634   -14.789 0.50 56.28 ? 17  DT  B "C4'" 1 
ATOM   319 C "C4'" B DT  B 2 2  ? 11.010  4.618   -14.812 0.50 55.36 ? 17  DT  B "C4'" 1 
ATOM   320 O "O4'" . DT  B 2 2  ? 10.684  5.871   -15.613 1.00 52.08 ? 17  DT  B "O4'" 1 
ATOM   321 C "C3'" . DT  B 2 2  ? 10.008  4.473   -13.810 1.00 58.17 ? 17  DT  B "C3'" 1 
ATOM   322 O "O3'" . DT  B 2 2  ? 10.403  5.046   -12.577 1.00 66.70 ? 17  DT  B "O3'" 1 
ATOM   323 C "C2'" . DT  B 2 2  ? 8.812   5.209   -14.372 1.00 59.81 ? 17  DT  B "C2'" 1 
ATOM   324 C "C1'" . DT  B 2 2  ? 9.455   6.369   -15.112 1.00 51.43 ? 17  DT  B "C1'" 1 
ATOM   325 N N1    . DT  B 2 2  ? 8.647   6.822   -16.253 1.00 43.22 ? 17  DT  B N1    1 
ATOM   326 C C2    . DT  B 2 2  ? 8.202   8.123   -16.275 1.00 41.39 ? 17  DT  B C2    1 
ATOM   327 O O2    . DT  B 2 2  ? 8.479   8.924   -15.421 1.00 42.32 ? 17  DT  B O2    1 
ATOM   328 N N3    . DT  B 2 2  ? 7.423   8.445   -17.352 1.00 42.08 ? 17  DT  B N3    1 
ATOM   329 C C4    . DT  B 2 2  ? 7.082   7.613   -18.409 1.00 43.54 ? 17  DT  B C4    1 
ATOM   330 O O4    . DT  B 2 2  ? 6.393   8.039   -19.338 1.00 46.12 ? 17  DT  B O4    1 
ATOM   331 C C5    . DT  B 2 2  ? 7.598   6.268   -18.321 1.00 42.37 ? 17  DT  B C5    1 
ATOM   332 C C7    . DT  B 2 2  ? 7.285   5.302   -19.411 1.00 45.01 ? 17  DT  B C7    1 
ATOM   333 C C6    . DT  B 2 2  ? 8.341   5.945   -17.263 1.00 42.56 ? 17  DT  B C6    1 
ATOM   334 P P     . DC  B 2 3  ? 9.762   4.505   -11.222 1.00 71.08 ? 18  DC  B P     1 
ATOM   335 O OP1   . DC  B 2 3  ? 10.864  4.377   -10.235 1.00 69.13 ? 18  DC  B OP1   1 
ATOM   336 O OP2   . DC  B 2 3  ? 8.901   3.333   -11.548 1.00 69.07 ? 18  DC  B OP2   1 
ATOM   337 O "O5'" . DC  B 2 3  ? 8.842   5.710   -10.777 1.00 62.91 ? 18  DC  B "O5'" 1 
ATOM   338 C "C5'" . DC  B 2 3  ? 9.412   6.988   -10.625 1.00 47.58 ? 18  DC  B "C5'" 1 
ATOM   339 C "C4'" . DC  B 2 3  ? 8.325   8.025   -10.595 1.00 42.53 ? 18  DC  B "C4'" 1 
ATOM   340 O "O4'" . DC  B 2 3  ? 7.745   8.209   -11.916 1.00 39.95 ? 18  DC  B "O4'" 1 
ATOM   341 C "C3'" . DC  B 2 3  ? 7.176   7.664   -9.659  1.00 38.96 ? 18  DC  B "C3'" 1 
ATOM   342 O "O3'" . DC  B 2 3  ? 6.945   8.782   -8.788  1.00 42.00 ? 18  DC  B "O3'" 1 
ATOM   343 C "C2'" . DC  B 2 3  ? 6.018   7.396   -10.616 1.00 39.40 ? 18  DC  B "C2'" 1 
ATOM   344 C "C1'" . DC  B 2 3  ? 6.349   8.311   -11.778 1.00 36.78 ? 18  DC  B "C1'" 1 
ATOM   345 N N1    . DC  B 2 3  ? 5.739   8.013   -13.081 1.00 39.28 ? 18  DC  B N1    1 
ATOM   346 C C2    . DC  B 2 3  ? 5.023   9.018   -13.727 1.00 41.05 ? 18  DC  B C2    1 
ATOM   347 O O2    . DC  B 2 3  ? 4.925   10.116  -13.172 1.00 45.60 ? 18  DC  B O2    1 
ATOM   348 N N3    . DC  B 2 3  ? 4.462   8.767   -14.935 1.00 38.40 ? 18  DC  B N3    1 
ATOM   349 C C4    . DC  B 2 3  ? 4.608   7.549   -15.492 1.00 40.12 ? 18  DC  B C4    1 
ATOM   350 N N4    . DC  B 2 3  ? 4.036   7.307   -16.689 1.00 41.58 ? 18  DC  B N4    1 
ATOM   351 C C5    . DC  B 2 3  ? 5.337   6.514   -14.852 1.00 38.32 ? 18  DC  B C5    1 
ATOM   352 C C6    . DC  B 2 3  ? 5.875   6.785   -13.658 1.00 40.59 ? 18  DC  B C6    1 
ATOM   353 P P     . DT  B 2 4  ? 6.234   8.565   -7.367  1.00 45.66 ? 19  DT  B P     1 
ATOM   354 O OP1   . DT  B 2 4  ? 6.990   9.264   -6.306  1.00 51.54 ? 19  DT  B OP1   1 
ATOM   355 O OP2   . DT  B 2 4  ? 5.941   7.121   -7.237  1.00 48.84 ? 19  DT  B OP2   1 
ATOM   356 O "O5'" . DT  B 2 4  ? 4.865   9.354   -7.522  1.00 48.98 ? 19  DT  B "O5'" 1 
ATOM   357 C "C5'" . DT  B 2 4  ? 4.352   9.591   -8.814  1.00 50.80 ? 19  DT  B "C5'" 1 
ATOM   358 C "C4'" . DT  B 2 4  ? 3.291   10.657  -8.781  1.00 43.43 ? 19  DT  B "C4'" 1 
ATOM   359 O "O4'" . DT  B 2 4  ? 2.801   10.693  -10.138 1.00 41.93 ? 19  DT  B "O4'" 1 
ATOM   360 C "C3'" . DT  B 2 4  ? 2.093   10.296  -7.911  1.00 48.37 ? 19  DT  B "C3'" 1 
ATOM   361 O "O3'" . DT  B 2 4  ? 1.486   11.444  -7.307  1.00 48.12 ? 19  DT  B "O3'" 1 
ATOM   362 C "C2'" . DT  B 2 4  ? 1.150   9.587   -8.865  1.00 46.38 ? 19  DT  B "C2'" 1 
ATOM   363 C "C1'" . DT  B 2 4  ? 1.490   10.166  -10.225 1.00 41.52 ? 19  DT  B "C1'" 1 
ATOM   364 N N1    . DT  B 2 4  ? 1.477   9.181   -11.321 1.00 35.59 ? 19  DT  B N1    1 
ATOM   365 C C2    . DT  B 2 4  ? 0.816   9.521   -12.482 1.00 34.37 ? 19  DT  B C2    1 
ATOM   366 O O2    . DT  B 2 4  ? 0.192   10.554  -12.604 1.00 39.90 ? 19  DT  B O2    1 
ATOM   367 N N3    . DT  B 2 4  ? 0.891   8.592   -13.482 1.00 31.61 ? 19  DT  B N3    1 
ATOM   368 C C4    . DT  B 2 4  ? 1.502   7.348   -13.415 1.00 32.03 ? 19  DT  B C4    1 
ATOM   369 O O4    . DT  B 2 4  ? 1.469   6.578   -14.394 1.00 32.96 ? 19  DT  B O4    1 
ATOM   370 C C5    . DT  B 2 4  ? 2.141   7.048   -12.159 1.00 33.16 ? 19  DT  B C5    1 
ATOM   371 C C7    . DT  B 2 4  ? 2.816   5.726   -12.003 1.00 36.15 ? 19  DT  B C7    1 
ATOM   372 C C6    . DT  B 2 4  ? 2.109   7.967   -11.187 1.00 33.57 ? 19  DT  B C6    1 
ATOM   373 P P     . DT  B 2 5  ? 0.284   11.240  -6.258  1.00 45.60 ? 20  DT  B P     1 
ATOM   374 O OP1   . DT  B 2 5  ? 0.375   12.246  -5.162  1.00 44.46 ? 20  DT  B OP1   1 
ATOM   375 O OP2   . DT  B 2 5  ? 0.263   9.793   -5.908  1.00 48.01 ? 20  DT  B OP2   1 
ATOM   376 O "O5'" . DT  B 2 5  ? -1.009  11.548  -7.149  1.00 47.91 ? 20  DT  B "O5'" 1 
ATOM   377 C "C5'" . DT  B 2 5  ? -1.139  12.789  -7.854  1.00 42.36 ? 20  DT  B "C5'" 1 
ATOM   378 C "C4'" . DT  B 2 5  ? -2.338  12.773  -8.782  1.00 40.03 ? 20  DT  B "C4'" 1 
ATOM   379 O "O4'" . DT  B 2 5  ? -2.056  11.963  -9.950  1.00 41.70 ? 20  DT  B "O4'" 1 
ATOM   380 C "C3'" . DT  B 2 5  ? -3.653  12.245  -8.195  1.00 46.47 ? 20  DT  B "C3'" 1 
ATOM   381 O "O3'" . DT  B 2 5  ? -4.701  13.211  -8.232  1.00 53.17 ? 20  DT  B "O3'" 1 
ATOM   382 C "C2'" . DT  B 2 5  ? -4.027  11.056  -9.068  1.00 42.59 ? 20  DT  B "C2'" 1 
ATOM   383 C "C1'" . DT  B 2 5  ? -3.223  11.254  -10.337 1.00 39.05 ? 20  DT  B "C1'" 1 
ATOM   384 N N1    . DT  B 2 5  ? -2.792  9.974   -10.954 1.00 40.39 ? 20  DT  B N1    1 
ATOM   385 C C2    . DT  B 2 5  ? -3.019  9.796   -12.297 1.00 41.25 ? 20  DT  B C2    1 
ATOM   386 O O2    . DT  B 2 5  ? -3.551  10.636  -12.984 1.00 44.40 ? 20  DT  B O2    1 
ATOM   387 N N3    . DT  B 2 5  ? -2.604  8.592   -12.799 1.00 43.28 ? 20  DT  B N3    1 
ATOM   388 C C4    . DT  B 2 5  ? -1.984  7.567   -12.103 1.00 43.40 ? 20  DT  B C4    1 
ATOM   389 O O4    . DT  B 2 5  ? -1.636  6.543   -12.687 1.00 43.55 ? 20  DT  B O4    1 
ATOM   390 C C5    . DT  B 2 5  ? -1.778  7.819   -10.702 1.00 42.67 ? 20  DT  B C5    1 
ATOM   391 C C7    . DT  B 2 5  ? -1.104  6.770   -9.872  1.00 42.71 ? 20  DT  B C7    1 
ATOM   392 C C6    . DT  B 2 5  ? -2.191  8.997   -10.201 1.00 39.57 ? 20  DT  B C6    1 
ATOM   393 P P     . DA  B 2 6  ? -5.967  13.044  -7.245  1.00 59.33 ? 21  DA  B P     1 
ATOM   394 O OP1   . DA  B 2 6  ? -6.179  14.333  -6.534  1.00 60.00 ? 21  DA  B OP1   1 
ATOM   395 O OP2   . DA  B 2 6  ? -5.834  11.795  -6.461  1.00 54.50 ? 21  DA  B OP2   1 
ATOM   396 O "O5'" . DA  B 2 6  ? -7.166  12.870  -8.271  1.00 64.80 ? 21  DA  B "O5'" 1 
ATOM   397 C "C5'" . DA  B 2 6  ? -7.286  13.767  -9.365  1.00 66.00 ? 21  DA  B "C5'" 1 
ATOM   398 C "C4'" . DA  B 2 6  ? -8.109  13.157  -10.474 1.00 63.91 ? 21  DA  B "C4'" 1 
ATOM   399 O "O4'" . DA  B 2 6  ? -7.402  12.047  -11.073 1.00 54.96 ? 21  DA  B "O4'" 1 
ATOM   400 C "C3'" . DA  B 2 6  ? -9.497  12.646  -10.088 1.00 60.22 ? 21  DA  B "C3'" 1 
ATOM   401 O "O3'" . DA  B 2 6  ? -10.446 13.126  -11.053 1.00 62.13 ? 21  DA  B "O3'" 1 
ATOM   402 C "C2'" . DA  B 2 6  ? -9.343  11.132  -10.101 1.00 53.23 ? 21  DA  B "C2'" 1 
ATOM   403 C "C1'" . DA  B 2 6  ? -8.220  10.885  -11.105 1.00 49.82 ? 21  DA  B "C1'" 1 
ATOM   404 N N9    . DA  B 2 6  ? -7.363  9.744   -10.767 1.00 47.59 ? 21  DA  B N9    1 
ATOM   405 C C8    . DA  B 2 6  ? -6.816  9.472   -9.536  1.00 46.06 ? 21  DA  B C8    1 
ATOM   406 N N7    . DA  B 2 6  ? -6.052  8.404   -9.521  1.00 48.90 ? 21  DA  B N7    1 
ATOM   407 C C5    . DA  B 2 6  ? -6.100  7.930   -10.826 1.00 46.32 ? 21  DA  B C5    1 
ATOM   408 C C6    . DA  B 2 6  ? -5.494  6.813   -11.463 1.00 46.64 ? 21  DA  B C6    1 
ATOM   409 N N6    . DA  B 2 6  ? -4.685  5.945   -10.846 1.00 43.13 ? 21  DA  B N6    1 
ATOM   410 N N1    . DA  B 2 6  ? -5.759  6.618   -12.774 1.00 44.64 ? 21  DA  B N1    1 
ATOM   411 C C2    . DA  B 2 6  ? -6.579  7.485   -13.393 1.00 44.71 ? 21  DA  B C2    1 
ATOM   412 N N3    . DA  B 2 6  ? -7.200  8.570   -12.904 1.00 43.37 ? 21  DA  B N3    1 
ATOM   413 C C4    . DA  B 2 6  ? -6.915  8.739   -11.606 1.00 45.46 ? 21  DA  B C4    1 
ATOM   414 P P     . DT  B 2 7  ? -11.965 12.604  -11.032 1.00 58.91 ? 22  DT  B P     1 
ATOM   415 O OP1   . DT  B 2 7  ? -12.749 13.716  -11.603 1.00 59.91 ? 22  DT  B OP1   1 
ATOM   416 O OP2   . DT  B 2 7  ? -12.330 12.073  -9.698  1.00 59.22 ? 22  DT  B OP2   1 
ATOM   417 O "O5'" . DT  B 2 7  ? -11.932 11.429  -12.107 1.00 47.11 ? 22  DT  B "O5'" 1 
ATOM   418 C "C5'" . DT  B 2 7  ? -11.488 11.709  -13.423 1.00 44.85 ? 22  DT  B "C5'" 1 
ATOM   419 C "C4'" . DT  B 2 7  ? -11.674 10.509  -14.318 1.00 51.77 ? 22  DT  B "C4'" 1 
ATOM   420 O "O4'" . DT  B 2 7  ? -10.749 9.452   -13.937 1.00 53.28 ? 22  DT  B "O4'" 1 
ATOM   421 C "C3'" . DT  B 2 7  ? -13.073 9.882   -14.336 1.00 52.24 ? 22  DT  B "C3'" 1 
ATOM   422 O "O3'" . DT  B 2 7  ? -13.431 9.577   -15.698 1.00 60.78 ? 22  DT  B "O3'" 1 
ATOM   423 C "C2'" . DT  B 2 7  ? -12.883 8.604   -13.535 1.00 48.36 ? 22  DT  B "C2'" 1 
ATOM   424 C "C1'" . DT  B 2 7  ? -11.444 8.229   -13.870 1.00 45.91 ? 22  DT  B "C1'" 1 
ATOM   425 N N1    . DT  B 2 7  ? -10.739 7.356   -12.901 1.00 44.08 ? 22  DT  B N1    1 
ATOM   426 C C2    . DT  B 2 7  ? -10.198 6.173   -13.378 1.00 43.30 ? 22  DT  B C2    1 
ATOM   427 O O2    . DT  B 2 7  ? -10.297 5.823   -14.545 1.00 39.92 ? 22  DT  B O2    1 
ATOM   428 N N3    . DT  B 2 7  ? -9.526  5.418   -12.435 1.00 43.17 ? 22  DT  B N3    1 
ATOM   429 C C4    . DT  B 2 7  ? -9.346  5.728   -11.096 1.00 42.28 ? 22  DT  B C4    1 
ATOM   430 O O4    . DT  B 2 7  ? -8.699  4.972   -10.369 1.00 40.96 ? 22  DT  B O4    1 
ATOM   431 C C5    . DT  B 2 7  ? -9.959  6.977   -10.661 1.00 40.60 ? 22  DT  B C5    1 
ATOM   432 C C7    . DT  B 2 7  ? -9.835  7.382   -9.229  1.00 38.65 ? 22  DT  B C7    1 
ATOM   433 C C6    . DT  B 2 7  ? -10.614 7.714   -11.574 1.00 41.80 ? 22  DT  B C6    1 
ATOM   434 P P     . DC  B 2 8  ? -14.982 9.495   -16.146 1.00 57.47 ? 23  DC  B P     1 
ATOM   435 O OP1   . DC  B 2 8  ? -15.059 10.027  -17.528 1.00 54.85 ? 23  DC  B OP1   1 
ATOM   436 O OP2   . DC  B 2 8  ? -15.866 10.074  -15.105 1.00 54.38 ? 23  DC  B OP2   1 
ATOM   437 O "O5'" . DC  B 2 8  ? -15.222 7.927   -16.260 1.00 54.08 ? 23  DC  B "O5'" 1 
ATOM   438 C "C5'" . DC  B 2 8  ? -14.521 7.159   -17.235 1.00 53.56 ? 23  DC  B "C5'" 1 
ATOM   439 C "C4'" . DC  B 2 8  ? -14.628 5.685   -16.916 1.00 61.61 ? 23  DC  B "C4'" 1 
ATOM   440 O "O4'" . DC  B 2 8  ? -13.802 5.335   -15.773 1.00 61.09 ? 23  DC  B "O4'" 1 
ATOM   441 C "C3'" . DC  B 2 8  ? -16.044 5.213   -16.567 1.00 60.50 ? 23  DC  B "C3'" 1 
ATOM   442 O "O3'" . DC  B 2 8  ? -16.254 3.894   -17.075 1.00 56.99 ? 23  DC  B "O3'" 1 
ATOM   443 C "C2'" . DC  B 2 8  ? -16.007 5.132   -15.055 1.00 57.59 ? 23  DC  B "C2'" 1 
ATOM   444 C "C1'" . DC  B 2 8  ? -14.602 4.591   -14.872 1.00 53.95 ? 23  DC  B "C1'" 1 
ATOM   445 N N1    . DC  B 2 8  ? -14.029 4.699   -13.529 1.00 46.57 ? 23  DC  B N1    1 
ATOM   446 C C2    . DC  B 2 8  ? -13.079 3.751   -13.152 1.00 45.25 ? 23  DC  B C2    1 
ATOM   447 O O2    . DC  B 2 8  ? -12.722 2.901   -13.986 1.00 42.93 ? 23  DC  B O2    1 
ATOM   448 N N3    . DC  B 2 8  ? -12.564 3.784   -11.899 1.00 43.93 ? 23  DC  B N3    1 
ATOM   449 C C4    . DC  B 2 8  ? -12.958 4.729   -11.040 1.00 44.67 ? 23  DC  B C4    1 
ATOM   450 N N4    . DC  B 2 8  ? -12.419 4.712   -9.807  1.00 44.91 ? 23  DC  B N4    1 
ATOM   451 C C5    . DC  B 2 8  ? -13.917 5.734   -11.408 1.00 43.41 ? 23  DC  B C5    1 
ATOM   452 C C6    . DC  B 2 8  ? -14.420 5.680   -12.655 1.00 44.09 ? 23  DC  B C6    1 
ATOM   453 P P     . DA  B 2 9  ? -17.611 3.560   -17.869 1.00 54.23 ? 24  DA  B P     1 
ATOM   454 O OP1   . DA  B 2 9  ? -17.535 4.455   -19.053 1.00 50.38 ? 24  DA  B OP1   1 
ATOM   455 O OP2   . DA  B 2 9  ? -18.756 3.684   -16.928 1.00 48.70 ? 24  DA  B OP2   1 
ATOM   456 O "O5'" . DA  B 2 9  ? -17.429 2.027   -18.290 1.00 46.80 ? 24  DA  B "O5'" 1 
ATOM   457 C "C5'" . DA  B 2 9  ? -16.232 1.580   -18.938 1.00 46.84 ? 24  DA  B "C5'" 1 
ATOM   458 C "C4'" . DA  B 2 9  ? -15.763 0.257   -18.358 1.00 50.10 ? 24  DA  B "C4'" 1 
ATOM   459 O "O4'" . DA  B 2 9  ? -15.170 0.435   -17.048 1.00 50.09 ? 24  DA  B "O4'" 1 
ATOM   460 C "C3'" . DA  B 2 9  ? -16.823 -0.832  -18.191 1.00 47.35 ? 24  DA  B "C3'" 1 
ATOM   461 O "O3'" . DA  B 2 9  ? -16.261 -2.110  -18.498 1.00 54.41 ? 24  DA  B "O3'" 1 
ATOM   462 C "C2'" . DA  B 2 9  ? -17.161 -0.772  -16.711 1.00 47.31 ? 24  DA  B "C2'" 1 
ATOM   463 C "C1'" . DA  B 2 9  ? -15.827 -0.383  -16.084 1.00 46.36 ? 24  DA  B "C1'" 1 
ATOM   464 N N9    . DA  B 2 9  ? -15.939 0.385   -14.835 1.00 46.74 ? 24  DA  B N9    1 
ATOM   465 C C8    . DA  B 2 9  ? -16.819 1.404   -14.541 1.00 46.50 ? 24  DA  B C8    1 
ATOM   466 N N7    . DA  B 2 9  ? -16.663 1.912   -13.341 1.00 44.39 ? 24  DA  B N7    1 
ATOM   467 C C5    . DA  B 2 9  ? -15.610 1.180   -12.806 1.00 46.79 ? 24  DA  B C5    1 
ATOM   468 C C6    . DA  B 2 9  ? -14.942 1.243   -11.564 1.00 46.50 ? 24  DA  B C6    1 
ATOM   469 N N6    . DA  B 2 9  ? -15.239 2.115   -10.601 1.00 48.51 ? 24  DA  B N6    1 
ATOM   470 N N1    . DA  B 2 9  ? -13.941 0.370   -11.347 1.00 46.18 ? 24  DA  B N1    1 
ATOM   471 C C2    . DA  B 2 9  ? -13.626 -0.495  -12.310 1.00 46.38 ? 24  DA  B C2    1 
ATOM   472 N N3    . DA  B 2 9  ? -14.166 -0.649  -13.523 1.00 46.50 ? 24  DA  B N3    1 
ATOM   473 C C4    . DA  B 2 9  ? -15.163 0.231   -13.711 1.00 46.49 ? 24  DA  B C4    1 
ATOM   474 P P     . DA  B 2 10 ? -17.161 -3.422  -18.340 1.00 60.18 ? 25  DA  B P     1 
ATOM   475 O OP1   . DA  B 2 10 ? -16.710 -4.416  -19.350 1.00 60.61 ? 25  DA  B OP1   1 
ATOM   476 O OP2   . DA  B 2 10 ? -18.576 -2.971  -18.325 1.00 62.47 ? 25  DA  B OP2   1 
ATOM   477 O "O5'" . DA  B 2 10 ? -16.812 -3.993  -16.888 1.00 63.07 ? 25  DA  B "O5'" 1 
ATOM   478 C "C5'" . DA  B 2 10 ? -15.579 -4.679  -16.653 1.00 61.15 ? 25  DA  B "C5'" 1 
ATOM   479 C "C4'" . DA  B 2 10 ? -15.497 -5.171  -15.224 1.00 54.00 ? 25  DA  B "C4'" 1 
ATOM   480 O "O4'" . DA  B 2 10 ? -15.568 -4.064  -14.285 1.00 53.51 ? 25  DA  B "O4'" 1 
ATOM   481 C "C3'" . DA  B 2 10 ? -16.575 -6.160  -14.785 1.00 49.40 ? 25  DA  B "C3'" 1 
ATOM   482 O "O3'" . DA  B 2 10 ? -15.982 -7.063  -13.865 1.00 51.58 ? 25  DA  B "O3'" 1 
ATOM   483 C "C2'" . DA  B 2 10 ? -17.517 -5.284  -13.978 1.00 47.99 ? 25  DA  B "C2'" 1 
ATOM   484 C "C1'" . DA  B 2 10 ? -16.522 -4.375  -13.286 1.00 47.35 ? 25  DA  B "C1'" 1 
ATOM   485 N N9    . DA  B 2 10 ? -17.062 -3.126  -12.741 1.00 44.40 ? 25  DA  B N9    1 
ATOM   486 C C8    . DA  B 2 10 ? -18.095 -2.367  -13.229 1.00 41.20 ? 25  DA  B C8    1 
ATOM   487 N N7    . DA  B 2 10 ? -18.389 -1.330  -12.476 1.00 41.36 ? 25  DA  B N7    1 
ATOM   488 C C5    . DA  B 2 10 ? -17.479 -1.400  -11.432 1.00 41.44 ? 25  DA  B C5    1 
ATOM   489 C C6    . DA  B 2 10 ? -17.275 -0.597  -10.299 1.00 41.77 ? 25  DA  B C6    1 
ATOM   490 N N6    . DA  B 2 10 ? -18.005 0.493   -10.018 1.00 45.41 ? 25  DA  B N6    1 
ATOM   491 N N1    . DA  B 2 10 ? -16.283 -0.944  -9.450  1.00 40.58 ? 25  DA  B N1    1 
ATOM   492 C C2    . DA  B 2 10 ? -15.553 -2.017  -9.733  1.00 42.37 ? 25  DA  B C2    1 
ATOM   493 N N3    . DA  B 2 10 ? -15.643 -2.850  -10.764 1.00 43.76 ? 25  DA  B N3    1 
ATOM   494 C C4    . DA  B 2 10 ? -16.642 -2.486  -11.587 1.00 42.94 ? 25  DA  B C4    1 
ATOM   495 P P     . DA  B 2 11 ? -15.919 -8.625  -14.188 1.00 56.12 ? 26  DA  B P     1 
ATOM   496 O OP1   . DA  B 2 11 ? -15.113 -8.800  -15.417 1.00 57.96 ? 26  DA  B OP1   1 
ATOM   497 O OP2   . DA  B 2 11 ? -17.270 -9.220  -14.103 1.00 57.41 ? 26  DA  B OP2   1 
ATOM   498 O "O5'" . DA  B 2 11 ? -15.069 -9.186  -12.966 1.00 56.96 ? 26  DA  B "O5'" 1 
ATOM   499 C "C5'" . DA  B 2 11 ? -13.746 -8.712  -12.718 1.00 50.76 ? 26  DA  B "C5'" 1 
ATOM   500 C "C4'" . DA  B 2 11 ? -13.514 -8.562  -11.233 1.00 48.48 ? 26  DA  B "C4'" 1 
ATOM   501 O "O4'" . DA  B 2 11 ? -14.163 -7.379  -10.690 1.00 48.84 ? 26  DA  B "O4'" 1 
ATOM   502 C "C3'" . DA  B 2 11 ? -14.014 -9.736  -10.399 1.00 42.54 ? 26  DA  B "C3'" 1 
ATOM   503 O "O3'" . DA  B 2 11 ? -13.046 -9.988  -9.405  1.00 41.22 ? 26  DA  B "O3'" 1 
ATOM   504 C "C2'" . DA  B 2 11 ? -15.296 -9.215  -9.774  1.00 41.65 ? 26  DA  B "C2'" 1 
ATOM   505 C "C1'" . DA  B 2 11 ? -15.006 -7.731  -9.596  1.00 42.05 ? 26  DA  B "C1'" 1 
ATOM   506 N N9    . DA  B 2 11 ? -16.198 -6.872  -9.663  1.00 38.43 ? 26  DA  B N9    1 
ATOM   507 C C8    . DA  B 2 11 ? -17.192 -6.937  -10.608 1.00 36.78 ? 26  DA  B C8    1 
ATOM   508 N N7    . DA  B 2 11 ? -18.124 -6.024  -10.462 1.00 37.79 ? 26  DA  B N7    1 
ATOM   509 C C5    . DA  B 2 11 ? -17.722 -5.307  -9.347  1.00 37.43 ? 26  DA  B C5    1 
ATOM   510 C C6    . DA  B 2 11 ? -18.288 -4.188  -8.684  1.00 37.14 ? 26  DA  B C6    1 
ATOM   511 N N6    . DA  B 2 11 ? -19.402 -3.572  -9.095  1.00 32.87 ? 26  DA  B N6    1 
ATOM   512 N N1    . DA  B 2 11 ? -17.663 -3.725  -7.583  1.00 34.85 ? 26  DA  B N1    1 
ATOM   513 C C2    . DA  B 2 11 ? -16.526 -4.341  -7.193  1.00 38.44 ? 26  DA  B C2    1 
ATOM   514 N N3    . DA  B 2 11 ? -15.885 -5.385  -7.744  1.00 35.97 ? 26  DA  B N3    1 
ATOM   515 C C4    . DA  B 2 11 ? -16.545 -5.828  -8.828  1.00 37.34 ? 26  DA  B C4    1 
ATOM   516 P P     . DA  B 2 12 ? -13.232 -11.224 -8.425  1.00 46.76 ? 27  DA  B P     1 
ATOM   517 O OP1   . DA  B 2 12 ? -11.837 -11.572 -8.048  1.00 50.35 ? 27  DA  B OP1   1 
ATOM   518 O OP2   . DA  B 2 12 ? -14.094 -12.224 -9.077  1.00 46.95 ? 27  DA  B OP2   1 
ATOM   519 O "O5'" . DA  B 2 12 ? -13.991 -10.601 -7.172  1.00 51.23 ? 27  DA  B "O5'" 1 
ATOM   520 C "C5'" . DA  B 2 12 ? -13.359 -9.593  -6.385  1.00 51.45 ? 27  DA  B "C5'" 1 
ATOM   521 C "C4'" . DA  B 2 12 ? -14.174 -9.312  -5.150  1.00 44.62 ? 27  DA  B "C4'" 1 
ATOM   522 O "O4'" . DA  B 2 12 ? -15.313 -8.474  -5.472  1.00 46.78 ? 27  DA  B "O4'" 1 
ATOM   523 C "C3'" . DA  B 2 12 ? -14.742 -10.580 -4.518  1.00 43.67 ? 27  DA  B "C3'" 1 
ATOM   524 O "O3'" . DA  B 2 12 ? -14.762 -10.440 -3.100  1.00 51.90 ? 27  DA  B "O3'" 1 
ATOM   525 C "C2'" . DA  B 2 12 ? -16.156 -10.631 -5.061  1.00 41.29 ? 27  DA  B "C2'" 1 
ATOM   526 C "C1'" . DA  B 2 12 ? -16.502 -9.154  -5.104  1.00 42.63 ? 27  DA  B "C1'" 1 
ATOM   527 N N9    . DA  B 2 12 ? -17.534 -8.773  -6.056  1.00 41.55 ? 27  DA  B N9    1 
ATOM   528 C C8    . DA  B 2 12 ? -17.931 -9.366  -7.231  1.00 40.19 ? 27  DA  B C8    1 
ATOM   529 N N7    . DA  B 2 12 ? -18.892 -8.715  -7.847  1.00 43.36 ? 27  DA  B N7    1 
ATOM   530 C C5    . DA  B 2 12 ? -19.147 -7.622  -7.012  1.00 41.83 ? 27  DA  B C5    1 
ATOM   531 C C6    . DA  B 2 12 ? -20.048 -6.535  -7.096  1.00 41.26 ? 27  DA  B C6    1 
ATOM   532 N N6    . DA  B 2 12 ? -20.904 -6.349  -8.099  1.00 41.68 ? 27  DA  B N6    1 
ATOM   533 N N1    . DA  B 2 12 ? -20.033 -5.629  -6.093  1.00 40.19 ? 27  DA  B N1    1 
ATOM   534 C C2    . DA  B 2 12 ? -19.164 -5.801  -5.086  1.00 40.71 ? 27  DA  B C2    1 
ATOM   535 N N3    . DA  B 2 12 ? -18.277 -6.766  -4.895  1.00 39.26 ? 27  DA  B N3    1 
ATOM   536 C C4    . DA  B 2 12 ? -18.320 -7.654  -5.906  1.00 41.93 ? 27  DA  B C4    1 
ATOM   537 P P     . DA  B 2 13 ? -14.891 -11.741 -2.192  1.00 59.33 ? 28  DA  B P     1 
ATOM   538 O OP1   . DA  B 2 13 ? -13.760 -11.719 -1.245  1.00 61.05 ? 28  DA  B OP1   1 
ATOM   539 O OP2   . DA  B 2 13 ? -15.069 -12.909 -3.094  1.00 63.81 ? 28  DA  B OP2   1 
ATOM   540 O "O5'" . DA  B 2 13 ? -16.251 -11.506 -1.401  1.00 61.22 ? 28  DA  B "O5'" 1 
ATOM   541 C "C5'" . DA  B 2 13 ? -16.396 -10.378 -0.562  1.00 62.31 ? 28  DA  B "C5'" 1 
ATOM   542 C "C4'" . DA  B 2 13 ? -17.855 -10.080 -0.326  1.00 63.16 ? 28  DA  B "C4'" 1 
ATOM   543 O "O4'" . DA  B 2 13 ? -18.399 -9.345  -1.454  1.00 54.03 ? 28  DA  B "O4'" 1 
ATOM   544 C "C3'" . DA  B 2 13 ? -18.749 -11.311 -0.119  1.00 59.20 ? 28  DA  B "C3'" 1 
ATOM   545 O "O3'" . DA  B 2 13 ? -19.548 -11.206 1.060   1.00 60.99 ? 28  DA  B "O3'" 1 
ATOM   546 C "C2'" . DA  B 2 13 ? -19.684 -11.265 -1.307  1.00 57.53 ? 28  DA  B "C2'" 1 
ATOM   547 C "C1'" . DA  B 2 13 ? -19.721 -9.782  -1.630  1.00 50.23 ? 28  DA  B "C1'" 1 
ATOM   548 N N9    . DA  B 2 13 ? -20.155 -9.523  -3.005  1.00 44.13 ? 28  DA  B N9    1 
ATOM   549 C C8    . DA  B 2 13 ? -19.898 -10.273 -4.120  1.00 41.16 ? 28  DA  B C8    1 
ATOM   550 N N7    . DA  B 2 13 ? -20.626 -9.935  -5.158  1.00 42.13 ? 28  DA  B N7    1 
ATOM   551 C C5    . DA  B 2 13 ? -21.368 -8.856  -4.709  1.00 41.27 ? 28  DA  B C5    1 
ATOM   552 C C6    . DA  B 2 13 ? -22.359 -8.077  -5.314  1.00 42.01 ? 28  DA  B C6    1 
ATOM   553 N N6    . DA  B 2 13 ? -22.801 -8.283  -6.562  1.00 44.66 ? 28  DA  B N6    1 
ATOM   554 N N1    . DA  B 2 13 ? -22.895 -7.072  -4.592  1.00 39.21 ? 28  DA  B N1    1 
ATOM   555 C C2    . DA  B 2 13 ? -22.461 -6.881  -3.363  1.00 39.89 ? 28  DA  B C2    1 
ATOM   556 N N3    . DA  B 2 13 ? -21.547 -7.550  -2.675  1.00 40.38 ? 28  DA  B N3    1 
ATOM   557 C C4    . DA  B 2 13 ? -21.037 -8.546  -3.411  1.00 42.33 ? 28  DA  B C4    1 
ATOM   558 P P     . DC  B 2 14 ? -20.489 -12.443 1.502   1.00 58.40 ? 29  DC  B P     1 
ATOM   559 O OP1   . DC  B 2 14 ? -20.159 -12.782 2.908   1.00 59.36 ? 29  DC  B OP1   1 
ATOM   560 O OP2   . DC  B 2 14 ? -20.462 -13.504 0.467   1.00 58.79 ? 29  DC  B OP2   1 
ATOM   561 O "O5'" . DC  B 2 14 ? -21.945 -11.817 1.490   1.00 55.60 ? 29  DC  B "O5'" 1 
ATOM   562 C "C5'" . DC  B 2 14 ? -22.209 -10.577 2.135   1.00 56.09 ? 29  DC  B "C5'" 1 
ATOM   563 C "C4'" . DC  B 2 14 ? -23.596 -10.109 1.774   1.00 56.95 ? 29  DC  B "C4'" 1 
ATOM   564 O "O4'" . DC  B 2 14 ? -23.616 -9.756  0.367   1.00 56.54 ? 29  DC  B "O4'" 1 
ATOM   565 C "C3'" . DC  B 2 14 ? -24.654 -11.204 1.949   1.00 56.56 ? 29  DC  B "C3'" 1 
ATOM   566 O "O3'" . DC  B 2 14 ? -25.900 -10.650 2.369   1.00 64.98 ? 29  DC  B "O3'" 1 
ATOM   567 C "C2'" . DC  B 2 14 ? -24.806 -11.763 0.544   1.00 56.53 ? 29  DC  B "C2'" 1 
ATOM   568 C "C1'" . DC  B 2 14 ? -24.609 -10.514 -0.297  1.00 53.03 ? 29  DC  B "C1'" 1 
ATOM   569 N N1    . DC  B 2 14 ? -24.172 -10.743 -1.686  1.00 55.70 ? 29  DC  B N1    1 
ATOM   570 C C2    . DC  B 2 14 ? -24.772 -9.991  -2.691  1.00 57.97 ? 29  DC  B C2    1 
ATOM   571 O O2    . DC  B 2 14 ? -25.592 -9.116  -2.370  1.00 60.37 ? 29  DC  B O2    1 
ATOM   572 N N3    . DC  B 2 14 ? -24.453 -10.231 -3.985  1.00 58.50 ? 29  DC  B N3    1 
ATOM   573 C C4    . DC  B 2 14 ? -23.576 -11.189 -4.286  1.00 59.68 ? 29  DC  B C4    1 
ATOM   574 N N4    . DC  B 2 14 ? -23.363 -11.447 -5.581  1.00 59.00 ? 29  DC  B N4    1 
ATOM   575 C C5    . DC  B 2 14 ? -22.901 -11.940 -3.275  1.00 56.85 ? 29  DC  B C5    1 
ATOM   576 C C6    . DC  B 2 14 ? -23.226 -11.684 -1.999  1.00 55.76 ? 29  DC  B C6    1 
ATOM   577 N N     . GLY C 3 1  ? -20.894 -4.676  -0.288  1.00 59.11 ? 139 GLY C N     1 
ATOM   578 C CA    . GLY C 3 1  ? -19.842 -4.259  -1.232  1.00 55.23 ? 139 GLY C CA    1 
ATOM   579 C C     . GLY C 3 1  ? -18.620 -5.162  -1.225  1.00 55.47 ? 139 GLY C C     1 
ATOM   580 O O     . GLY C 3 1  ? -18.538 -6.150  -0.484  1.00 54.72 ? 139 GLY C O     1 
ATOM   581 N N     . ARG C 3 2  ? -17.667 -4.818  -2.088  1.00 54.57 ? 140 ARG C N     1 
ATOM   582 C CA    . ARG C 3 2  ? -16.418 -5.548  -2.204  1.00 48.95 ? 140 ARG C CA    1 
ATOM   583 C C     . ARG C 3 2  ? -15.561 -5.216  -0.995  1.00 47.21 ? 140 ARG C C     1 
ATOM   584 O O     . ARG C 3 2  ? -15.542 -4.076  -0.518  1.00 47.68 ? 140 ARG C O     1 
ATOM   585 C CB    . ARG C 3 2  ? -15.703 -5.136  -3.486  1.00 43.84 ? 140 ARG C CB    1 
ATOM   586 C CG    . ARG C 3 2  ? -14.398 -5.858  -3.787  1.00 34.25 ? 140 ARG C CG    1 
ATOM   587 C CD    . ARG C 3 2  ? -13.889 -5.451  -5.187  1.00 35.58 ? 140 ARG C CD    1 
ATOM   588 N NE    . ARG C 3 2  ? -12.595 -6.056  -5.449  1.00 43.81 ? 140 ARG C NE    1 
ATOM   589 C CZ    . ARG C 3 2  ? -12.064 -6.261  -6.652  1.00 41.26 ? 140 ARG C CZ    1 
ATOM   590 N NH1   . ARG C 3 2  ? -12.709 -5.905  -7.762  1.00 31.71 ? 140 ARG C NH1   1 
ATOM   591 N NH2   . ARG C 3 2  ? -10.875 -6.848  -6.725  1.00 38.29 ? 140 ARG C NH2   1 
ATOM   592 N N     . PRO C 3 3  ? -14.864 -6.219  -0.456  1.00 44.51 ? 141 PRO C N     1 
ATOM   593 C CA    . PRO C 3 3  ? -14.003 -6.013  0.707   1.00 44.96 ? 141 PRO C CA    1 
ATOM   594 C C     . PRO C 3 3  ? -12.762 -5.218  0.312   1.00 44.61 ? 141 PRO C C     1 
ATOM   595 O O     . PRO C 3 3  ? -12.410 -5.172  -0.860  1.00 47.95 ? 141 PRO C O     1 
ATOM   596 C CB    . PRO C 3 3  ? -13.681 -7.432  1.142   1.00 46.79 ? 141 PRO C CB    1 
ATOM   597 C CG    . PRO C 3 3  ? -13.704 -8.199  -0.138  1.00 46.76 ? 141 PRO C CG    1 
ATOM   598 C CD    . PRO C 3 3  ? -14.917 -7.641  -0.830  1.00 44.83 ? 141 PRO C CD    1 
ATOM   599 N N     . ARG C 3 4  ? -12.120 -4.568  1.278   1.00 44.33 ? 142 ARG C N     1 
ATOM   600 C CA    . ARG C 3 4  ? -10.926 -3.788  0.993   1.00 45.37 ? 142 ARG C CA    1 
ATOM   601 C C     . ARG C 3 4  ? -9.725  -4.710  0.747   1.00 49.59 ? 142 ARG C C     1 
ATOM   602 O O     . ARG C 3 4  ? -9.718  -5.878  1.171   1.00 52.60 ? 142 ARG C O     1 
ATOM   603 C CB    . ARG C 3 4  ? -10.663 -2.818  2.142   1.00 48.07 ? 142 ARG C CB    1 
ATOM   604 C CG    . ARG C 3 4  ? -11.590 -1.599  2.122   1.00 45.45 ? 142 ARG C CG    1 
ATOM   605 C CD    . ARG C 3 4  ? -11.406 -0.743  3.357   1.00 47.04 ? 142 ARG C CD    1 
ATOM   606 N NE    . ARG C 3 4  ? -12.081 0.548   3.249   1.00 52.20 ? 142 ARG C NE    1 
ATOM   607 C CZ    . ARG C 3 4  ? -11.624 1.566   2.525   1.00 60.60 ? 142 ARG C CZ    1 
ATOM   608 N NH1   . ARG C 3 4  ? -10.487 1.436   1.846   1.00 65.32 ? 142 ARG C NH1   1 
ATOM   609 N NH2   . ARG C 3 4  ? -12.297 2.715   2.478   1.00 63.43 ? 142 ARG C NH2   1 
ATOM   610 N N     . ALA C 3 5  ? -8.715  -4.206  0.048   1.00 50.56 ? 143 ALA C N     1 
ATOM   611 C CA    . ALA C 3 5  ? -7.552  -5.030  -0.268  1.00 51.88 ? 143 ALA C CA    1 
ATOM   612 C C     . ALA C 3 5  ? -6.611  -5.240  0.897   1.00 51.26 ? 143 ALA C C     1 
ATOM   613 O O     . ALA C 3 5  ? -5.983  -6.295  1.021   1.00 49.21 ? 143 ALA C O     1 
ATOM   614 C CB    . ALA C 3 5  ? -6.786  -4.415  -1.432  1.00 53.54 ? 143 ALA C CB    1 
ATOM   615 N N     . ILE C 3 6  ? -6.543  -4.223  1.749   1.00 52.01 ? 144 ILE C N     1 
ATOM   616 C CA    . ILE C 3 6  ? -5.672  -4.203  2.922   1.00 49.76 ? 144 ILE C CA    1 
ATOM   617 C C     . ILE C 3 6  ? -6.411  -3.757  4.180   1.00 49.26 ? 144 ILE C C     1 
ATOM   618 O O     . ILE C 3 6  ? -6.992  -2.682  4.212   1.00 48.90 ? 144 ILE C O     1 
ATOM   619 C CB    . ILE C 3 6  ? -4.519  -3.225  2.690   1.00 49.54 ? 144 ILE C CB    1 
ATOM   620 C CG1   . ILE C 3 6  ? -5.071  -1.925  2.103   1.00 47.64 ? 144 ILE C CG1   1 
ATOM   621 C CG2   . ILE C 3 6  ? -3.526  -3.797  1.725   1.00 48.16 ? 144 ILE C CG2   1 
ATOM   622 C CD1   . ILE C 3 6  ? -4.008  -0.908  1.809   1.00 49.31 ? 144 ILE C CD1   1 
ATOM   623 N N     . ASN C 3 7  ? -6.383  -4.574  5.224   1.00 49.81 ? 145 ASN C N     1 
ATOM   624 C CA    . ASN C 3 7  ? -7.047  -4.200  6.462   1.00 51.75 ? 145 ASN C CA    1 
ATOM   625 C C     . ASN C 3 7  ? -6.217  -3.102  7.103   1.00 53.95 ? 145 ASN C C     1 
ATOM   626 O O     . ASN C 3 7  ? -5.142  -2.773  6.598   1.00 55.22 ? 145 ASN C O     1 
ATOM   627 C CB    . ASN C 3 7  ? -7.137  -5.399  7.381   1.00 48.92 ? 145 ASN C CB    1 
ATOM   628 C CG    . ASN C 3 7  ? -5.822  -6.083  7.539   1.00 48.80 ? 145 ASN C CG    1 
ATOM   629 O OD1   . ASN C 3 7  ? -4.840  -5.462  7.943   1.00 54.93 ? 145 ASN C OD1   1 
ATOM   630 N ND2   . ASN C 3 7  ? -5.778  -7.372  7.215   1.00 54.82 ? 145 ASN C ND2   1 
ATOM   631 N N     . LYS C 3 8  ? -6.691  -2.552  8.219   1.00 55.42 ? 146 LYS C N     1 
ATOM   632 C CA    . LYS C 3 8  ? -5.982  -1.458  8.894   1.00 58.24 ? 146 LYS C CA    1 
ATOM   633 C C     . LYS C 3 8  ? -4.591  -1.830  9.368   1.00 58.39 ? 146 LYS C C     1 
ATOM   634 O O     . LYS C 3 8  ? -3.658  -1.040  9.266   1.00 59.41 ? 146 LYS C O     1 
ATOM   635 C CB    . LYS C 3 8  ? -6.824  -0.925  10.065  1.00 62.81 ? 146 LYS C CB    1 
ATOM   636 C CG    . LYS C 3 8  ? -8.098  -0.184  9.601   1.00 73.36 ? 146 LYS C CG    1 
ATOM   637 N N     . HIS C 3 9  ? -4.438  -3.044  9.872   1.00 60.35 ? 147 HIS C N     1 
ATOM   638 C CA    . HIS C 3 9  ? -3.133  -3.495  10.353  1.00 63.60 ? 147 HIS C CA    1 
ATOM   639 C C     . HIS C 3 9  ? -2.113  -3.447  9.203   1.00 61.22 ? 147 HIS C C     1 
ATOM   640 O O     . HIS C 3 9  ? -1.018  -2.894  9.351   1.00 60.35 ? 147 HIS C O     1 
ATOM   641 C CB    . HIS C 3 9  ? -3.278  -4.914  10.908  1.00 76.25 ? 147 HIS C CB    1 
ATOM   642 N N     . GLU C 3 10 ? -2.500  -4.012  8.056   1.00 58.12 ? 148 GLU C N     1 
ATOM   643 C CA    . GLU C 3 10 ? -1.656  -4.044  6.853   1.00 51.83 ? 148 GLU C CA    1 
ATOM   644 C C     . GLU C 3 10 ? -1.418  -2.646  6.342   1.00 49.29 ? 148 GLU C C     1 
ATOM   645 O O     . GLU C 3 10 ? -0.378  -2.357  5.755   1.00 49.67 ? 148 GLU C O     1 
ATOM   646 C CB    . GLU C 3 10 ? -2.339  -4.804  5.751   1.00 49.15 ? 148 GLU C CB    1 
ATOM   647 C CG    . GLU C 3 10 ? -2.789  -6.154  6.140   1.00 55.01 ? 148 GLU C CG    1 
ATOM   648 C CD    . GLU C 3 10 ? -3.562  -6.779  5.028   1.00 65.42 ? 148 GLU C CD    1 
ATOM   649 O OE1   . GLU C 3 10 ? -4.631  -6.233  4.682   1.00 71.65 ? 148 GLU C OE1   1 
ATOM   650 O OE2   . GLU C 3 10 ? -3.096  -7.802  4.490   1.00 71.52 ? 148 GLU C OE2   1 
ATOM   651 N N     . GLN C 3 11 ? -2.408  -1.790  6.542   1.00 46.41 ? 149 GLN C N     1 
ATOM   652 C CA    . GLN C 3 11 ? -2.284  -0.412  6.109   1.00 48.80 ? 149 GLN C CA    1 
ATOM   653 C C     . GLN C 3 11 ? -1.159  0.244   6.884   1.00 49.93 ? 149 GLN C C     1 
ATOM   654 O O     . GLN C 3 11 ? -0.189  0.750   6.320   1.00 47.40 ? 149 GLN C O     1 
ATOM   655 C CB    . GLN C 3 11 ? -3.594  0.330   6.366   1.00 47.35 ? 149 GLN C CB    1 
ATOM   656 C CG    . GLN C 3 11 ? -4.694  -0.028  5.392   1.00 49.22 ? 149 GLN C CG    1 
ATOM   657 C CD    . GLN C 3 11 ? -5.982  0.742   5.661   1.00 57.44 ? 149 GLN C CD    1 
ATOM   658 O OE1   . GLN C 3 11 ? -5.956  1.961   5.870   1.00 60.49 ? 149 GLN C OE1   1 
ATOM   659 N NE2   . GLN C 3 11 ? -7.117  0.036   5.643   1.00 50.88 ? 149 GLN C NE2   1 
ATOM   660 N N     . GLU C 3 12 ? -1.312  0.219   8.202   1.00 55.64 ? 150 GLU C N     1 
ATOM   661 C CA    . GLU C 3 12 ? -0.337  0.799   9.119   1.00 57.83 ? 150 GLU C CA    1 
ATOM   662 C C     . GLU C 3 12 ? 1.055   0.247   8.815   1.00 53.51 ? 150 GLU C C     1 
ATOM   663 O O     . GLU C 3 12 ? 2.037   0.980   8.835   1.00 55.87 ? 150 GLU C O     1 
ATOM   664 C CB    . GLU C 3 12 ? -0.767  0.515   10.573  1.00 65.48 ? 150 GLU C CB    1 
ATOM   665 C CG    . GLU C 3 12 ? 0.228   -0.263  11.438  1.00 84.04 ? 150 GLU C CG    1 
ATOM   666 C CD    . GLU C 3 12 ? 1.380   0.594   11.937  1.00 94.46 ? 150 GLU C CD    1 
ATOM   667 O OE1   . GLU C 3 12 ? 2.224   0.075   12.703  1.00 95.00 ? 150 GLU C OE1   1 
ATOM   668 O OE2   . GLU C 3 12 ? 1.441   1.787   11.566  1.00 95.00 ? 150 GLU C OE2   1 
ATOM   669 N N     . GLN C 3 13 ? 1.148   -1.041  8.520   1.00 48.73 ? 151 GLN C N     1 
ATOM   670 C CA    . GLN C 3 13 ? 2.452   -1.617  8.201   1.00 46.17 ? 151 GLN C CA    1 
ATOM   671 C C     . GLN C 3 13 ? 2.958   -1.015  6.889   1.00 46.34 ? 151 GLN C C     1 
ATOM   672 O O     . GLN C 3 13 ? 3.966   -0.294  6.853   1.00 44.84 ? 151 GLN C O     1 
ATOM   673 C CB    . GLN C 3 13 ? 2.339   -3.133  8.082   1.00 45.67 ? 151 GLN C CB    1 
ATOM   674 C CG    . GLN C 3 13 ? 3.469   -3.766  7.284   1.00 49.80 ? 151 GLN C CG    1 
ATOM   675 C CD    . GLN C 3 13 ? 3.379   -5.275  7.248   1.00 57.49 ? 151 GLN C CD    1 
ATOM   676 O OE1   . GLN C 3 13 ? 2.285   -5.847  7.261   1.00 63.71 ? 151 GLN C OE1   1 
ATOM   677 N NE2   . GLN C 3 13 ? 4.529   -5.932  7.185   1.00 63.08 ? 151 GLN C NE2   1 
ATOM   678 N N     . ILE C 3 14 ? 2.228   -1.283  5.813   1.00 48.12 ? 152 ILE C N     1 
ATOM   679 C CA    . ILE C 3 14 ? 2.600   -0.771  4.501   1.00 45.77 ? 152 ILE C CA    1 
ATOM   680 C C     . ILE C 3 14 ? 2.975   0.704   4.542   1.00 44.62 ? 152 ILE C C     1 
ATOM   681 O O     . ILE C 3 14 ? 3.856   1.146   3.814   1.00 45.57 ? 152 ILE C O     1 
ATOM   682 C CB    . ILE C 3 14 ? 1.469   -1.028  3.465   1.00 40.02 ? 152 ILE C CB    1 
ATOM   683 C CG1   . ILE C 3 14 ? 1.336   -2.546  3.238   1.00 43.76 ? 152 ILE C CG1   1 
ATOM   684 C CG2   . ILE C 3 14 ? 1.805   -0.376  2.148   1.00 36.30 ? 152 ILE C CG2   1 
ATOM   685 C CD1   . ILE C 3 14 ? 0.184   -2.999  2.334   1.00 42.94 ? 152 ILE C CD1   1 
ATOM   686 N N     . SER C 3 15 ? 2.331   1.474   5.401   1.00 44.69 ? 153 SER C N     1 
ATOM   687 C CA    . SER C 3 15 ? 2.676   2.882   5.485   1.00 46.20 ? 153 SER C CA    1 
ATOM   688 C C     . SER C 3 15 ? 4.161   3.024   5.814   1.00 49.81 ? 153 SER C C     1 
ATOM   689 O O     . SER C 3 15 ? 4.927   3.654   5.077   1.00 50.16 ? 153 SER C O     1 
ATOM   690 C CB    . SER C 3 15 ? 1.863   3.554   6.571   1.00 48.67 ? 153 SER C CB    1 
ATOM   691 O OG    . SER C 3 15 ? 2.216   4.923   6.640   1.00 57.27 ? 153 SER C OG    1 
ATOM   692 N N     . ARG C 3 16 ? 4.564   2.428   6.930   1.00 51.65 ? 154 ARG C N     1 
ATOM   693 C CA    . ARG C 3 16 ? 5.952   2.487   7.372   1.00 53.84 ? 154 ARG C CA    1 
ATOM   694 C C     . ARG C 3 16 ? 6.898   1.968   6.297   1.00 53.38 ? 154 ARG C C     1 
ATOM   695 O O     . ARG C 3 16 ? 7.914   2.590   5.994   1.00 55.67 ? 154 ARG C O     1 
ATOM   696 C CB    . ARG C 3 16 ? 6.123   1.688   8.671   1.00 56.68 ? 154 ARG C CB    1 
ATOM   697 C CG    . ARG C 3 16 ? 5.733   2.467   9.925   1.00 60.45 ? 154 ARG C CG    1 
ATOM   698 C CD    . ARG C 3 16 ? 5.926   1.644   11.204  1.00 58.18 ? 154 ARG C CD    1 
ATOM   699 N NE    . ARG C 3 16 ? 4.822   0.711   11.414  1.00 54.66 ? 154 ARG C NE    1 
ATOM   700 C CZ    . ARG C 3 16 ? 4.948   -0.607  11.490  1.00 55.94 ? 154 ARG C CZ    1 
ATOM   701 N NH1   . ARG C 3 16 ? 6.146   -1.173  11.370  1.00 55.19 ? 154 ARG C NH1   1 
ATOM   702 N NH2   . ARG C 3 16 ? 3.868   -1.361  11.693  1.00 47.59 ? 154 ARG C NH2   1 
ATOM   703 N N     . LEU C 3 17 ? 6.559   0.819   5.721   1.00 51.10 ? 155 LEU C N     1 
ATOM   704 C CA    . LEU C 3 17 ? 7.374   0.249   4.673   1.00 46.90 ? 155 LEU C CA    1 
ATOM   705 C C     . LEU C 3 17 ? 7.685   1.265   3.588   1.00 47.67 ? 155 LEU C C     1 
ATOM   706 O O     . LEU C 3 17 ? 8.828   1.365   3.157   1.00 51.50 ? 155 LEU C O     1 
ATOM   707 C CB    . LEU C 3 17 ? 6.666   -0.942  4.057   1.00 47.79 ? 155 LEU C CB    1 
ATOM   708 C CG    . LEU C 3 17 ? 6.520   -2.186  4.920   1.00 39.06 ? 155 LEU C CG    1 
ATOM   709 C CD1   . LEU C 3 17 ? 5.972   -3.309  4.061   1.00 44.83 ? 155 LEU C CD1   1 
ATOM   710 C CD2   . LEU C 3 17 ? 7.873   -2.572  5.454   1.00 36.86 ? 155 LEU C CD2   1 
ATOM   711 N N     . LEU C 3 18 ? 6.681   2.019   3.142   1.00 48.22 ? 156 LEU C N     1 
ATOM   712 C CA    . LEU C 3 18 ? 6.895   3.029   2.104   1.00 49.49 ? 156 LEU C CA    1 
ATOM   713 C C     . LEU C 3 18 ? 7.697   4.223   2.598   1.00 50.92 ? 156 LEU C C     1 
ATOM   714 O O     . LEU C 3 18 ? 8.419   4.862   1.835   1.00 50.08 ? 156 LEU C O     1 
ATOM   715 C CB    . LEU C 3 18 ? 5.558   3.518   1.558   1.00 46.22 ? 156 LEU C CB    1 
ATOM   716 C CG    . LEU C 3 18 ? 4.896   2.450   0.696   1.00 44.45 ? 156 LEU C CG    1 
ATOM   717 C CD1   . LEU C 3 18 ? 3.390   2.627   0.690   1.00 41.52 ? 156 LEU C CD1   1 
ATOM   718 C CD2   . LEU C 3 18 ? 5.502   2.502   -0.702  1.00 40.53 ? 156 LEU C CD2   1 
ATOM   719 N N     . GLU C 3 19 ? 7.559   4.543   3.873   1.00 53.58 ? 157 GLU C N     1 
ATOM   720 C CA    . GLU C 3 19 ? 8.292   5.661   4.426   1.00 55.76 ? 157 GLU C CA    1 
ATOM   721 C C     . GLU C 3 19 ? 9.754   5.245   4.556   1.00 55.17 ? 157 GLU C C     1 
ATOM   722 O O     . GLU C 3 19 ? 10.634  6.088   4.669   1.00 55.96 ? 157 GLU C O     1 
ATOM   723 C CB    . GLU C 3 19 ? 7.686   6.066   5.766   1.00 60.50 ? 157 GLU C CB    1 
ATOM   724 N N     . LYS C 3 20 ? 10.001  3.935   4.508   1.00 53.70 ? 158 LYS C N     1 
ATOM   725 C CA    . LYS C 3 20 ? 11.360  3.409   4.575   1.00 52.97 ? 158 LYS C CA    1 
ATOM   726 C C     . LYS C 3 20 ? 11.893  3.218   3.162   1.00 51.80 ? 158 LYS C C     1 
ATOM   727 O O     . LYS C 3 20 ? 12.964  2.647   2.953   1.00 52.09 ? 158 LYS C O     1 
ATOM   728 C CB    . LYS C 3 20 ? 11.388  2.080   5.310   1.00 58.85 ? 158 LYS C CB    1 
ATOM   729 N N     . GLY C 3 21 ? 11.111  3.676   2.191   1.00 53.18 ? 159 GLY C N     1 
ATOM   730 C CA    . GLY C 3 21 ? 11.515  3.593   0.803   1.00 54.75 ? 159 GLY C CA    1 
ATOM   731 C C     . GLY C 3 21 ? 11.267  2.322   0.015   1.00 56.84 ? 159 GLY C C     1 
ATOM   732 O O     . GLY C 3 21 ? 11.994  2.049   -0.930  1.00 58.40 ? 159 GLY C O     1 
ATOM   733 N N     . HIS C 3 22 ? 10.268  1.534   0.381   1.00 57.56 ? 160 HIS C N     1 
ATOM   734 C CA    . HIS C 3 22 ? 9.979   0.324   -0.391  1.00 57.72 ? 160 HIS C CA    1 
ATOM   735 C C     . HIS C 3 22 ? 9.127   0.690   -1.611  1.00 56.79 ? 160 HIS C C     1 
ATOM   736 O O     . HIS C 3 22 ? 8.083   1.323   -1.483  1.00 55.73 ? 160 HIS C O     1 
ATOM   737 C CB    . HIS C 3 22 ? 9.232   -0.699  0.462   1.00 59.34 ? 160 HIS C CB    1 
ATOM   738 C CG    . HIS C 3 22 ? 10.093  -1.376  1.477   1.00 63.18 ? 160 HIS C CG    1 
ATOM   739 N ND1   . HIS C 3 22 ? 10.519  -0.750  2.628   1.00 66.60 ? 160 HIS C ND1   1 
ATOM   740 C CD2   . HIS C 3 22 ? 10.623  -2.622  1.503   1.00 62.76 ? 160 HIS C CD2   1 
ATOM   741 C CE1   . HIS C 3 22 ? 11.274  -1.584  3.322   1.00 68.96 ? 160 HIS C CE1   1 
ATOM   742 N NE2   . HIS C 3 22 ? 11.353  -2.726  2.661   1.00 63.73 ? 160 HIS C NE2   1 
ATOM   743 N N     . PRO C 3 23 ? 9.560   0.279   -2.814  1.00 55.84 ? 161 PRO C N     1 
ATOM   744 C CA    . PRO C 3 23 ? 8.817   0.586   -4.043  1.00 54.02 ? 161 PRO C CA    1 
ATOM   745 C C     . PRO C 3 23 ? 7.417   -0.026  -4.072  1.00 52.30 ? 161 PRO C C     1 
ATOM   746 O O     . PRO C 3 23 ? 7.240   -1.229  -3.827  1.00 51.77 ? 161 PRO C O     1 
ATOM   747 C CB    . PRO C 3 23 ? 9.722   0.016   -5.135  1.00 51.59 ? 161 PRO C CB    1 
ATOM   748 C CG    . PRO C 3 23 ? 10.281  -1.203  -4.468  1.00 54.13 ? 161 PRO C CG    1 
ATOM   749 C CD    . PRO C 3 23 ? 10.621  -0.712  -3.071  1.00 54.30 ? 161 PRO C CD    1 
ATOM   750 N N     . ARG C 3 24 ? 6.428   0.798   -4.390  1.00 48.79 ? 162 ARG C N     1 
ATOM   751 C CA    . ARG C 3 24 ? 5.062   0.314   -4.434  1.00 47.94 ? 162 ARG C CA    1 
ATOM   752 C C     . ARG C 3 24 ? 4.950   -0.886  -5.356  1.00 48.19 ? 162 ARG C C     1 
ATOM   753 O O     . ARG C 3 24 ? 4.153   -1.798  -5.131  1.00 48.68 ? 162 ARG C O     1 
ATOM   754 C CB    . ARG C 3 24 ? 4.129   1.417   -4.891  1.00 46.63 ? 162 ARG C CB    1 
ATOM   755 C CG    . ARG C 3 24 ? 4.093   2.612   -3.966  1.00 42.27 ? 162 ARG C CG    1 
ATOM   756 C CD    . ARG C 3 24 ? 2.712   3.265   -4.094  1.00 50.35 ? 162 ARG C CD    1 
ATOM   757 N NE    . ARG C 3 24 ? 2.550   4.513   -3.351  1.00 43.56 ? 162 ARG C NE    1 
ATOM   758 C CZ    . ARG C 3 24 ? 3.355   5.556   -3.481  1.00 43.18 ? 162 ARG C CZ    1 
ATOM   759 N NH1   . ARG C 3 24 ? 3.133   6.661   -2.778  1.00 51.28 ? 162 ARG C NH1   1 
ATOM   760 N NH2   . ARG C 3 24 ? 4.394   5.480   -4.297  1.00 46.12 ? 162 ARG C NH2   1 
ATOM   761 N N     . GLN C 3 25 ? 5.764   -0.888  -6.395  1.00 50.72 ? 163 GLN C N     1 
ATOM   762 C CA    . GLN C 3 25 ? 5.787   -1.993  -7.335  1.00 53.33 ? 163 GLN C CA    1 
ATOM   763 C C     . GLN C 3 25 ? 5.973   -3.317  -6.585  1.00 53.93 ? 163 GLN C C     1 
ATOM   764 O O     . GLN C 3 25 ? 5.185   -4.245  -6.735  1.00 54.65 ? 163 GLN C O     1 
ATOM   765 C CB    . GLN C 3 25 ? 6.934   -1.779  -8.312  1.00 64.87 ? 163 GLN C CB    1 
ATOM   766 C CG    . GLN C 3 25 ? 7.141   -2.938  -9.239  1.00 80.06 ? 163 GLN C CG    1 
ATOM   767 C CD    . GLN C 3 25 ? 5.897   -3.228  -10.036 1.00 90.86 ? 163 GLN C CD    1 
ATOM   768 O OE1   . GLN C 3 25 ? 5.630   -2.580  -11.052 1.00 95.00 ? 163 GLN C OE1   1 
ATOM   769 N NE2   . GLN C 3 25 ? 5.106   -4.190  -9.567  1.00 94.54 ? 163 GLN C NE2   1 
ATOM   770 N N     . GLN C 3 26 ? 7.015   -3.399  -5.764  1.00 54.50 ? 164 GLN C N     1 
ATOM   771 C CA    . GLN C 3 26 ? 7.283   -4.612  -4.992  1.00 54.91 ? 164 GLN C CA    1 
ATOM   772 C C     . GLN C 3 26 ? 6.209   -4.903  -3.961  1.00 50.80 ? 164 GLN C C     1 
ATOM   773 O O     . GLN C 3 26 ? 5.743   -6.040  -3.817  1.00 50.98 ? 164 GLN C O     1 
ATOM   774 C CB    . GLN C 3 26 ? 8.618   -4.499  -4.258  1.00 66.42 ? 164 GLN C CB    1 
ATOM   775 N N     . LEU C 3 27 ? 5.837   -3.878  -3.209  1.00 49.75 ? 165 LEU C N     1 
ATOM   776 C CA    . LEU C 3 27 ? 4.814   -4.051  -2.193  1.00 47.39 ? 165 LEU C CA    1 
ATOM   777 C C     . LEU C 3 27 ? 3.544   -4.632  -2.791  1.00 48.92 ? 165 LEU C C     1 
ATOM   778 O O     . LEU C 3 27 ? 2.926   -5.506  -2.189  1.00 49.11 ? 165 LEU C O     1 
ATOM   779 C CB    . LEU C 3 27 ? 4.495   -2.725  -1.536  1.00 43.24 ? 165 LEU C CB    1 
ATOM   780 C CG    . LEU C 3 27 ? 5.582   -2.169  -0.634  1.00 37.95 ? 165 LEU C CG    1 
ATOM   781 C CD1   . LEU C 3 27 ? 5.034   -0.902  0.085   1.00 28.26 ? 165 LEU C CD1   1 
ATOM   782 C CD2   . LEU C 3 27 ? 5.988   -3.240  0.389   1.00 33.02 ? 165 LEU C CD2   1 
ATOM   783 N N     . ALA C 3 28 ? 3.164   -4.140  -3.973  1.00 50.73 ? 166 ALA C N     1 
ATOM   784 C CA    . ALA C 3 28 ? 1.965   -4.606  -4.660  1.00 49.64 ? 166 ALA C CA    1 
ATOM   785 C C     . ALA C 3 28 ? 2.094   -6.079  -4.995  1.00 51.14 ? 166 ALA C C     1 
ATOM   786 O O     . ALA C 3 28 ? 1.194   -6.872  -4.723  1.00 52.73 ? 166 ALA C O     1 
ATOM   787 C CB    . ALA C 3 28 ? 1.744   -3.802  -5.935  1.00 46.33 ? 166 ALA C CB    1 
ATOM   788 N N     . ILE C 3 29 ? 3.224   -6.450  -5.581  1.00 52.38 ? 167 ILE C N     1 
ATOM   789 C CA    . ILE C 3 29 ? 3.455   -7.843  -5.943  1.00 52.62 ? 167 ILE C CA    1 
ATOM   790 C C     . ILE C 3 29 ? 3.351   -8.755  -4.726  1.00 50.10 ? 167 ILE C C     1 
ATOM   791 O O     . ILE C 3 29 ? 2.763   -9.822  -4.790  1.00 48.99 ? 167 ILE C O     1 
ATOM   792 C CB    . ILE C 3 29 ? 4.855   -8.027  -6.566  1.00 57.50 ? 167 ILE C CB    1 
ATOM   793 C CG1   . ILE C 3 29 ? 5.003   -7.114  -7.780  1.00 62.21 ? 167 ILE C CG1   1 
ATOM   794 C CG2   . ILE C 3 29 ? 5.063   -9.480  -6.967  1.00 53.52 ? 167 ILE C CG2   1 
ATOM   795 C CD1   . ILE C 3 29 ? 6.391   -7.178  -8.434  1.00 70.10 ? 167 ILE C CD1   1 
ATOM   796 N N     . ILE C 3 30 ? 3.928   -8.325  -3.613  1.00 48.66 ? 168 ILE C N     1 
ATOM   797 C CA    . ILE C 3 30 ? 3.918   -9.124  -2.398  1.00 48.66 ? 168 ILE C CA    1 
ATOM   798 C C     . ILE C 3 30 ? 2.569   -9.232  -1.712  1.00 50.54 ? 168 ILE C C     1 
ATOM   799 O O     . ILE C 3 30 ? 2.175   -10.326 -1.295  1.00 54.34 ? 168 ILE C O     1 
ATOM   800 C CB    . ILE C 3 30 ? 4.948   -8.581  -1.408  1.00 51.70 ? 168 ILE C CB    1 
ATOM   801 C CG1   . ILE C 3 30 ? 6.336   -8.673  -2.033  1.00 58.74 ? 168 ILE C CG1   1 
ATOM   802 C CG2   . ILE C 3 30 ? 4.914   -9.365  -0.117  1.00 54.11 ? 168 ILE C CG2   1 
ATOM   803 C CD1   . ILE C 3 30 ? 7.437   -8.125  -1.167  1.00 63.34 ? 168 ILE C CD1   1 
ATOM   804 N N     . PHE C 3 31 ? 1.852   -8.116  -1.589  1.00 51.46 ? 169 PHE C N     1 
ATOM   805 C CA    . PHE C 3 31 ? 0.547   -8.124  -0.937  1.00 53.36 ? 169 PHE C CA    1 
ATOM   806 C C     . PHE C 3 31 ? -0.578  -8.577  -1.856  1.00 57.35 ? 169 PHE C C     1 
ATOM   807 O O     . PHE C 3 31 ? -1.748  -8.647  -1.444  1.00 57.87 ? 169 PHE C O     1 
ATOM   808 C CB    . PHE C 3 31 ? 0.216   -6.739  -0.380  1.00 51.63 ? 169 PHE C CB    1 
ATOM   809 C CG    . PHE C 3 31 ? 0.961   -6.406  0.877   1.00 52.33 ? 169 PHE C CG    1 
ATOM   810 C CD1   . PHE C 3 31 ? 2.302   -6.046  0.829   1.00 51.29 ? 169 PHE C CD1   1 
ATOM   811 C CD2   . PHE C 3 31 ? 0.336   -6.511  2.116   1.00 52.23 ? 169 PHE C CD2   1 
ATOM   812 C CE1   . PHE C 3 31 ? 3.019   -5.798  1.999   1.00 49.42 ? 169 PHE C CE1   1 
ATOM   813 C CE2   . PHE C 3 31 ? 1.037   -6.266  3.300   1.00 50.65 ? 169 PHE C CE2   1 
ATOM   814 C CZ    . PHE C 3 31 ? 2.382   -5.909  3.241   1.00 48.38 ? 169 PHE C CZ    1 
ATOM   815 N N     . GLY C 3 32 ? -0.222  -8.882  -3.102  1.00 59.46 ? 170 GLY C N     1 
ATOM   816 C CA    . GLY C 3 32 ? -1.213  -9.325  -4.064  1.00 57.40 ? 170 GLY C CA    1 
ATOM   817 C C     . GLY C 3 32 ? -2.250  -8.259  -4.383  1.00 54.48 ? 170 GLY C C     1 
ATOM   818 O O     . GLY C 3 32 ? -3.433  -8.551  -4.412  1.00 58.61 ? 170 GLY C O     1 
ATOM   819 N N     . ILE C 3 33 ? -1.819  -7.024  -4.610  1.00 50.57 ? 171 ILE C N     1 
ATOM   820 C CA    . ILE C 3 33 ? -2.761  -5.963  -4.942  1.00 46.06 ? 171 ILE C CA    1 
ATOM   821 C C     . ILE C 3 33 ? -2.268  -5.057  -6.058  1.00 45.88 ? 171 ILE C C     1 
ATOM   822 O O     . ILE C 3 33 ? -1.084  -5.030  -6.406  1.00 43.77 ? 171 ILE C O     1 
ATOM   823 C CB    . ILE C 3 33 ? -3.109  -5.095  -3.722  1.00 39.58 ? 171 ILE C CB    1 
ATOM   824 C CG1   . ILE C 3 33 ? -1.864  -4.350  -3.227  1.00 33.85 ? 171 ILE C CG1   1 
ATOM   825 C CG2   . ILE C 3 33 ? -3.684  -5.983  -2.635  1.00 37.37 ? 171 ILE C CG2   1 
ATOM   826 C CD1   . ILE C 3 33 ? -2.180  -3.193  -2.227  1.00 30.10 ? 171 ILE C CD1   1 
ATOM   827 N N     . GLY C 3 34 ? -3.204  -4.304  -6.617  1.00 44.71 ? 172 GLY C N     1 
ATOM   828 C CA    . GLY C 3 34 ? -2.848  -3.430  -7.711  1.00 42.12 ? 172 GLY C CA    1 
ATOM   829 C C     . GLY C 3 34 ? -1.941  -2.336  -7.224  1.00 39.71 ? 172 GLY C C     1 
ATOM   830 O O     . GLY C 3 34 ? -2.014  -1.956  -6.054  1.00 39.09 ? 172 GLY C O     1 
ATOM   831 N N     . VAL C 3 35 ? -1.079  -1.857  -8.121  1.00 37.31 ? 173 VAL C N     1 
ATOM   832 C CA    . VAL C 3 35 ? -0.180  -0.763  -7.836  1.00 35.84 ? 173 VAL C CA    1 
ATOM   833 C C     . VAL C 3 35 ? -1.004  0.516   -7.659  1.00 35.78 ? 173 VAL C C     1 
ATOM   834 O O     . VAL C 3 35 ? -0.713  1.308   -6.770  1.00 38.80 ? 173 VAL C O     1 
ATOM   835 C CB    . VAL C 3 35 ? 0.810   -0.525  -8.983  1.00 32.48 ? 173 VAL C CB    1 
ATOM   836 C CG1   . VAL C 3 35 ? 1.734   0.592   -8.626  1.00 34.44 ? 173 VAL C CG1   1 
ATOM   837 C CG2   . VAL C 3 35 ? 1.621   -1.775  -9.256  1.00 37.34 ? 173 VAL C CG2   1 
ATOM   838 N N     . SER C 3 36 ? -2.037  0.714   -8.480  1.00 35.05 ? 174 SER C N     1 
ATOM   839 C CA    . SER C 3 36 ? -2.838  1.939   -8.374  1.00 34.38 ? 174 SER C CA    1 
ATOM   840 C C     . SER C 3 36 ? -3.633  1.996   -7.075  1.00 35.67 ? 174 SER C C     1 
ATOM   841 O O     . SER C 3 36 ? -3.977  3.071   -6.588  1.00 37.22 ? 174 SER C O     1 
ATOM   842 C CB    . SER C 3 36 ? -3.753  2.116   -9.597  1.00 35.52 ? 174 SER C CB    1 
ATOM   843 O OG    . SER C 3 36 ? -4.871  1.260   -9.610  1.00 41.94 ? 174 SER C OG    1 
ATOM   844 N N     . THR C 3 37 ? -3.909  0.826   -6.509  1.00 37.40 ? 175 THR C N     1 
ATOM   845 C CA    . THR C 3 37 ? -4.613  0.747   -5.244  1.00 37.25 ? 175 THR C CA    1 
ATOM   846 C C     . THR C 3 37 ? -3.685  1.407   -4.208  1.00 39.31 ? 175 THR C C     1 
ATOM   847 O O     . THR C 3 37 ? -4.122  2.262   -3.402  1.00 37.61 ? 175 THR C O     1 
ATOM   848 C CB    . THR C 3 37 ? -4.870  -0.727  -4.862  1.00 34.49 ? 175 THR C CB    1 
ATOM   849 O OG1   . THR C 3 37 ? -5.674  -1.341  -5.872  1.00 34.81 ? 175 THR C OG1   1 
ATOM   850 C CG2   . THR C 3 37 ? -5.607  -0.828  -3.550  1.00 32.18 ? 175 THR C CG2   1 
ATOM   851 N N     . LEU C 3 38 ? -2.399  1.037   -4.255  1.00 39.42 ? 176 LEU C N     1 
ATOM   852 C CA    . LEU C 3 38 ? -1.424  1.599   -3.318  1.00 37.62 ? 176 LEU C CA    1 
ATOM   853 C C     . LEU C 3 38 ? -1.331  3.124   -3.424  1.00 37.26 ? 176 LEU C C     1 
ATOM   854 O O     . LEU C 3 38 ? -1.286  3.817   -2.404  1.00 40.04 ? 176 LEU C O     1 
ATOM   855 C CB    . LEU C 3 38 ? -0.036  0.962   -3.503  1.00 35.59 ? 176 LEU C CB    1 
ATOM   856 C CG    . LEU C 3 38 ? 0.010   -0.520  -3.092  1.00 36.61 ? 176 LEU C CG    1 
ATOM   857 C CD1   . LEU C 3 38 ? 1.382   -1.142  -3.359  1.00 31.66 ? 176 LEU C CD1   1 
ATOM   858 C CD2   . LEU C 3 38 ? -0.334  -0.635  -1.634  1.00 27.17 ? 176 LEU C CD2   1 
ATOM   859 N N     . TYR C 3 39 ? -1.301  3.656   -4.636  1.00 34.79 ? 177 TYR C N     1 
ATOM   860 C CA    . TYR C 3 39 ? -1.259  5.117   -4.782  1.00 35.03 ? 177 TYR C CA    1 
ATOM   861 C C     . TYR C 3 39 ? -2.481  5.798   -4.155  1.00 36.60 ? 177 TYR C C     1 
ATOM   862 O O     . TYR C 3 39 ? -2.371  6.906   -3.634  1.00 41.58 ? 177 TYR C O     1 
ATOM   863 C CB    . TYR C 3 39 ? -1.173  5.508   -6.255  1.00 35.14 ? 177 TYR C CB    1 
ATOM   864 C CG    . TYR C 3 39 ? 0.222   5.457   -6.804  1.00 35.23 ? 177 TYR C CG    1 
ATOM   865 C CD1   . TYR C 3 39 ? 1.182   6.371   -6.395  1.00 32.20 ? 177 TYR C CD1   1 
ATOM   866 C CD2   . TYR C 3 39 ? 0.600   4.474   -7.719  1.00 38.47 ? 177 TYR C CD2   1 
ATOM   867 C CE1   . TYR C 3 39 ? 2.492   6.304   -6.884  1.00 35.80 ? 177 TYR C CE1   1 
ATOM   868 C CE2   . TYR C 3 39 ? 1.897   4.403   -8.211  1.00 34.04 ? 177 TYR C CE2   1 
ATOM   869 C CZ    . TYR C 3 39 ? 2.841   5.314   -7.791  1.00 34.47 ? 177 TYR C CZ    1 
ATOM   870 O OH    . TYR C 3 39 ? 4.141   5.231   -8.250  1.00 35.63 ? 177 TYR C OH    1 
ATOM   871 N N     . ARG C 3 40 ? -3.633  5.137   -4.209  1.00 38.94 ? 178 ARG C N     1 
ATOM   872 C CA    . ARG C 3 40 ? -4.888  5.660   -3.634  1.00 40.78 ? 178 ARG C CA    1 
ATOM   873 C C     . ARG C 3 40 ? -4.817  5.656   -2.109  1.00 40.23 ? 178 ARG C C     1 
ATOM   874 O O     . ARG C 3 40 ? -5.164  6.640   -1.470  1.00 41.69 ? 178 ARG C O     1 
ATOM   875 C CB    . ARG C 3 40 ? -6.102  4.805   -4.070  1.00 43.99 ? 178 ARG C CB    1 
ATOM   876 C CG    . ARG C 3 40 ? -7.466  5.312   -3.561  1.00 44.29 ? 178 ARG C CG    1 
ATOM   877 C CD    . ARG C 3 40 ? -8.575  4.253   -3.670  1.00 43.85 ? 178 ARG C CD    1 
ATOM   878 N NE    . ARG C 3 40 ? -8.379  3.437   -4.860  1.00 45.67 ? 178 ARG C NE    1 
ATOM   879 C CZ    . ARG C 3 40 ? -8.558  2.126   -4.890  1.00 46.82 ? 178 ARG C CZ    1 
ATOM   880 N NH1   . ARG C 3 40 ? -8.342  1.452   -6.000  1.00 48.49 ? 178 ARG C NH1   1 
ATOM   881 N NH2   . ARG C 3 40 ? -8.950  1.491   -3.805  1.00 52.90 ? 178 ARG C NH2   1 
ATOM   882 N N     . TYR C 3 41 ? -4.416  4.538   -1.517  1.00 40.24 ? 179 TYR C N     1 
ATOM   883 C CA    . TYR C 3 41 ? -4.298  4.504   -0.069  1.00 40.11 ? 179 TYR C CA    1 
ATOM   884 C C     . TYR C 3 41 ? -3.210  5.483   0.396   1.00 41.49 ? 179 TYR C C     1 
ATOM   885 O O     . TYR C 3 41 ? -3.398  6.253   1.345   1.00 42.61 ? 179 TYR C O     1 
ATOM   886 C CB    . TYR C 3 41 ? -3.974  3.083   0.422   1.00 42.55 ? 179 TYR C CB    1 
ATOM   887 C CG    . TYR C 3 41 ? -5.189  2.191   0.624   1.00 40.51 ? 179 TYR C CG    1 
ATOM   888 C CD1   . TYR C 3 41 ? -5.832  1.591   -0.454  1.00 43.24 ? 179 TYR C CD1   1 
ATOM   889 C CD2   . TYR C 3 41 ? -5.700  1.964   1.892   1.00 44.07 ? 179 TYR C CD2   1 
ATOM   890 C CE1   . TYR C 3 41 ? -6.949  0.786   -0.281  1.00 41.68 ? 179 TYR C CE1   1 
ATOM   891 C CE2   . TYR C 3 41 ? -6.818  1.162   2.082   1.00 46.72 ? 179 TYR C CE2   1 
ATOM   892 C CZ    . TYR C 3 41 ? -7.438  0.573   0.989   1.00 42.45 ? 179 TYR C CZ    1 
ATOM   893 O OH    . TYR C 3 41 ? -8.527  -0.246  1.187   1.00 44.25 ? 179 TYR C OH    1 
ATOM   894 N N     . PHE C 3 42 ? -2.078  5.487   -0.298  1.00 42.06 ? 180 PHE C N     1 
ATOM   895 C CA    . PHE C 3 42 ? -0.982  6.369   0.097   1.00 41.23 ? 180 PHE C CA    1 
ATOM   896 C C     . PHE C 3 42 ? -0.428  7.172   -1.063  1.00 41.25 ? 180 PHE C C     1 
ATOM   897 O O     . PHE C 3 42 ? 0.457   6.732   -1.773  1.00 42.85 ? 180 PHE C O     1 
ATOM   898 C CB    . PHE C 3 42 ? 0.139   5.541   0.715   1.00 43.89 ? 180 PHE C CB    1 
ATOM   899 C CG    . PHE C 3 42 ? -0.344  4.345   1.491   1.00 43.69 ? 180 PHE C CG    1 
ATOM   900 C CD1   . PHE C 3 42 ? -0.487  3.099   0.858   1.00 45.85 ? 180 PHE C CD1   1 
ATOM   901 C CD2   . PHE C 3 42 ? -0.603  4.441   2.854   1.00 40.24 ? 180 PHE C CD2   1 
ATOM   902 C CE1   . PHE C 3 42 ? -0.871  1.961   1.577   1.00 42.34 ? 180 PHE C CE1   1 
ATOM   903 C CE2   . PHE C 3 42 ? -0.998  3.308   3.595   1.00 38.38 ? 180 PHE C CE2   1 
ATOM   904 C CZ    . PHE C 3 42 ? -1.130  2.067   2.958   1.00 42.87 ? 180 PHE C CZ    1 
ATOM   905 N N     . PRO C 3 43 ? -0.942  8.375   -1.261  1.00 40.39 ? 181 PRO C N     1 
ATOM   906 C CA    . PRO C 3 43 ? -0.489  9.232   -2.345  1.00 40.54 ? 181 PRO C CA    1 
ATOM   907 C C     . PRO C 3 43 ? 0.983   9.606   -2.181  1.00 43.80 ? 181 PRO C C     1 
ATOM   908 O O     . PRO C 3 43 ? 1.466   9.713   -1.058  1.00 43.53 ? 181 PRO C O     1 
ATOM   909 C CB    . PRO C 3 43 ? -1.408  10.445  -2.213  1.00 41.68 ? 181 PRO C CB    1 
ATOM   910 C CG    . PRO C 3 43 ? -2.634  9.882   -1.640  1.00 35.73 ? 181 PRO C CG    1 
ATOM   911 C CD    . PRO C 3 43 ? -2.094  8.981   -0.568  1.00 39.21 ? 181 PRO C CD    1 
ATOM   912 N N     . ALA C 3 44 ? 1.684   9.805   -3.296  1.00 46.58 ? 182 ALA C N     1 
ATOM   913 C CA    . ALA C 3 44 ? 3.101   10.177  -3.275  1.00 49.33 ? 182 ALA C CA    1 
ATOM   914 C C     . ALA C 3 44 ? 3.238   11.458  -2.479  1.00 53.05 ? 182 ALA C C     1 
ATOM   915 O O     . ALA C 3 44 ? 4.222   11.668  -1.771  1.00 56.55 ? 182 ALA C O     1 
ATOM   916 C CB    . ALA C 3 44 ? 3.622   10.412  -4.689  1.00 41.31 ? 182 ALA C CB    1 
ATOM   917 N N     . SER C 3 45 ? 2.242   12.316  -2.616  1.00 57.65 ? 183 SER C N     1 
ATOM   918 C CA    . SER C 3 45 ? 2.231   13.585  -1.917  1.00 64.69 ? 183 SER C CA    1 
ATOM   919 C C     . SER C 3 45 ? 2.026   13.396  -0.417  1.00 68.82 ? 183 SER C C     1 
ATOM   920 O O     . SER C 3 45 ? 2.060   14.368  0.332   1.00 70.27 ? 183 SER C O     1 
ATOM   921 C CB    . SER C 3 45 ? 1.107   14.464  -2.460  1.00 69.23 ? 183 SER C CB    1 
ATOM   922 O OG    . SER C 3 45 ? -0.161  13.859  -2.225  1.00 77.59 ? 183 SER C OG    1 
ATOM   923 N N     . SER C 3 46 ? 1.821   12.156  0.028   1.00 71.45 ? 184 SER C N     1 
ATOM   924 C CA    . SER C 3 46 ? 1.583   11.904  1.452   1.00 74.52 ? 184 SER C CA    1 
ATOM   925 C C     . SER C 3 46 ? 2.667   11.121  2.196   1.00 77.55 ? 184 SER C C     1 
ATOM   926 O O     . SER C 3 46 ? 2.368   10.415  3.161   1.00 79.89 ? 184 SER C O     1 
ATOM   927 C CB    . SER C 3 46 ? 0.242   11.178  1.640   1.00 71.24 ? 184 SER C CB    1 
ATOM   928 O OG    . SER C 3 46 ? 0.335   9.793   1.337   1.00 63.48 ? 184 SER C OG    1 
ATOM   929 N N     . ILE C 3 47 ? 3.921   11.246  1.777   1.00 79.13 ? 185 ILE C N     1 
ATOM   930 C CA    . ILE C 3 47 ? 4.987   10.504  2.442   1.00 80.31 ? 185 ILE C CA    1 
ATOM   931 C C     . ILE C 3 47 ? 6.274   11.303  2.618   1.00 83.53 ? 185 ILE C C     1 
ATOM   932 O O     . ILE C 3 47 ? 6.909   11.115  3.683   1.00 84.55 ? 185 ILE C O     1 
ATOM   933 C CB    . ILE C 3 47 ? 5.296   9.214   1.667   1.00 79.71 ? 185 ILE C CB    1 
ATOM   934 C CG1   . ILE C 3 47 ? 4.034   8.354   1.598   1.00 78.13 ? 185 ILE C CG1   1 
ATOM   935 C CG2   . ILE C 3 47 ? 6.422   8.445   2.347   1.00 79.19 ? 185 ILE C CG2   1 
ATOM   936 C CD1   . ILE C 3 47 ? 4.110   7.228   0.603   1.00 80.36 ? 185 ILE C CD1   1 
HETATM 937 C C     . TRS D 4 .  ? -6.127  -10.567 -4.570  1.00 79.05 ? 203 TRS C C     1 
HETATM 938 C C1    . TRS D 4 .  ? -5.132  -10.607 -5.719  1.00 75.58 ? 203 TRS C C1    1 
HETATM 939 C C2    . TRS D 4 .  ? -6.122  -9.535  -3.642  1.00 76.60 ? 203 TRS C C2    1 
HETATM 940 C C3    . TRS D 4 .  ? -6.735  -11.958 -4.255  1.00 83.70 ? 203 TRS C C3    1 
HETATM 941 N N     . TRS D 4 .  ? -4.966  -11.019 -3.780  1.00 74.80 ? 203 TRS C N     1 
HETATM 942 O O1    . TRS D 4 .  ? -5.753  -10.468 -6.908  1.00 80.41 ? 203 TRS C O1    1 
HETATM 943 O O2    . TRS D 4 .  ? -6.597  -8.308  -4.070  1.00 71.88 ? 203 TRS C O2    1 
HETATM 944 O O3    . TRS D 4 .  ? -7.670  -12.009 -3.215  1.00 88.09 ? 203 TRS C O3    1 
HETATM 945 O O     . HOH E 5 .  ? -24.043 -11.028 -10.227 1.00 63.84 ? 206 HOH A O     1 
HETATM 946 O O     . HOH E 5 .  ? -22.212 -11.829 -11.876 1.00 58.98 ? 210 HOH A O     1 
HETATM 947 O O     . HOH E 5 .  ? -2.733  -0.686  -10.847 1.00 35.69 ? 212 HOH A O     1 
HETATM 948 O O     . HOH F 5 .  ? -7.917  5.158   -7.502  1.00 44.13 ? 201 HOH B O     1 
HETATM 949 O O     . HOH F 5 .  ? -8.533  11.396  -17.572 1.00 38.25 ? 202 HOH B O     1 
HETATM 950 O O     . HOH F 5 .  ? -11.418 3.096   -17.028 1.00 39.14 ? 204 HOH B O     1 
HETATM 951 O O     . HOH G 5 .  ? 14.846  -0.211  0.556   1.00 42.94 ? 205 HOH C O     1 
HETATM 952 O O     . HOH G 5 .  ? 0.083   -7.620  -7.951  1.00 44.57 ? 207 HOH C O     1 
HETATM 953 O O     . HOH G 5 .  ? -10.269 6.176   -0.397  1.00 51.29 ? 208 HOH C O     1 
HETATM 954 O O     . HOH G 5 .  ? -4.615  5.752   -7.685  1.00 29.29 ? 211 HOH C O     1 
# 
